data_2B8F
# 
_entry.id   2B8F 
# 
_audit_conform.dict_name       mmcif_pdbx.dic 
_audit_conform.dict_version    5.392 
_audit_conform.dict_location   http://mmcif.pdb.org/dictionaries/ascii/mmcif_pdbx.dic 
# 
loop_
_database_2.database_id 
_database_2.database_code 
_database_2.pdbx_database_accession 
_database_2.pdbx_DOI 
PDB   2B8F         pdb_00002b8f 10.2210/pdb2b8f/pdb 
RCSB  RCSB034804   ?            ?                   
WWPDB D_1000034804 ?            ?                   
# 
loop_
_pdbx_audit_revision_history.ordinal 
_pdbx_audit_revision_history.data_content_type 
_pdbx_audit_revision_history.major_revision 
_pdbx_audit_revision_history.minor_revision 
_pdbx_audit_revision_history.revision_date 
1 'Structure model' 1 0 2006-06-06 
2 'Structure model' 1 1 2008-05-01 
3 'Structure model' 1 2 2011-07-13 
4 'Structure model' 1 3 2022-03-09 
5 'Structure model' 1 4 2024-05-29 
# 
_pdbx_audit_revision_details.ordinal             1 
_pdbx_audit_revision_details.revision_ordinal    1 
_pdbx_audit_revision_details.data_content_type   'Structure model' 
_pdbx_audit_revision_details.provider            repository 
_pdbx_audit_revision_details.type                'Initial release' 
_pdbx_audit_revision_details.description         ? 
_pdbx_audit_revision_details.details             ? 
# 
loop_
_pdbx_audit_revision_group.ordinal 
_pdbx_audit_revision_group.revision_ordinal 
_pdbx_audit_revision_group.data_content_type 
_pdbx_audit_revision_group.group 
1 2 'Structure model' 'Version format compliance' 
2 3 'Structure model' 'Version format compliance' 
3 4 'Structure model' 'Data collection'           
4 4 'Structure model' 'Database references'       
5 4 'Structure model' 'Derived calculations'      
6 5 'Structure model' 'Data collection'           
# 
loop_
_pdbx_audit_revision_category.ordinal 
_pdbx_audit_revision_category.revision_ordinal 
_pdbx_audit_revision_category.data_content_type 
_pdbx_audit_revision_category.category 
1 4 'Structure model' database_2            
2 4 'Structure model' pdbx_nmr_software     
3 4 'Structure model' pdbx_nmr_spectrometer 
4 4 'Structure model' pdbx_struct_assembly  
5 4 'Structure model' pdbx_struct_oper_list 
6 5 'Structure model' chem_comp_atom        
7 5 'Structure model' chem_comp_bond        
# 
loop_
_pdbx_audit_revision_item.ordinal 
_pdbx_audit_revision_item.revision_ordinal 
_pdbx_audit_revision_item.data_content_type 
_pdbx_audit_revision_item.item 
1 4 'Structure model' '_database_2.pdbx_DOI'                
2 4 'Structure model' '_database_2.pdbx_database_accession' 
3 4 'Structure model' '_pdbx_nmr_software.name'             
4 4 'Structure model' '_pdbx_nmr_spectrometer.model'        
# 
_database_PDB_caveat.id     1 
_database_PDB_caveat.text   'CHIRALITY ERROR AT CA CENTER OF THR A 72' 
# 
_pdbx_database_status.status_code                     REL 
_pdbx_database_status.entry_id                        2B8F 
_pdbx_database_status.recvd_initial_deposition_date   2005-10-06 
_pdbx_database_status.deposit_site                    RCSB 
_pdbx_database_status.process_site                    PDBJ 
_pdbx_database_status.status_code_sf                  ? 
_pdbx_database_status.status_code_mr                  ? 
_pdbx_database_status.SG_entry                        ? 
_pdbx_database_status.pdb_format_compatible           Y 
_pdbx_database_status.status_code_cs                  ? 
_pdbx_database_status.status_code_nmr_data            ? 
_pdbx_database_status.methods_development_category    ? 
# 
_pdbx_database_related.db_name        PDB 
_pdbx_database_related.db_id          2B8G 
_pdbx_database_related.details        'Bacillus subtilis BLAP biotinylated-form' 
_pdbx_database_related.content_type   unspecified 
# 
loop_
_audit_author.name 
_audit_author.pdbx_ordinal 
'Cui, G.' 1 
'Xia, B.' 2 
'Jin, C.' 3 
# 
_citation.id                        primary 
_citation.title                     'solution structure of Bacillus subtilis BLAP Apo form (energy minimized mean structure)' 
_citation.journal_abbrev            'To be published' 
_citation.journal_volume            ? 
_citation.page_first                ? 
_citation.page_last                 ? 
_citation.year                      ? 
_citation.journal_id_ASTM           ? 
_citation.country                   ? 
_citation.journal_id_ISSN           ? 
_citation.journal_id_CSD            0353 
_citation.book_publisher            ? 
_citation.pdbx_database_id_PubMed   ? 
_citation.pdbx_database_id_DOI      ? 
# 
loop_
_citation_author.citation_id 
_citation_author.name 
_citation_author.ordinal 
_citation_author.identifier_ORCID 
primary 'Cui, G.' 1 ? 
primary 'Xia, B.' 2 ? 
primary 'Jin, C.' 3 ? 
# 
_entity.id                         1 
_entity.type                       polymer 
_entity.src_method                 man 
_entity.pdbx_description           'Biotin/Lipoyl Attachment Protein' 
_entity.formula_weight             7920.094 
_entity.pdbx_number_of_molecules   1 
_entity.pdbx_ec                    ? 
_entity.pdbx_mutation              ? 
_entity.pdbx_fragment              ? 
_entity.details                    ? 
# 
_entity_poly.entity_id                      1 
_entity_poly.type                           'polypeptide(L)' 
_entity_poly.nstd_linkage                   no 
_entity_poly.nstd_monomer                   no 
_entity_poly.pdbx_seq_one_letter_code       TVSIQMAGNLWKVHVKAGDQIEKGQEVAILESMKMEIPIVADRSGIVKEVKKKEGDFVNEGDVLLELSNSTQ 
_entity_poly.pdbx_seq_one_letter_code_can   TVSIQMAGNLWKVHVKAGDQIEKGQEVAILESMKMEIPIVADRSGIVKEVKKKEGDFVNEGDVLLELSNSTQ 
_entity_poly.pdbx_strand_id                 A 
_entity_poly.pdbx_target_identifier         ? 
# 
loop_
_entity_poly_seq.entity_id 
_entity_poly_seq.num 
_entity_poly_seq.mon_id 
_entity_poly_seq.hetero 
1 1  THR n 
1 2  VAL n 
1 3  SER n 
1 4  ILE n 
1 5  GLN n 
1 6  MET n 
1 7  ALA n 
1 8  GLY n 
1 9  ASN n 
1 10 LEU n 
1 11 TRP n 
1 12 LYS n 
1 13 VAL n 
1 14 HIS n 
1 15 VAL n 
1 16 LYS n 
1 17 ALA n 
1 18 GLY n 
1 19 ASP n 
1 20 GLN n 
1 21 ILE n 
1 22 GLU n 
1 23 LYS n 
1 24 GLY n 
1 25 GLN n 
1 26 GLU n 
1 27 VAL n 
1 28 ALA n 
1 29 ILE n 
1 30 LEU n 
1 31 GLU n 
1 32 SER n 
1 33 MET n 
1 34 LYS n 
1 35 MET n 
1 36 GLU n 
1 37 ILE n 
1 38 PRO n 
1 39 ILE n 
1 40 VAL n 
1 41 ALA n 
1 42 ASP n 
1 43 ARG n 
1 44 SER n 
1 45 GLY n 
1 46 ILE n 
1 47 VAL n 
1 48 LYS n 
1 49 GLU n 
1 50 VAL n 
1 51 LYS n 
1 52 LYS n 
1 53 LYS n 
1 54 GLU n 
1 55 GLY n 
1 56 ASP n 
1 57 PHE n 
1 58 VAL n 
1 59 ASN n 
1 60 GLU n 
1 61 GLY n 
1 62 ASP n 
1 63 VAL n 
1 64 LEU n 
1 65 LEU n 
1 66 GLU n 
1 67 LEU n 
1 68 SER n 
1 69 ASN n 
1 70 SER n 
1 71 THR n 
1 72 GLN n 
# 
_entity_src_gen.entity_id                          1 
_entity_src_gen.pdbx_src_id                        1 
_entity_src_gen.pdbx_alt_source_flag               sample 
_entity_src_gen.pdbx_seq_type                      ? 
_entity_src_gen.pdbx_beg_seq_num                   ? 
_entity_src_gen.pdbx_end_seq_num                   ? 
_entity_src_gen.gene_src_common_name               ? 
_entity_src_gen.gene_src_genus                     Bacillus 
_entity_src_gen.pdbx_gene_src_gene                 ? 
_entity_src_gen.gene_src_species                   ? 
_entity_src_gen.gene_src_strain                    ? 
_entity_src_gen.gene_src_tissue                    ? 
_entity_src_gen.gene_src_tissue_fraction           ? 
_entity_src_gen.gene_src_details                   ? 
_entity_src_gen.pdbx_gene_src_fragment             ? 
_entity_src_gen.pdbx_gene_src_scientific_name      'Bacillus subtilis' 
_entity_src_gen.pdbx_gene_src_ncbi_taxonomy_id     1423 
_entity_src_gen.pdbx_gene_src_variant              ? 
_entity_src_gen.pdbx_gene_src_cell_line            ? 
_entity_src_gen.pdbx_gene_src_atcc                 ? 
_entity_src_gen.pdbx_gene_src_organ                ? 
_entity_src_gen.pdbx_gene_src_organelle            ? 
_entity_src_gen.pdbx_gene_src_cell                 ? 
_entity_src_gen.pdbx_gene_src_cellular_location    ? 
_entity_src_gen.host_org_common_name               ? 
_entity_src_gen.pdbx_host_org_scientific_name      'Escherichia coli' 
_entity_src_gen.pdbx_host_org_ncbi_taxonomy_id     562 
_entity_src_gen.host_org_genus                     Escherichia 
_entity_src_gen.pdbx_host_org_gene                 ? 
_entity_src_gen.pdbx_host_org_organ                ? 
_entity_src_gen.host_org_species                   ? 
_entity_src_gen.pdbx_host_org_tissue               ? 
_entity_src_gen.pdbx_host_org_tissue_fraction      ? 
_entity_src_gen.pdbx_host_org_strain               'BL21(DE3)pLysS' 
_entity_src_gen.pdbx_host_org_variant              ? 
_entity_src_gen.pdbx_host_org_cell_line            ? 
_entity_src_gen.pdbx_host_org_atcc                 ? 
_entity_src_gen.pdbx_host_org_culture_collection   ? 
_entity_src_gen.pdbx_host_org_cell                 ? 
_entity_src_gen.pdbx_host_org_organelle            ? 
_entity_src_gen.pdbx_host_org_cellular_location    ? 
_entity_src_gen.pdbx_host_org_vector_type          plasmid 
_entity_src_gen.pdbx_host_org_vector               ? 
_entity_src_gen.host_org_details                   ? 
_entity_src_gen.expression_system_id               ? 
_entity_src_gen.plasmid_name                       'pET-21a(+)' 
_entity_src_gen.plasmid_details                    ? 
_entity_src_gen.pdbx_description                   ? 
# 
loop_
_chem_comp.id 
_chem_comp.type 
_chem_comp.mon_nstd_flag 
_chem_comp.name 
_chem_comp.pdbx_synonyms 
_chem_comp.formula 
_chem_comp.formula_weight 
ALA 'L-peptide linking' y ALANINE         ? 'C3 H7 N O2'     89.093  
ARG 'L-peptide linking' y ARGININE        ? 'C6 H15 N4 O2 1' 175.209 
ASN 'L-peptide linking' y ASPARAGINE      ? 'C4 H8 N2 O3'    132.118 
ASP 'L-peptide linking' y 'ASPARTIC ACID' ? 'C4 H7 N O4'     133.103 
GLN 'L-peptide linking' y GLUTAMINE       ? 'C5 H10 N2 O3'   146.144 
GLU 'L-peptide linking' y 'GLUTAMIC ACID' ? 'C5 H9 N O4'     147.129 
GLY 'peptide linking'   y GLYCINE         ? 'C2 H5 N O2'     75.067  
HIS 'L-peptide linking' y HISTIDINE       ? 'C6 H10 N3 O2 1' 156.162 
ILE 'L-peptide linking' y ISOLEUCINE      ? 'C6 H13 N O2'    131.173 
LEU 'L-peptide linking' y LEUCINE         ? 'C6 H13 N O2'    131.173 
LYS 'L-peptide linking' y LYSINE          ? 'C6 H15 N2 O2 1' 147.195 
MET 'L-peptide linking' y METHIONINE      ? 'C5 H11 N O2 S'  149.211 
PHE 'L-peptide linking' y PHENYLALANINE   ? 'C9 H11 N O2'    165.189 
PRO 'L-peptide linking' y PROLINE         ? 'C5 H9 N O2'     115.130 
SER 'L-peptide linking' y SERINE          ? 'C3 H7 N O3'     105.093 
THR 'L-peptide linking' y THREONINE       ? 'C4 H9 N O3'     119.119 
TRP 'L-peptide linking' y TRYPTOPHAN      ? 'C11 H12 N2 O2'  204.225 
VAL 'L-peptide linking' y VALINE          ? 'C5 H11 N O2'    117.146 
# 
loop_
_pdbx_poly_seq_scheme.asym_id 
_pdbx_poly_seq_scheme.entity_id 
_pdbx_poly_seq_scheme.seq_id 
_pdbx_poly_seq_scheme.mon_id 
_pdbx_poly_seq_scheme.ndb_seq_num 
_pdbx_poly_seq_scheme.pdb_seq_num 
_pdbx_poly_seq_scheme.auth_seq_num 
_pdbx_poly_seq_scheme.pdb_mon_id 
_pdbx_poly_seq_scheme.auth_mon_id 
_pdbx_poly_seq_scheme.pdb_strand_id 
_pdbx_poly_seq_scheme.pdb_ins_code 
_pdbx_poly_seq_scheme.hetero 
A 1 1  THR 1  2  2  THR THR A . n 
A 1 2  VAL 2  3  3  VAL VAL A . n 
A 1 3  SER 3  4  4  SER SER A . n 
A 1 4  ILE 4  5  5  ILE ILE A . n 
A 1 5  GLN 5  6  6  GLN GLN A . n 
A 1 6  MET 6  7  7  MET MET A . n 
A 1 7  ALA 7  8  8  ALA ALA A . n 
A 1 8  GLY 8  9  9  GLY GLY A . n 
A 1 9  ASN 9  10 10 ASN ASN A . n 
A 1 10 LEU 10 11 11 LEU LEU A . n 
A 1 11 TRP 11 12 12 TRP TRP A . n 
A 1 12 LYS 12 13 13 LYS LYS A . n 
A 1 13 VAL 13 14 14 VAL VAL A . n 
A 1 14 HIS 14 15 15 HIS HIS A . n 
A 1 15 VAL 15 16 16 VAL VAL A . n 
A 1 16 LYS 16 17 17 LYS LYS A . n 
A 1 17 ALA 17 18 18 ALA ALA A . n 
A 1 18 GLY 18 19 19 GLY GLY A . n 
A 1 19 ASP 19 20 20 ASP ASP A . n 
A 1 20 GLN 20 21 21 GLN GLN A . n 
A 1 21 ILE 21 22 22 ILE ILE A . n 
A 1 22 GLU 22 23 23 GLU GLU A . n 
A 1 23 LYS 23 24 24 LYS LYS A . n 
A 1 24 GLY 24 25 25 GLY GLY A . n 
A 1 25 GLN 25 26 26 GLN GLN A . n 
A 1 26 GLU 26 27 27 GLU GLU A . n 
A 1 27 VAL 27 28 28 VAL VAL A . n 
A 1 28 ALA 28 29 29 ALA ALA A . n 
A 1 29 ILE 29 30 30 ILE ILE A . n 
A 1 30 LEU 30 31 31 LEU LEU A . n 
A 1 31 GLU 31 32 32 GLU GLU A . n 
A 1 32 SER 32 33 33 SER SER A . n 
A 1 33 MET 33 34 34 MET MET A . n 
A 1 34 LYS 34 35 35 LYS LYS A . n 
A 1 35 MET 35 36 36 MET MET A . n 
A 1 36 GLU 36 37 37 GLU GLU A . n 
A 1 37 ILE 37 38 38 ILE ILE A . n 
A 1 38 PRO 38 39 39 PRO PRO A . n 
A 1 39 ILE 39 40 40 ILE ILE A . n 
A 1 40 VAL 40 41 41 VAL VAL A . n 
A 1 41 ALA 41 42 42 ALA ALA A . n 
A 1 42 ASP 42 43 43 ASP ASP A . n 
A 1 43 ARG 43 44 44 ARG ARG A . n 
A 1 44 SER 44 45 45 SER SER A . n 
A 1 45 GLY 45 46 46 GLY GLY A . n 
A 1 46 ILE 46 47 47 ILE ILE A . n 
A 1 47 VAL 47 48 48 VAL VAL A . n 
A 1 48 LYS 48 49 49 LYS LYS A . n 
A 1 49 GLU 49 50 50 GLU GLU A . n 
A 1 50 VAL 50 51 51 VAL VAL A . n 
A 1 51 LYS 51 52 52 LYS LYS A . n 
A 1 52 LYS 52 53 53 LYS LYS A . n 
A 1 53 LYS 53 54 54 LYS LYS A . n 
A 1 54 GLU 54 55 55 GLU GLU A . n 
A 1 55 GLY 55 56 56 GLY GLY A . n 
A 1 56 ASP 56 57 57 ASP ASP A . n 
A 1 57 PHE 57 58 58 PHE PHE A . n 
A 1 58 VAL 58 59 59 VAL VAL A . n 
A 1 59 ASN 59 60 60 ASN ASN A . n 
A 1 60 GLU 60 61 61 GLU GLU A . n 
A 1 61 GLY 61 62 62 GLY GLY A . n 
A 1 62 ASP 62 63 63 ASP ASP A . n 
A 1 63 VAL 63 64 64 VAL VAL A . n 
A 1 64 LEU 64 65 65 LEU LEU A . n 
A 1 65 LEU 65 66 66 LEU LEU A . n 
A 1 66 GLU 66 67 67 GLU GLU A . n 
A 1 67 LEU 67 68 68 LEU LEU A . n 
A 1 68 SER 68 69 69 SER SER A . n 
A 1 69 ASN 69 70 70 ASN ASN A . n 
A 1 70 SER 70 71 71 SER SER A . n 
A 1 71 THR 71 72 72 THR THR A . n 
A 1 72 GLN 72 73 73 GLN GLN A . n 
# 
_exptl.entry_id          2B8F 
_exptl.method            'SOLUTION NMR' 
_exptl.crystals_number   ? 
# 
_struct.entry_id                  2B8F 
_struct.title                     'solution structure of Bacillus subtilis BLAP Apo form (energy minimized mean structure)' 
_struct.pdbx_model_details        ? 
_struct.pdbx_CASP_flag            ? 
_struct.pdbx_model_type_details   'minimized average' 
# 
_struct_keywords.entry_id        2B8F 
_struct_keywords.pdbx_keywords   'BIOSYNTHETIC PROTEIN' 
_struct_keywords.text            
'Bacillus subtilis, Single-domain Biotin Carboxyl Carrier Protein, solution structure, BIOSYNTHETIC PROTEIN' 
# 
_struct_asym.id                            A 
_struct_asym.pdbx_blank_PDB_chainid_flag   N 
_struct_asym.pdbx_modified                 N 
_struct_asym.entity_id                     1 
_struct_asym.details                       ? 
# 
_struct_ref.id                         1 
_struct_ref.db_name                    UNP 
_struct_ref.db_code                    Q9R9I3_BACSU 
_struct_ref.pdbx_db_accession          Q9R9I3 
_struct_ref.entity_id                  1 
_struct_ref.pdbx_align_begin           2 
_struct_ref.pdbx_db_isoform            ? 
_struct_ref.pdbx_seq_one_letter_code   ? 
# 
_struct_ref_seq.align_id                      1 
_struct_ref_seq.ref_id                        1 
_struct_ref_seq.pdbx_PDB_id_code              2B8F 
_struct_ref_seq.pdbx_strand_id                A 
_struct_ref_seq.seq_align_beg                 1 
_struct_ref_seq.pdbx_seq_align_beg_ins_code   ? 
_struct_ref_seq.seq_align_end                 72 
_struct_ref_seq.pdbx_seq_align_end_ins_code   ? 
_struct_ref_seq.pdbx_db_accession             Q9R9I3 
_struct_ref_seq.db_align_beg                  2 
_struct_ref_seq.pdbx_db_align_beg_ins_code    ? 
_struct_ref_seq.db_align_end                  73 
_struct_ref_seq.pdbx_db_align_end_ins_code    ? 
_struct_ref_seq.pdbx_auth_seq_align_beg       2 
_struct_ref_seq.pdbx_auth_seq_align_end       73 
# 
_pdbx_struct_assembly.id                   1 
_pdbx_struct_assembly.details              author_defined_assembly 
_pdbx_struct_assembly.method_details       ? 
_pdbx_struct_assembly.oligomeric_details   monomeric 
_pdbx_struct_assembly.oligomeric_count     1 
# 
_pdbx_struct_assembly_gen.assembly_id       1 
_pdbx_struct_assembly_gen.oper_expression   1 
_pdbx_struct_assembly_gen.asym_id_list      A 
# 
_pdbx_struct_oper_list.id                   1 
_pdbx_struct_oper_list.type                 'identity operation' 
_pdbx_struct_oper_list.name                 1_555 
_pdbx_struct_oper_list.symmetry_operation   x,y,z 
_pdbx_struct_oper_list.matrix[1][1]         1.0000000000 
_pdbx_struct_oper_list.matrix[1][2]         0.0000000000 
_pdbx_struct_oper_list.matrix[1][3]         0.0000000000 
_pdbx_struct_oper_list.vector[1]            0.0000000000 
_pdbx_struct_oper_list.matrix[2][1]         0.0000000000 
_pdbx_struct_oper_list.matrix[2][2]         1.0000000000 
_pdbx_struct_oper_list.matrix[2][3]         0.0000000000 
_pdbx_struct_oper_list.vector[2]            0.0000000000 
_pdbx_struct_oper_list.matrix[3][1]         0.0000000000 
_pdbx_struct_oper_list.matrix[3][2]         0.0000000000 
_pdbx_struct_oper_list.matrix[3][3]         1.0000000000 
_pdbx_struct_oper_list.vector[3]            0.0000000000 
# 
_struct_biol.id   1 
# 
loop_
_struct_sheet.id 
_struct_sheet.type 
_struct_sheet.number_strands 
_struct_sheet.details 
A ? 4 ? 
B ? 4 ? 
# 
loop_
_struct_sheet_order.sheet_id 
_struct_sheet_order.range_id_1 
_struct_sheet_order.range_id_2 
_struct_sheet_order.offset 
_struct_sheet_order.sense 
A 1 2 ? anti-parallel 
A 2 3 ? anti-parallel 
A 3 4 ? anti-parallel 
B 1 2 ? anti-parallel 
B 2 3 ? anti-parallel 
B 3 4 ? anti-parallel 
# 
loop_
_struct_sheet_range.sheet_id 
_struct_sheet_range.id 
_struct_sheet_range.beg_label_comp_id 
_struct_sheet_range.beg_label_asym_id 
_struct_sheet_range.beg_label_seq_id 
_struct_sheet_range.pdbx_beg_PDB_ins_code 
_struct_sheet_range.end_label_comp_id 
_struct_sheet_range.end_label_asym_id 
_struct_sheet_range.end_label_seq_id 
_struct_sheet_range.pdbx_end_PDB_ins_code 
_struct_sheet_range.beg_auth_comp_id 
_struct_sheet_range.beg_auth_asym_id 
_struct_sheet_range.beg_auth_seq_id 
_struct_sheet_range.end_auth_comp_id 
_struct_sheet_range.end_auth_asym_id 
_struct_sheet_range.end_auth_seq_id 
A 1 VAL A 2  ? SER A 3  ? VAL A 3  SER A 4  
A 2 VAL A 63 ? LEU A 67 ? VAL A 64 LEU A 68 
A 3 GLY A 45 ? VAL A 50 ? GLY A 46 VAL A 51 
A 4 GLN A 20 ? ILE A 21 ? GLN A 21 ILE A 22 
B 1 MET A 35 ? VAL A 40 ? MET A 36 VAL A 41 
B 2 GLU A 26 ? SER A 32 ? GLU A 27 SER A 33 
B 3 GLY A 8  ? VAL A 13 ? GLY A 9  VAL A 14 
B 4 PHE A 57 ? VAL A 58 ? PHE A 58 VAL A 59 
# 
loop_
_pdbx_struct_sheet_hbond.sheet_id 
_pdbx_struct_sheet_hbond.range_id_1 
_pdbx_struct_sheet_hbond.range_id_2 
_pdbx_struct_sheet_hbond.range_1_label_atom_id 
_pdbx_struct_sheet_hbond.range_1_label_comp_id 
_pdbx_struct_sheet_hbond.range_1_label_asym_id 
_pdbx_struct_sheet_hbond.range_1_label_seq_id 
_pdbx_struct_sheet_hbond.range_1_PDB_ins_code 
_pdbx_struct_sheet_hbond.range_1_auth_atom_id 
_pdbx_struct_sheet_hbond.range_1_auth_comp_id 
_pdbx_struct_sheet_hbond.range_1_auth_asym_id 
_pdbx_struct_sheet_hbond.range_1_auth_seq_id 
_pdbx_struct_sheet_hbond.range_2_label_atom_id 
_pdbx_struct_sheet_hbond.range_2_label_comp_id 
_pdbx_struct_sheet_hbond.range_2_label_asym_id 
_pdbx_struct_sheet_hbond.range_2_label_seq_id 
_pdbx_struct_sheet_hbond.range_2_PDB_ins_code 
_pdbx_struct_sheet_hbond.range_2_auth_atom_id 
_pdbx_struct_sheet_hbond.range_2_auth_comp_id 
_pdbx_struct_sheet_hbond.range_2_auth_asym_id 
_pdbx_struct_sheet_hbond.range_2_auth_seq_id 
A 1 2 N VAL A 2  ? N VAL A 3  O LEU A 64 ? O LEU A 65 
A 2 3 O GLU A 66 ? O GLU A 67 N GLU A 49 ? N GLU A 50 
A 3 4 O GLY A 45 ? O GLY A 46 N ILE A 21 ? N ILE A 22 
B 1 2 O ILE A 37 ? O ILE A 38 N LEU A 30 ? N LEU A 31 
B 2 3 O GLU A 31 ? O GLU A 32 N ASN A 9  ? N ASN A 10 
B 3 4 N GLY A 8  ? N GLY A 9  O VAL A 58 ? O VAL A 59 
# 
loop_
_pdbx_validate_torsion.id 
_pdbx_validate_torsion.PDB_model_num 
_pdbx_validate_torsion.auth_comp_id 
_pdbx_validate_torsion.auth_asym_id 
_pdbx_validate_torsion.auth_seq_id 
_pdbx_validate_torsion.PDB_ins_code 
_pdbx_validate_torsion.label_alt_id 
_pdbx_validate_torsion.phi 
_pdbx_validate_torsion.psi 
1 1 VAL A 28 ? ? -138.69 -31.15 
2 1 ASN A 70 ? ? -151.19 12.78  
3 1 SER A 71 ? ? -77.38  42.68  
4 1 THR A 72 ? ? 82.03   28.24  
# 
_pdbx_validate_peptide_omega.id               1 
_pdbx_validate_peptide_omega.PDB_model_num    1 
_pdbx_validate_peptide_omega.auth_comp_id_1   THR 
_pdbx_validate_peptide_omega.auth_asym_id_1   A 
_pdbx_validate_peptide_omega.auth_seq_id_1    72 
_pdbx_validate_peptide_omega.PDB_ins_code_1   ? 
_pdbx_validate_peptide_omega.label_alt_id_1   ? 
_pdbx_validate_peptide_omega.auth_comp_id_2   GLN 
_pdbx_validate_peptide_omega.auth_asym_id_2   A 
_pdbx_validate_peptide_omega.auth_seq_id_2    73 
_pdbx_validate_peptide_omega.PDB_ins_code_2   ? 
_pdbx_validate_peptide_omega.label_alt_id_2   ? 
_pdbx_validate_peptide_omega.omega            64.81 
# 
_pdbx_validate_chiral.id              1 
_pdbx_validate_chiral.PDB_model_num   1 
_pdbx_validate_chiral.auth_atom_id    CA 
_pdbx_validate_chiral.label_alt_id    ? 
_pdbx_validate_chiral.auth_asym_id    A 
_pdbx_validate_chiral.auth_comp_id    THR 
_pdbx_validate_chiral.auth_seq_id     72 
_pdbx_validate_chiral.PDB_ins_code    ? 
_pdbx_validate_chiral.details         'WRONG HAND' 
_pdbx_validate_chiral.omega           . 
# 
_pdbx_validate_planes.id              1 
_pdbx_validate_planes.PDB_model_num   1 
_pdbx_validate_planes.auth_comp_id    ARG 
_pdbx_validate_planes.auth_asym_id    A 
_pdbx_validate_planes.auth_seq_id     44 
_pdbx_validate_planes.PDB_ins_code    ? 
_pdbx_validate_planes.label_alt_id    ? 
_pdbx_validate_planes.rmsd            0.094 
_pdbx_validate_planes.type            'SIDE CHAIN' 
# 
_pdbx_nmr_ensemble.entry_id                             2B8F 
_pdbx_nmr_ensemble.conformers_calculated_total_number   ? 
_pdbx_nmr_ensemble.conformers_submitted_total_number    1 
_pdbx_nmr_ensemble.conformer_selection_criteria         ? 
# 
_pdbx_nmr_representative.entry_id             2B8F 
_pdbx_nmr_representative.conformer_id         ? 
_pdbx_nmr_representative.selection_criteria   'minimized average structure' 
# 
_pdbx_nmr_sample_details.solution_id      1 
_pdbx_nmr_sample_details.contents         '1.2mM S-BCCP, U-15N, 13C; 50mM phosphate buffer NA; 90% H2O, 10% D2O' 
_pdbx_nmr_sample_details.solvent_system   '90% H2O/10% D2O' 
# 
_pdbx_nmr_exptl_sample_conditions.conditions_id       1 
_pdbx_nmr_exptl_sample_conditions.temperature         298 
_pdbx_nmr_exptl_sample_conditions.pressure            ambient 
_pdbx_nmr_exptl_sample_conditions.pH                  7.0 
_pdbx_nmr_exptl_sample_conditions.ionic_strength      '150 mM' 
_pdbx_nmr_exptl_sample_conditions.pressure_units      . 
_pdbx_nmr_exptl_sample_conditions.temperature_units   K 
# 
loop_
_pdbx_nmr_exptl.experiment_id 
_pdbx_nmr_exptl.conditions_id 
_pdbx_nmr_exptl.type 
_pdbx_nmr_exptl.solution_id 
1 1 3D_13C-separated_NOESY 1 
2 1 3D_15N-separated_NOESY 1 
# 
_pdbx_nmr_refine.entry_id           2B8F 
_pdbx_nmr_refine.method             'smulated annealing molecular dynamics' 
_pdbx_nmr_refine.details            
;the structures are based on a total of 4125 restraints. 3731 are NOE-derived  
distance constraints, 109 dihedral angle restraints,28 distance restraints from hydrogen bonds, 257 charity restraints
;
_pdbx_nmr_refine.software_ordinal   1 
# 
loop_
_pdbx_nmr_software.classification 
_pdbx_nmr_software.name 
_pdbx_nmr_software.version 
_pdbx_nmr_software.authors 
_pdbx_nmr_software.ordinal 
collection           XwinNMR 3.5   Bruker           1 
processing           NMRPipe 2.1   'Frank Delaglio' 2 
'data analysis'      NMRView 5     'Bruce Johnson'  3 
'structure solution' CYANA   1.0.6 'Peter Guntert'  4 
refinement           Amber   7.0   'David Case'     5 
# 
loop_
_chem_comp_atom.comp_id 
_chem_comp_atom.atom_id 
_chem_comp_atom.type_symbol 
_chem_comp_atom.pdbx_aromatic_flag 
_chem_comp_atom.pdbx_stereo_config 
_chem_comp_atom.pdbx_ordinal 
ALA N    N N N 1   
ALA CA   C N S 2   
ALA C    C N N 3   
ALA O    O N N 4   
ALA CB   C N N 5   
ALA OXT  O N N 6   
ALA H    H N N 7   
ALA H2   H N N 8   
ALA HA   H N N 9   
ALA HB1  H N N 10  
ALA HB2  H N N 11  
ALA HB3  H N N 12  
ALA HXT  H N N 13  
ARG N    N N N 14  
ARG CA   C N S 15  
ARG C    C N N 16  
ARG O    O N N 17  
ARG CB   C N N 18  
ARG CG   C N N 19  
ARG CD   C N N 20  
ARG NE   N N N 21  
ARG CZ   C N N 22  
ARG NH1  N N N 23  
ARG NH2  N N N 24  
ARG OXT  O N N 25  
ARG H    H N N 26  
ARG H2   H N N 27  
ARG HA   H N N 28  
ARG HB2  H N N 29  
ARG HB3  H N N 30  
ARG HG2  H N N 31  
ARG HG3  H N N 32  
ARG HD2  H N N 33  
ARG HD3  H N N 34  
ARG HE   H N N 35  
ARG HH11 H N N 36  
ARG HH12 H N N 37  
ARG HH21 H N N 38  
ARG HH22 H N N 39  
ARG HXT  H N N 40  
ASN N    N N N 41  
ASN CA   C N S 42  
ASN C    C N N 43  
ASN O    O N N 44  
ASN CB   C N N 45  
ASN CG   C N N 46  
ASN OD1  O N N 47  
ASN ND2  N N N 48  
ASN OXT  O N N 49  
ASN H    H N N 50  
ASN H2   H N N 51  
ASN HA   H N N 52  
ASN HB2  H N N 53  
ASN HB3  H N N 54  
ASN HD21 H N N 55  
ASN HD22 H N N 56  
ASN HXT  H N N 57  
ASP N    N N N 58  
ASP CA   C N S 59  
ASP C    C N N 60  
ASP O    O N N 61  
ASP CB   C N N 62  
ASP CG   C N N 63  
ASP OD1  O N N 64  
ASP OD2  O N N 65  
ASP OXT  O N N 66  
ASP H    H N N 67  
ASP H2   H N N 68  
ASP HA   H N N 69  
ASP HB2  H N N 70  
ASP HB3  H N N 71  
ASP HD2  H N N 72  
ASP HXT  H N N 73  
GLN N    N N N 74  
GLN CA   C N S 75  
GLN C    C N N 76  
GLN O    O N N 77  
GLN CB   C N N 78  
GLN CG   C N N 79  
GLN CD   C N N 80  
GLN OE1  O N N 81  
GLN NE2  N N N 82  
GLN OXT  O N N 83  
GLN H    H N N 84  
GLN H2   H N N 85  
GLN HA   H N N 86  
GLN HB2  H N N 87  
GLN HB3  H N N 88  
GLN HG2  H N N 89  
GLN HG3  H N N 90  
GLN HE21 H N N 91  
GLN HE22 H N N 92  
GLN HXT  H N N 93  
GLU N    N N N 94  
GLU CA   C N S 95  
GLU C    C N N 96  
GLU O    O N N 97  
GLU CB   C N N 98  
GLU CG   C N N 99  
GLU CD   C N N 100 
GLU OE1  O N N 101 
GLU OE2  O N N 102 
GLU OXT  O N N 103 
GLU H    H N N 104 
GLU H2   H N N 105 
GLU HA   H N N 106 
GLU HB2  H N N 107 
GLU HB3  H N N 108 
GLU HG2  H N N 109 
GLU HG3  H N N 110 
GLU HE2  H N N 111 
GLU HXT  H N N 112 
GLY N    N N N 113 
GLY CA   C N N 114 
GLY C    C N N 115 
GLY O    O N N 116 
GLY OXT  O N N 117 
GLY H    H N N 118 
GLY H2   H N N 119 
GLY HA2  H N N 120 
GLY HA3  H N N 121 
GLY HXT  H N N 122 
HIS N    N N N 123 
HIS CA   C N S 124 
HIS C    C N N 125 
HIS O    O N N 126 
HIS CB   C N N 127 
HIS CG   C Y N 128 
HIS ND1  N Y N 129 
HIS CD2  C Y N 130 
HIS CE1  C Y N 131 
HIS NE2  N Y N 132 
HIS OXT  O N N 133 
HIS H    H N N 134 
HIS H2   H N N 135 
HIS HA   H N N 136 
HIS HB2  H N N 137 
HIS HB3  H N N 138 
HIS HD1  H N N 139 
HIS HD2  H N N 140 
HIS HE1  H N N 141 
HIS HE2  H N N 142 
HIS HXT  H N N 143 
ILE N    N N N 144 
ILE CA   C N S 145 
ILE C    C N N 146 
ILE O    O N N 147 
ILE CB   C N S 148 
ILE CG1  C N N 149 
ILE CG2  C N N 150 
ILE CD1  C N N 151 
ILE OXT  O N N 152 
ILE H    H N N 153 
ILE H2   H N N 154 
ILE HA   H N N 155 
ILE HB   H N N 156 
ILE HG12 H N N 157 
ILE HG13 H N N 158 
ILE HG21 H N N 159 
ILE HG22 H N N 160 
ILE HG23 H N N 161 
ILE HD11 H N N 162 
ILE HD12 H N N 163 
ILE HD13 H N N 164 
ILE HXT  H N N 165 
LEU N    N N N 166 
LEU CA   C N S 167 
LEU C    C N N 168 
LEU O    O N N 169 
LEU CB   C N N 170 
LEU CG   C N N 171 
LEU CD1  C N N 172 
LEU CD2  C N N 173 
LEU OXT  O N N 174 
LEU H    H N N 175 
LEU H2   H N N 176 
LEU HA   H N N 177 
LEU HB2  H N N 178 
LEU HB3  H N N 179 
LEU HG   H N N 180 
LEU HD11 H N N 181 
LEU HD12 H N N 182 
LEU HD13 H N N 183 
LEU HD21 H N N 184 
LEU HD22 H N N 185 
LEU HD23 H N N 186 
LEU HXT  H N N 187 
LYS N    N N N 188 
LYS CA   C N S 189 
LYS C    C N N 190 
LYS O    O N N 191 
LYS CB   C N N 192 
LYS CG   C N N 193 
LYS CD   C N N 194 
LYS CE   C N N 195 
LYS NZ   N N N 196 
LYS OXT  O N N 197 
LYS H    H N N 198 
LYS H2   H N N 199 
LYS HA   H N N 200 
LYS HB2  H N N 201 
LYS HB3  H N N 202 
LYS HG2  H N N 203 
LYS HG3  H N N 204 
LYS HD2  H N N 205 
LYS HD3  H N N 206 
LYS HE2  H N N 207 
LYS HE3  H N N 208 
LYS HZ1  H N N 209 
LYS HZ2  H N N 210 
LYS HZ3  H N N 211 
LYS HXT  H N N 212 
MET N    N N N 213 
MET CA   C N S 214 
MET C    C N N 215 
MET O    O N N 216 
MET CB   C N N 217 
MET CG   C N N 218 
MET SD   S N N 219 
MET CE   C N N 220 
MET OXT  O N N 221 
MET H    H N N 222 
MET H2   H N N 223 
MET HA   H N N 224 
MET HB2  H N N 225 
MET HB3  H N N 226 
MET HG2  H N N 227 
MET HG3  H N N 228 
MET HE1  H N N 229 
MET HE2  H N N 230 
MET HE3  H N N 231 
MET HXT  H N N 232 
PHE N    N N N 233 
PHE CA   C N S 234 
PHE C    C N N 235 
PHE O    O N N 236 
PHE CB   C N N 237 
PHE CG   C Y N 238 
PHE CD1  C Y N 239 
PHE CD2  C Y N 240 
PHE CE1  C Y N 241 
PHE CE2  C Y N 242 
PHE CZ   C Y N 243 
PHE OXT  O N N 244 
PHE H    H N N 245 
PHE H2   H N N 246 
PHE HA   H N N 247 
PHE HB2  H N N 248 
PHE HB3  H N N 249 
PHE HD1  H N N 250 
PHE HD2  H N N 251 
PHE HE1  H N N 252 
PHE HE2  H N N 253 
PHE HZ   H N N 254 
PHE HXT  H N N 255 
PRO N    N N N 256 
PRO CA   C N S 257 
PRO C    C N N 258 
PRO O    O N N 259 
PRO CB   C N N 260 
PRO CG   C N N 261 
PRO CD   C N N 262 
PRO OXT  O N N 263 
PRO H    H N N 264 
PRO HA   H N N 265 
PRO HB2  H N N 266 
PRO HB3  H N N 267 
PRO HG2  H N N 268 
PRO HG3  H N N 269 
PRO HD2  H N N 270 
PRO HD3  H N N 271 
PRO HXT  H N N 272 
SER N    N N N 273 
SER CA   C N S 274 
SER C    C N N 275 
SER O    O N N 276 
SER CB   C N N 277 
SER OG   O N N 278 
SER OXT  O N N 279 
SER H    H N N 280 
SER H2   H N N 281 
SER HA   H N N 282 
SER HB2  H N N 283 
SER HB3  H N N 284 
SER HG   H N N 285 
SER HXT  H N N 286 
THR N    N N N 287 
THR CA   C N S 288 
THR C    C N N 289 
THR O    O N N 290 
THR CB   C N R 291 
THR OG1  O N N 292 
THR CG2  C N N 293 
THR OXT  O N N 294 
THR H    H N N 295 
THR H2   H N N 296 
THR HA   H N N 297 
THR HB   H N N 298 
THR HG1  H N N 299 
THR HG21 H N N 300 
THR HG22 H N N 301 
THR HG23 H N N 302 
THR HXT  H N N 303 
TRP N    N N N 304 
TRP CA   C N S 305 
TRP C    C N N 306 
TRP O    O N N 307 
TRP CB   C N N 308 
TRP CG   C Y N 309 
TRP CD1  C Y N 310 
TRP CD2  C Y N 311 
TRP NE1  N Y N 312 
TRP CE2  C Y N 313 
TRP CE3  C Y N 314 
TRP CZ2  C Y N 315 
TRP CZ3  C Y N 316 
TRP CH2  C Y N 317 
TRP OXT  O N N 318 
TRP H    H N N 319 
TRP H2   H N N 320 
TRP HA   H N N 321 
TRP HB2  H N N 322 
TRP HB3  H N N 323 
TRP HD1  H N N 324 
TRP HE1  H N N 325 
TRP HE3  H N N 326 
TRP HZ2  H N N 327 
TRP HZ3  H N N 328 
TRP HH2  H N N 329 
TRP HXT  H N N 330 
VAL N    N N N 331 
VAL CA   C N S 332 
VAL C    C N N 333 
VAL O    O N N 334 
VAL CB   C N N 335 
VAL CG1  C N N 336 
VAL CG2  C N N 337 
VAL OXT  O N N 338 
VAL H    H N N 339 
VAL H2   H N N 340 
VAL HA   H N N 341 
VAL HB   H N N 342 
VAL HG11 H N N 343 
VAL HG12 H N N 344 
VAL HG13 H N N 345 
VAL HG21 H N N 346 
VAL HG22 H N N 347 
VAL HG23 H N N 348 
VAL HXT  H N N 349 
# 
loop_
_chem_comp_bond.comp_id 
_chem_comp_bond.atom_id_1 
_chem_comp_bond.atom_id_2 
_chem_comp_bond.value_order 
_chem_comp_bond.pdbx_aromatic_flag 
_chem_comp_bond.pdbx_stereo_config 
_chem_comp_bond.pdbx_ordinal 
ALA N   CA   sing N N 1   
ALA N   H    sing N N 2   
ALA N   H2   sing N N 3   
ALA CA  C    sing N N 4   
ALA CA  CB   sing N N 5   
ALA CA  HA   sing N N 6   
ALA C   O    doub N N 7   
ALA C   OXT  sing N N 8   
ALA CB  HB1  sing N N 9   
ALA CB  HB2  sing N N 10  
ALA CB  HB3  sing N N 11  
ALA OXT HXT  sing N N 12  
ARG N   CA   sing N N 13  
ARG N   H    sing N N 14  
ARG N   H2   sing N N 15  
ARG CA  C    sing N N 16  
ARG CA  CB   sing N N 17  
ARG CA  HA   sing N N 18  
ARG C   O    doub N N 19  
ARG C   OXT  sing N N 20  
ARG CB  CG   sing N N 21  
ARG CB  HB2  sing N N 22  
ARG CB  HB3  sing N N 23  
ARG CG  CD   sing N N 24  
ARG CG  HG2  sing N N 25  
ARG CG  HG3  sing N N 26  
ARG CD  NE   sing N N 27  
ARG CD  HD2  sing N N 28  
ARG CD  HD3  sing N N 29  
ARG NE  CZ   sing N N 30  
ARG NE  HE   sing N N 31  
ARG CZ  NH1  sing N N 32  
ARG CZ  NH2  doub N N 33  
ARG NH1 HH11 sing N N 34  
ARG NH1 HH12 sing N N 35  
ARG NH2 HH21 sing N N 36  
ARG NH2 HH22 sing N N 37  
ARG OXT HXT  sing N N 38  
ASN N   CA   sing N N 39  
ASN N   H    sing N N 40  
ASN N   H2   sing N N 41  
ASN CA  C    sing N N 42  
ASN CA  CB   sing N N 43  
ASN CA  HA   sing N N 44  
ASN C   O    doub N N 45  
ASN C   OXT  sing N N 46  
ASN CB  CG   sing N N 47  
ASN CB  HB2  sing N N 48  
ASN CB  HB3  sing N N 49  
ASN CG  OD1  doub N N 50  
ASN CG  ND2  sing N N 51  
ASN ND2 HD21 sing N N 52  
ASN ND2 HD22 sing N N 53  
ASN OXT HXT  sing N N 54  
ASP N   CA   sing N N 55  
ASP N   H    sing N N 56  
ASP N   H2   sing N N 57  
ASP CA  C    sing N N 58  
ASP CA  CB   sing N N 59  
ASP CA  HA   sing N N 60  
ASP C   O    doub N N 61  
ASP C   OXT  sing N N 62  
ASP CB  CG   sing N N 63  
ASP CB  HB2  sing N N 64  
ASP CB  HB3  sing N N 65  
ASP CG  OD1  doub N N 66  
ASP CG  OD2  sing N N 67  
ASP OD2 HD2  sing N N 68  
ASP OXT HXT  sing N N 69  
GLN N   CA   sing N N 70  
GLN N   H    sing N N 71  
GLN N   H2   sing N N 72  
GLN CA  C    sing N N 73  
GLN CA  CB   sing N N 74  
GLN CA  HA   sing N N 75  
GLN C   O    doub N N 76  
GLN C   OXT  sing N N 77  
GLN CB  CG   sing N N 78  
GLN CB  HB2  sing N N 79  
GLN CB  HB3  sing N N 80  
GLN CG  CD   sing N N 81  
GLN CG  HG2  sing N N 82  
GLN CG  HG3  sing N N 83  
GLN CD  OE1  doub N N 84  
GLN CD  NE2  sing N N 85  
GLN NE2 HE21 sing N N 86  
GLN NE2 HE22 sing N N 87  
GLN OXT HXT  sing N N 88  
GLU N   CA   sing N N 89  
GLU N   H    sing N N 90  
GLU N   H2   sing N N 91  
GLU CA  C    sing N N 92  
GLU CA  CB   sing N N 93  
GLU CA  HA   sing N N 94  
GLU C   O    doub N N 95  
GLU C   OXT  sing N N 96  
GLU CB  CG   sing N N 97  
GLU CB  HB2  sing N N 98  
GLU CB  HB3  sing N N 99  
GLU CG  CD   sing N N 100 
GLU CG  HG2  sing N N 101 
GLU CG  HG3  sing N N 102 
GLU CD  OE1  doub N N 103 
GLU CD  OE2  sing N N 104 
GLU OE2 HE2  sing N N 105 
GLU OXT HXT  sing N N 106 
GLY N   CA   sing N N 107 
GLY N   H    sing N N 108 
GLY N   H2   sing N N 109 
GLY CA  C    sing N N 110 
GLY CA  HA2  sing N N 111 
GLY CA  HA3  sing N N 112 
GLY C   O    doub N N 113 
GLY C   OXT  sing N N 114 
GLY OXT HXT  sing N N 115 
HIS N   CA   sing N N 116 
HIS N   H    sing N N 117 
HIS N   H2   sing N N 118 
HIS CA  C    sing N N 119 
HIS CA  CB   sing N N 120 
HIS CA  HA   sing N N 121 
HIS C   O    doub N N 122 
HIS C   OXT  sing N N 123 
HIS CB  CG   sing N N 124 
HIS CB  HB2  sing N N 125 
HIS CB  HB3  sing N N 126 
HIS CG  ND1  sing Y N 127 
HIS CG  CD2  doub Y N 128 
HIS ND1 CE1  doub Y N 129 
HIS ND1 HD1  sing N N 130 
HIS CD2 NE2  sing Y N 131 
HIS CD2 HD2  sing N N 132 
HIS CE1 NE2  sing Y N 133 
HIS CE1 HE1  sing N N 134 
HIS NE2 HE2  sing N N 135 
HIS OXT HXT  sing N N 136 
ILE N   CA   sing N N 137 
ILE N   H    sing N N 138 
ILE N   H2   sing N N 139 
ILE CA  C    sing N N 140 
ILE CA  CB   sing N N 141 
ILE CA  HA   sing N N 142 
ILE C   O    doub N N 143 
ILE C   OXT  sing N N 144 
ILE CB  CG1  sing N N 145 
ILE CB  CG2  sing N N 146 
ILE CB  HB   sing N N 147 
ILE CG1 CD1  sing N N 148 
ILE CG1 HG12 sing N N 149 
ILE CG1 HG13 sing N N 150 
ILE CG2 HG21 sing N N 151 
ILE CG2 HG22 sing N N 152 
ILE CG2 HG23 sing N N 153 
ILE CD1 HD11 sing N N 154 
ILE CD1 HD12 sing N N 155 
ILE CD1 HD13 sing N N 156 
ILE OXT HXT  sing N N 157 
LEU N   CA   sing N N 158 
LEU N   H    sing N N 159 
LEU N   H2   sing N N 160 
LEU CA  C    sing N N 161 
LEU CA  CB   sing N N 162 
LEU CA  HA   sing N N 163 
LEU C   O    doub N N 164 
LEU C   OXT  sing N N 165 
LEU CB  CG   sing N N 166 
LEU CB  HB2  sing N N 167 
LEU CB  HB3  sing N N 168 
LEU CG  CD1  sing N N 169 
LEU CG  CD2  sing N N 170 
LEU CG  HG   sing N N 171 
LEU CD1 HD11 sing N N 172 
LEU CD1 HD12 sing N N 173 
LEU CD1 HD13 sing N N 174 
LEU CD2 HD21 sing N N 175 
LEU CD2 HD22 sing N N 176 
LEU CD2 HD23 sing N N 177 
LEU OXT HXT  sing N N 178 
LYS N   CA   sing N N 179 
LYS N   H    sing N N 180 
LYS N   H2   sing N N 181 
LYS CA  C    sing N N 182 
LYS CA  CB   sing N N 183 
LYS CA  HA   sing N N 184 
LYS C   O    doub N N 185 
LYS C   OXT  sing N N 186 
LYS CB  CG   sing N N 187 
LYS CB  HB2  sing N N 188 
LYS CB  HB3  sing N N 189 
LYS CG  CD   sing N N 190 
LYS CG  HG2  sing N N 191 
LYS CG  HG3  sing N N 192 
LYS CD  CE   sing N N 193 
LYS CD  HD2  sing N N 194 
LYS CD  HD3  sing N N 195 
LYS CE  NZ   sing N N 196 
LYS CE  HE2  sing N N 197 
LYS CE  HE3  sing N N 198 
LYS NZ  HZ1  sing N N 199 
LYS NZ  HZ2  sing N N 200 
LYS NZ  HZ3  sing N N 201 
LYS OXT HXT  sing N N 202 
MET N   CA   sing N N 203 
MET N   H    sing N N 204 
MET N   H2   sing N N 205 
MET CA  C    sing N N 206 
MET CA  CB   sing N N 207 
MET CA  HA   sing N N 208 
MET C   O    doub N N 209 
MET C   OXT  sing N N 210 
MET CB  CG   sing N N 211 
MET CB  HB2  sing N N 212 
MET CB  HB3  sing N N 213 
MET CG  SD   sing N N 214 
MET CG  HG2  sing N N 215 
MET CG  HG3  sing N N 216 
MET SD  CE   sing N N 217 
MET CE  HE1  sing N N 218 
MET CE  HE2  sing N N 219 
MET CE  HE3  sing N N 220 
MET OXT HXT  sing N N 221 
PHE N   CA   sing N N 222 
PHE N   H    sing N N 223 
PHE N   H2   sing N N 224 
PHE CA  C    sing N N 225 
PHE CA  CB   sing N N 226 
PHE CA  HA   sing N N 227 
PHE C   O    doub N N 228 
PHE C   OXT  sing N N 229 
PHE CB  CG   sing N N 230 
PHE CB  HB2  sing N N 231 
PHE CB  HB3  sing N N 232 
PHE CG  CD1  doub Y N 233 
PHE CG  CD2  sing Y N 234 
PHE CD1 CE1  sing Y N 235 
PHE CD1 HD1  sing N N 236 
PHE CD2 CE2  doub Y N 237 
PHE CD2 HD2  sing N N 238 
PHE CE1 CZ   doub Y N 239 
PHE CE1 HE1  sing N N 240 
PHE CE2 CZ   sing Y N 241 
PHE CE2 HE2  sing N N 242 
PHE CZ  HZ   sing N N 243 
PHE OXT HXT  sing N N 244 
PRO N   CA   sing N N 245 
PRO N   CD   sing N N 246 
PRO N   H    sing N N 247 
PRO CA  C    sing N N 248 
PRO CA  CB   sing N N 249 
PRO CA  HA   sing N N 250 
PRO C   O    doub N N 251 
PRO C   OXT  sing N N 252 
PRO CB  CG   sing N N 253 
PRO CB  HB2  sing N N 254 
PRO CB  HB3  sing N N 255 
PRO CG  CD   sing N N 256 
PRO CG  HG2  sing N N 257 
PRO CG  HG3  sing N N 258 
PRO CD  HD2  sing N N 259 
PRO CD  HD3  sing N N 260 
PRO OXT HXT  sing N N 261 
SER N   CA   sing N N 262 
SER N   H    sing N N 263 
SER N   H2   sing N N 264 
SER CA  C    sing N N 265 
SER CA  CB   sing N N 266 
SER CA  HA   sing N N 267 
SER C   O    doub N N 268 
SER C   OXT  sing N N 269 
SER CB  OG   sing N N 270 
SER CB  HB2  sing N N 271 
SER CB  HB3  sing N N 272 
SER OG  HG   sing N N 273 
SER OXT HXT  sing N N 274 
THR N   CA   sing N N 275 
THR N   H    sing N N 276 
THR N   H2   sing N N 277 
THR CA  C    sing N N 278 
THR CA  CB   sing N N 279 
THR CA  HA   sing N N 280 
THR C   O    doub N N 281 
THR C   OXT  sing N N 282 
THR CB  OG1  sing N N 283 
THR CB  CG2  sing N N 284 
THR CB  HB   sing N N 285 
THR OG1 HG1  sing N N 286 
THR CG2 HG21 sing N N 287 
THR CG2 HG22 sing N N 288 
THR CG2 HG23 sing N N 289 
THR OXT HXT  sing N N 290 
TRP N   CA   sing N N 291 
TRP N   H    sing N N 292 
TRP N   H2   sing N N 293 
TRP CA  C    sing N N 294 
TRP CA  CB   sing N N 295 
TRP CA  HA   sing N N 296 
TRP C   O    doub N N 297 
TRP C   OXT  sing N N 298 
TRP CB  CG   sing N N 299 
TRP CB  HB2  sing N N 300 
TRP CB  HB3  sing N N 301 
TRP CG  CD1  doub Y N 302 
TRP CG  CD2  sing Y N 303 
TRP CD1 NE1  sing Y N 304 
TRP CD1 HD1  sing N N 305 
TRP CD2 CE2  doub Y N 306 
TRP CD2 CE3  sing Y N 307 
TRP NE1 CE2  sing Y N 308 
TRP NE1 HE1  sing N N 309 
TRP CE2 CZ2  sing Y N 310 
TRP CE3 CZ3  doub Y N 311 
TRP CE3 HE3  sing N N 312 
TRP CZ2 CH2  doub Y N 313 
TRP CZ2 HZ2  sing N N 314 
TRP CZ3 CH2  sing Y N 315 
TRP CZ3 HZ3  sing N N 316 
TRP CH2 HH2  sing N N 317 
TRP OXT HXT  sing N N 318 
VAL N   CA   sing N N 319 
VAL N   H    sing N N 320 
VAL N   H2   sing N N 321 
VAL CA  C    sing N N 322 
VAL CA  CB   sing N N 323 
VAL CA  HA   sing N N 324 
VAL C   O    doub N N 325 
VAL C   OXT  sing N N 326 
VAL CB  CG1  sing N N 327 
VAL CB  CG2  sing N N 328 
VAL CB  HB   sing N N 329 
VAL CG1 HG11 sing N N 330 
VAL CG1 HG12 sing N N 331 
VAL CG1 HG13 sing N N 332 
VAL CG2 HG21 sing N N 333 
VAL CG2 HG22 sing N N 334 
VAL CG2 HG23 sing N N 335 
VAL OXT HXT  sing N N 336 
# 
_pdbx_nmr_spectrometer.spectrometer_id   1 
_pdbx_nmr_spectrometer.model             AVANCE 
_pdbx_nmr_spectrometer.manufacturer      Bruker 
_pdbx_nmr_spectrometer.field_strength    600 
_pdbx_nmr_spectrometer.type              ? 
# 
_atom_sites.entry_id                    2B8F 
_atom_sites.fract_transf_matrix[1][1]   1.000000 
_atom_sites.fract_transf_matrix[1][2]   0.000000 
_atom_sites.fract_transf_matrix[1][3]   0.000000 
_atom_sites.fract_transf_matrix[2][1]   0.000000 
_atom_sites.fract_transf_matrix[2][2]   1.000000 
_atom_sites.fract_transf_matrix[2][3]   0.000000 
_atom_sites.fract_transf_matrix[3][1]   0.000000 
_atom_sites.fract_transf_matrix[3][2]   0.000000 
_atom_sites.fract_transf_matrix[3][3]   1.000000 
_atom_sites.fract_transf_vector[1]      0.00000 
_atom_sites.fract_transf_vector[2]      0.00000 
_atom_sites.fract_transf_vector[3]      0.00000 
# 
loop_
_atom_type.symbol 
C 
H 
N 
O 
S 
# 
loop_
_atom_site.group_PDB 
_atom_site.id 
_atom_site.type_symbol 
_atom_site.label_atom_id 
_atom_site.label_alt_id 
_atom_site.label_comp_id 
_atom_site.label_asym_id 
_atom_site.label_entity_id 
_atom_site.label_seq_id 
_atom_site.pdbx_PDB_ins_code 
_atom_site.Cartn_x 
_atom_site.Cartn_y 
_atom_site.Cartn_z 
_atom_site.occupancy 
_atom_site.B_iso_or_equiv 
_atom_site.pdbx_formal_charge 
_atom_site.auth_seq_id 
_atom_site.auth_comp_id 
_atom_site.auth_asym_id 
_atom_site.auth_atom_id 
_atom_site.pdbx_PDB_model_num 
ATOM 1    N N    . THR A 1 1  ? 1.780   -4.354  -9.361  1.00 10.00 ? 2  THR A N    1 
ATOM 2    C CA   . THR A 1 1  ? 2.363   -3.706  -8.165  1.00 10.00 ? 2  THR A CA   1 
ATOM 3    C C    . THR A 1 1  ? 1.353   -2.675  -7.637  1.00 10.00 ? 2  THR A C    1 
ATOM 4    O O    . THR A 1 1  ? 0.506   -2.211  -8.407  1.00 10.00 ? 2  THR A O    1 
ATOM 5    C CB   . THR A 1 1  ? 3.746   -3.092  -8.511  1.00 10.00 ? 2  THR A CB   1 
ATOM 6    O OG1  . THR A 1 1  ? 4.248   -3.585  -9.743  1.00 10.00 ? 2  THR A OG1  1 
ATOM 7    C CG2  . THR A 1 1  ? 4.800   -3.453  -7.464  1.00 10.00 ? 2  THR A CG2  1 
ATOM 8    H H1   . THR A 1 1  ? 0.960   -4.882  -9.113  1.00 10.00 ? 2  THR A H1   1 
ATOM 9    H H2   . THR A 1 1  ? 1.519   -3.633  -10.016 1.00 10.00 ? 2  THR A H2   1 
ATOM 10   H H3   . THR A 1 1  ? 2.484   -4.932  -9.795  1.00 10.00 ? 2  THR A H3   1 
ATOM 11   H HA   . THR A 1 1  ? 2.510   -4.468  -7.397  1.00 10.00 ? 2  THR A HA   1 
ATOM 12   H HB   . THR A 1 1  ? 3.658   -2.009  -8.578  1.00 10.00 ? 2  THR A HB   1 
ATOM 13   H HG1  . THR A 1 1  ? 4.985   -3.016  -10.019 1.00 10.00 ? 2  THR A HG1  1 
ATOM 14   H HG21 . THR A 1 1  ? 4.475   -3.107  -6.488  1.00 10.00 ? 2  THR A HG21 1 
ATOM 15   H HG22 . THR A 1 1  ? 4.951   -4.534  -7.427  1.00 10.00 ? 2  THR A HG22 1 
ATOM 16   H HG23 . THR A 1 1  ? 5.746   -2.966  -7.707  1.00 10.00 ? 2  THR A HG23 1 
ATOM 17   N N    . VAL A 1 2  ? 1.396   -2.314  -6.349  1.00 10.00 ? 3  VAL A N    1 
ATOM 18   C CA   . VAL A 1 2  ? 0.572   -1.231  -5.802  1.00 10.00 ? 3  VAL A CA   1 
ATOM 19   C C    . VAL A 1 2  ? 1.541   -0.283  -5.098  1.00 10.00 ? 3  VAL A C    1 
ATOM 20   O O    . VAL A 1 2  ? 2.527   -0.739  -4.510  1.00 10.00 ? 3  VAL A O    1 
ATOM 21   C CB   . VAL A 1 2  ? -0.546  -1.784  -4.884  1.00 10.00 ? 3  VAL A CB   1 
ATOM 22   C CG1  . VAL A 1 2  ? -1.494  -0.676  -4.397  1.00 10.00 ? 3  VAL A CG1  1 
ATOM 23   C CG2  . VAL A 1 2  ? -1.401  -2.859  -5.579  1.00 10.00 ? 3  VAL A CG2  1 
ATOM 24   H H    . VAL A 1 2  ? 2.106   -2.691  -5.725  1.00 10.00 ? 3  VAL A H    1 
ATOM 25   H HA   . VAL A 1 2  ? 0.098   -0.684  -6.619  1.00 10.00 ? 3  VAL A HA   1 
ATOM 26   H HB   . VAL A 1 2  ? -0.083  -2.236  -4.011  1.00 10.00 ? 3  VAL A HB   1 
ATOM 27   H HG11 . VAL A 1 2  ? -0.947  0.058   -3.803  1.00 10.00 ? 3  VAL A HG11 1 
ATOM 28   H HG12 . VAL A 1 2  ? -1.961  -0.173  -5.245  1.00 10.00 ? 3  VAL A HG12 1 
ATOM 29   H HG13 . VAL A 1 2  ? -2.268  -1.102  -3.757  1.00 10.00 ? 3  VAL A HG13 1 
ATOM 30   H HG21 . VAL A 1 2  ? -1.820  -2.466  -6.507  1.00 10.00 ? 3  VAL A HG21 1 
ATOM 31   H HG22 . VAL A 1 2  ? -0.795  -3.737  -5.805  1.00 10.00 ? 3  VAL A HG22 1 
ATOM 32   H HG23 . VAL A 1 2  ? -2.212  -3.177  -4.923  1.00 10.00 ? 3  VAL A HG23 1 
ATOM 33   N N    . SER A 1 3  ? 1.274   1.020   -5.173  1.00 10.00 ? 4  SER A N    1 
ATOM 34   C CA   . SER A 1 3  ? 2.216   2.078   -4.833  1.00 10.00 ? 4  SER A CA   1 
ATOM 35   C C    . SER A 1 3  ? 1.464   3.259   -4.214  1.00 10.00 ? 4  SER A C    1 
ATOM 36   O O    . SER A 1 3  ? 0.260   3.427   -4.434  1.00 10.00 ? 4  SER A O    1 
ATOM 37   C CB   . SER A 1 3  ? 2.950   2.522   -6.108  1.00 10.00 ? 4  SER A CB   1 
ATOM 38   O OG   . SER A 1 3  ? 3.578   1.421   -6.749  1.00 10.00 ? 4  SER A OG   1 
ATOM 39   H H    . SER A 1 3  ? 0.413   1.329   -5.601  1.00 10.00 ? 4  SER A H    1 
ATOM 40   H HA   . SER A 1 3  ? 2.944   1.712   -4.111  1.00 10.00 ? 4  SER A HA   1 
ATOM 41   H HB2  . SER A 1 3  ? 2.232   2.973   -6.795  1.00 10.00 ? 4  SER A HB2  1 
ATOM 42   H HB3  . SER A 1 3  ? 3.699   3.270   -5.853  1.00 10.00 ? 4  SER A HB3  1 
ATOM 43   H HG   . SER A 1 3  ? 3.963   1.736   -7.583  1.00 10.00 ? 4  SER A HG   1 
ATOM 44   N N    . ILE A 1 4  ? 2.177   4.068   -3.434  1.00 10.00 ? 5  ILE A N    1 
ATOM 45   C CA   . ILE A 1 4  ? 1.660   5.284   -2.819  1.00 10.00 ? 5  ILE A CA   1 
ATOM 46   C C    . ILE A 1 4  ? 1.581   6.367   -3.907  1.00 10.00 ? 5  ILE A C    1 
ATOM 47   O O    . ILE A 1 4  ? 2.255   6.279   -4.937  1.00 10.00 ? 5  ILE A O    1 
ATOM 48   C CB   . ILE A 1 4  ? 2.552   5.656   -1.606  1.00 10.00 ? 5  ILE A CB   1 
ATOM 49   C CG1  . ILE A 1 4  ? 2.780   4.458   -0.652  1.00 10.00 ? 5  ILE A CG1  1 
ATOM 50   C CG2  . ILE A 1 4  ? 1.979   6.835   -0.795  1.00 10.00 ? 5  ILE A CG2  1 
ATOM 51   C CD1  . ILE A 1 4  ? 1.510   3.767   -0.143  1.00 10.00 ? 5  ILE A CD1  1 
ATOM 52   H H    . ILE A 1 4  ? 3.178   3.904   -3.356  1.00 10.00 ? 5  ILE A H    1 
ATOM 53   H HA   . ILE A 1 4  ? 0.649   5.084   -2.463  1.00 10.00 ? 5  ILE A HA   1 
ATOM 54   H HB   . ILE A 1 4  ? 3.531   5.958   -1.980  1.00 10.00 ? 5  ILE A HB   1 
ATOM 55   H HG12 . ILE A 1 4  ? 3.406   3.712   -1.144  1.00 10.00 ? 5  ILE A HG12 1 
ATOM 56   H HG13 . ILE A 1 4  ? 3.333   4.803   0.216   1.00 10.00 ? 5  ILE A HG13 1 
ATOM 57   H HG21 . ILE A 1 4  ? 2.014   7.748   -1.382  1.00 10.00 ? 5  ILE A HG21 1 
ATOM 58   H HG22 . ILE A 1 4  ? 0.951   6.638   -0.491  1.00 10.00 ? 5  ILE A HG22 1 
ATOM 59   H HG23 . ILE A 1 4  ? 2.582   7.007   0.096   1.00 10.00 ? 5  ILE A HG23 1 
ATOM 60   H HD11 . ILE A 1 4  ? 0.875   4.480   0.379   1.00 10.00 ? 5  ILE A HD11 1 
ATOM 61   H HD12 . ILE A 1 4  ? 0.961   3.318   -0.969  1.00 10.00 ? 5  ILE A HD12 1 
ATOM 62   H HD13 . ILE A 1 4  ? 1.794   2.980   0.553   1.00 10.00 ? 5  ILE A HD13 1 
ATOM 63   N N    . GLN A 1 5  ? 0.745   7.389   -3.698  1.00 10.00 ? 6  GLN A N    1 
ATOM 64   C CA   . GLN A 1 5  ? 0.328   8.323   -4.748  1.00 10.00 ? 6  GLN A CA   1 
ATOM 65   C C    . GLN A 1 5  ? 0.717   9.774   -4.409  1.00 10.00 ? 6  GLN A C    1 
ATOM 66   O O    . GLN A 1 5  ? 0.391   10.690  -5.165  1.00 10.00 ? 6  GLN A O    1 
ATOM 67   C CB   . GLN A 1 5  ? -1.192  8.193   -5.005  1.00 10.00 ? 6  GLN A CB   1 
ATOM 68   C CG   . GLN A 1 5  ? -1.761  6.762   -4.907  1.00 10.00 ? 6  GLN A CG   1 
ATOM 69   C CD   . GLN A 1 5  ? -3.253  6.702   -5.252  1.00 10.00 ? 6  GLN A CD   1 
ATOM 70   O OE1  . GLN A 1 5  ? -3.688  7.144   -6.313  1.00 10.00 ? 6  GLN A OE1  1 
ATOM 71   N NE2  . GLN A 1 5  ? -4.077  6.156   -4.370  1.00 10.00 ? 6  GLN A NE2  1 
ATOM 72   H H    . GLN A 1 5  ? 0.233   7.431   -2.827  1.00 10.00 ? 6  GLN A H    1 
ATOM 73   H HA   . GLN A 1 5  ? 0.836   8.061   -5.677  1.00 10.00 ? 6  GLN A HA   1 
ATOM 74   H HB2  . GLN A 1 5  ? -1.732  8.814   -4.293  1.00 10.00 ? 6  GLN A HB2  1 
ATOM 75   H HB3  . GLN A 1 5  ? -1.396  8.583   -6.002  1.00 10.00 ? 6  GLN A HB3  1 
ATOM 76   H HG2  . GLN A 1 5  ? -1.213  6.099   -5.578  1.00 10.00 ? 6  GLN A HG2  1 
ATOM 77   H HG3  . GLN A 1 5  ? -1.629  6.394   -3.888  1.00 10.00 ? 6  GLN A HG3  1 
ATOM 78   H HE21 . GLN A 1 5  ? -3.721  5.790   -3.498  1.00 10.00 ? 6  GLN A HE21 1 
ATOM 79   H HE22 . GLN A 1 5  ? -5.066  6.099   -4.566  1.00 10.00 ? 6  GLN A HE22 1 
ATOM 80   N N    . MET A 1 6  ? 1.402   9.995   -3.280  1.00 10.00 ? 7  MET A N    1 
ATOM 81   C CA   . MET A 1 6  ? 1.747   11.305  -2.741  1.00 10.00 ? 7  MET A CA   1 
ATOM 82   C C    . MET A 1 6  ? 2.930   11.149  -1.778  1.00 10.00 ? 7  MET A C    1 
ATOM 83   O O    . MET A 1 6  ? 3.177   10.052  -1.269  1.00 10.00 ? 7  MET A O    1 
ATOM 84   C CB   . MET A 1 6  ? 0.527   11.950  -2.041  1.00 10.00 ? 7  MET A CB   1 
ATOM 85   C CG   . MET A 1 6  ? -0.205  11.101  -0.986  1.00 10.00 ? 7  MET A CG   1 
ATOM 86   S SD   . MET A 1 6  ? -1.324  9.817   -1.632  1.00 10.00 ? 7  MET A SD   1 
ATOM 87   C CE   . MET A 1 6  ? -2.511  9.650   -0.272  1.00 10.00 ? 7  MET A CE   1 
ATOM 88   H H    . MET A 1 6  ? 1.700   9.210   -2.719  1.00 10.00 ? 7  MET A H    1 
ATOM 89   H HA   . MET A 1 6  ? 2.056   11.956  -3.562  1.00 10.00 ? 7  MET A HA   1 
ATOM 90   H HB2  . MET A 1 6  ? 0.863   12.867  -1.556  1.00 10.00 ? 7  MET A HB2  1 
ATOM 91   H HB3  . MET A 1 6  ? -0.198  12.243  -2.801  1.00 10.00 ? 7  MET A HB3  1 
ATOM 92   H HG2  . MET A 1 6  ? 0.524   10.638  -0.322  1.00 10.00 ? 7  MET A HG2  1 
ATOM 93   H HG3  . MET A 1 6  ? -0.809  11.786  -0.389  1.00 10.00 ? 7  MET A HG3  1 
ATOM 94   H HE1  . MET A 1 6  ? -2.010  9.266   0.613   1.00 10.00 ? 7  MET A HE1  1 
ATOM 95   H HE2  . MET A 1 6  ? -2.957  10.619  -0.050  1.00 10.00 ? 7  MET A HE2  1 
ATOM 96   H HE3  . MET A 1 6  ? -3.299  8.954   -0.562  1.00 10.00 ? 7  MET A HE3  1 
ATOM 97   N N    . ALA A 1 7  ? 3.670   12.233  -1.534  1.00 10.00 ? 8  ALA A N    1 
ATOM 98   C CA   . ALA A 1 7  ? 4.714   12.269  -0.513  1.00 10.00 ? 8  ALA A CA   1 
ATOM 99   C C    . ALA A 1 7  ? 4.086   12.189  0.878   1.00 10.00 ? 8  ALA A C    1 
ATOM 100  O O    . ALA A 1 7  ? 3.004   12.743  1.093   1.00 10.00 ? 8  ALA A O    1 
ATOM 101  C CB   . ALA A 1 7  ? 5.536   13.553  -0.665  1.00 10.00 ? 8  ALA A CB   1 
ATOM 102  H H    . ALA A 1 7  ? 3.407   13.111  -1.957  1.00 10.00 ? 8  ALA A H    1 
ATOM 103  H HA   . ALA A 1 7  ? 5.377   11.420  -0.637  1.00 10.00 ? 8  ALA A HA   1 
ATOM 104  H HB1  . ALA A 1 7  ? 5.966   13.603  -1.667  1.00 10.00 ? 8  ALA A HB1  1 
ATOM 105  H HB2  . ALA A 1 7  ? 4.904   14.426  -0.498  1.00 10.00 ? 8  ALA A HB2  1 
ATOM 106  H HB3  . ALA A 1 7  ? 6.344   13.557  0.068   1.00 10.00 ? 8  ALA A HB3  1 
ATOM 107  N N    . GLY A 1 8  ? 4.772   11.550  1.828   1.00 10.00 ? 9  GLY A N    1 
ATOM 108  C CA   . GLY A 1 8  ? 4.331   11.487  3.213   1.00 10.00 ? 9  GLY A CA   1 
ATOM 109  C C    . GLY A 1 8  ? 5.098   10.425  3.989   1.00 10.00 ? 9  GLY A C    1 
ATOM 110  O O    . GLY A 1 8  ? 6.199   10.019  3.604   1.00 10.00 ? 9  GLY A O    1 
ATOM 111  H H    . GLY A 1 8  ? 5.635   11.065  1.601   1.00 10.00 ? 9  GLY A H    1 
ATOM 112  H HA2  . GLY A 1 8  ? 4.481   12.456  3.689   1.00 10.00 ? 9  GLY A HA2  1 
ATOM 113  H HA3  . GLY A 1 8  ? 3.267   11.256  3.242   1.00 10.00 ? 9  GLY A HA3  1 
ATOM 114  N N    . ASN A 1 9  ? 4.522   9.967   5.098   1.00 10.00 ? 10 ASN A N    1 
ATOM 115  C CA   . ASN A 1 9  ? 5.021   8.843   5.889   1.00 10.00 ? 10 ASN A CA   1 
ATOM 116  C C    . ASN A 1 9  ? 3.865   7.864   6.041   1.00 10.00 ? 10 ASN A C    1 
ATOM 117  O O    . ASN A 1 9  ? 2.717   8.273   6.219   1.00 10.00 ? 10 ASN A O    1 
ATOM 118  C CB   . ASN A 1 9  ? 5.527   9.312   7.266   1.00 10.00 ? 10 ASN A CB   1 
ATOM 119  C CG   . ASN A 1 9  ? 6.995   9.741   7.300   1.00 10.00 ? 10 ASN A CG   1 
ATOM 120  O OD1  . ASN A 1 9  ? 7.634   9.673   8.346   1.00 10.00 ? 10 ASN A OD1  1 
ATOM 121  N ND2  . ASN A 1 9  ? 7.574   10.211  6.204   1.00 10.00 ? 10 ASN A ND2  1 
ATOM 122  H H    . ASN A 1 9  ? 3.609   10.337  5.361   1.00 10.00 ? 10 ASN A H    1 
ATOM 123  H HA   . ASN A 1 9  ? 5.832   8.339   5.363   1.00 10.00 ? 10 ASN A HA   1 
ATOM 124  H HB2  . ASN A 1 9  ? 4.900   10.130  7.624   1.00 10.00 ? 10 ASN A HB2  1 
ATOM 125  H HB3  . ASN A 1 9  ? 5.417   8.483   7.967   1.00 10.00 ? 10 ASN A HB3  1 
ATOM 126  H HD21 . ASN A 1 9  ? 7.066   10.262  5.325   1.00 10.00 ? 10 ASN A HD21 1 
ATOM 127  H HD22 . ASN A 1 9  ? 8.527   10.537  6.251   1.00 10.00 ? 10 ASN A HD22 1 
ATOM 128  N N    . LEU A 1 10 ? 4.144   6.571   5.931   1.00 10.00 ? 11 LEU A N    1 
ATOM 129  C CA   . LEU A 1 10 ? 3.125   5.538   5.784   1.00 10.00 ? 11 LEU A CA   1 
ATOM 130  C C    . LEU A 1 10 ? 2.566   5.156   7.155   1.00 10.00 ? 11 LEU A C    1 
ATOM 131  O O    . LEU A 1 10 ? 3.004   4.173   7.750   1.00 10.00 ? 11 LEU A O    1 
ATOM 132  C CB   . LEU A 1 10 ? 3.731   4.354   5.017   1.00 10.00 ? 11 LEU A CB   1 
ATOM 133  C CG   . LEU A 1 10 ? 2.677   3.366   4.490   1.00 10.00 ? 11 LEU A CG   1 
ATOM 134  C CD1  . LEU A 1 10 ? 1.762   3.998   3.430   1.00 10.00 ? 11 LEU A CD1  1 
ATOM 135  C CD2  . LEU A 1 10 ? 3.416   2.187   3.855   1.00 10.00 ? 11 LEU A CD2  1 
ATOM 136  H H    . LEU A 1 10 ? 5.116   6.288   5.827   1.00 10.00 ? 11 LEU A H    1 
ATOM 137  H HA   . LEU A 1 10 ? 2.316   5.957   5.187   1.00 10.00 ? 11 LEU A HA   1 
ATOM 138  H HB2  . LEU A 1 10 ? 4.294   4.740   4.171   1.00 10.00 ? 11 LEU A HB2  1 
ATOM 139  H HB3  . LEU A 1 10 ? 4.436   3.831   5.666   1.00 10.00 ? 11 LEU A HB3  1 
ATOM 140  H HG   . LEU A 1 10 ? 2.067   2.997   5.316   1.00 10.00 ? 11 LEU A HG   1 
ATOM 141  H HD11 . LEU A 1 10 ? 1.099   4.731   3.885   1.00 10.00 ? 11 LEU A HD11 1 
ATOM 142  H HD12 . LEU A 1 10 ? 2.357   4.482   2.657   1.00 10.00 ? 11 LEU A HD12 1 
ATOM 143  H HD13 . LEU A 1 10 ? 1.141   3.230   2.970   1.00 10.00 ? 11 LEU A HD13 1 
ATOM 144  H HD21 . LEU A 1 10 ? 4.036   2.526   3.026   1.00 10.00 ? 11 LEU A HD21 1 
ATOM 145  H HD22 . LEU A 1 10 ? 4.045   1.713   4.610   1.00 10.00 ? 11 LEU A HD22 1 
ATOM 146  H HD23 . LEU A 1 10 ? 2.703   1.453   3.489   1.00 10.00 ? 11 LEU A HD23 1 
ATOM 147  N N    . TRP A 1 11 ? 1.660   5.989   7.674   1.00 10.00 ? 12 TRP A N    1 
ATOM 148  C CA   . TRP A 1 11 ? 1.096   5.962   9.023   1.00 10.00 ? 12 TRP A CA   1 
ATOM 149  C C    . TRP A 1 11 ? 0.919   4.545   9.575   1.00 10.00 ? 12 TRP A C    1 
ATOM 150  O O    . TRP A 1 11 ? 1.494   4.231   10.620  1.00 10.00 ? 12 TRP A O    1 
ATOM 151  C CB   . TRP A 1 11 ? -0.236  6.732   9.019   1.00 10.00 ? 12 TRP A CB   1 
ATOM 152  C CG   . TRP A 1 11 ? -0.787  7.107   10.364  1.00 10.00 ? 12 TRP A CG   1 
ATOM 153  C CD1  . TRP A 1 11 ? -0.294  8.081   11.159  1.00 10.00 ? 12 TRP A CD1  1 
ATOM 154  C CD2  . TRP A 1 11 ? -1.941  6.563   11.084  1.00 10.00 ? 12 TRP A CD2  1 
ATOM 155  N NE1  . TRP A 1 11 ? -1.053  8.185   12.306  1.00 10.00 ? 12 TRP A NE1  1 
ATOM 156  C CE2  . TRP A 1 11 ? -2.088  7.277   12.313  1.00 10.00 ? 12 TRP A CE2  1 
ATOM 157  C CE3  . TRP A 1 11 ? -2.883  5.544   10.829  1.00 10.00 ? 12 TRP A CE3  1 
ATOM 158  C CZ2  . TRP A 1 11 ? -3.117  7.001   13.227  1.00 10.00 ? 12 TRP A CZ2  1 
ATOM 159  C CZ3  . TRP A 1 11 ? -3.925  5.263   11.734  1.00 10.00 ? 12 TRP A CZ3  1 
ATOM 160  C CH2  . TRP A 1 11 ? -4.043  5.987   12.932  1.00 10.00 ? 12 TRP A CH2  1 
ATOM 161  H H    . TRP A 1 11 ? 1.404   6.781   7.101   1.00 10.00 ? 12 TRP A H    1 
ATOM 162  H HA   . TRP A 1 11 ? 1.791   6.492   9.675   1.00 10.00 ? 12 TRP A HA   1 
ATOM 163  H HB2  . TRP A 1 11 ? -0.108  7.653   8.452   1.00 10.00 ? 12 TRP A HB2  1 
ATOM 164  H HB3  . TRP A 1 11 ? -0.983  6.140   8.495   1.00 10.00 ? 12 TRP A HB3  1 
ATOM 165  H HD1  . TRP A 1 11 ? 0.562   8.702   10.929  1.00 10.00 ? 12 TRP A HD1  1 
ATOM 166  H HE1  . TRP A 1 11 ? -0.857  8.866   13.032  1.00 10.00 ? 12 TRP A HE1  1 
ATOM 167  H HE3  . TRP A 1 11 ? -2.800  4.968   9.924   1.00 10.00 ? 12 TRP A HE3  1 
ATOM 168  H HZ2  . TRP A 1 11 ? -3.199  7.563   14.147  1.00 10.00 ? 12 TRP A HZ2  1 
ATOM 169  H HZ3  . TRP A 1 11 ? -4.639  4.482   11.508  1.00 10.00 ? 12 TRP A HZ3  1 
ATOM 170  H HH2  . TRP A 1 11 ? -4.844  5.764   13.625  1.00 10.00 ? 12 TRP A HH2  1 
ATOM 171  N N    . LYS A 1 12 ? 0.186   3.677   8.862   1.00 10.00 ? 13 LYS A N    1 
ATOM 172  C CA   . LYS A 1 12 ? 0.023   2.262   9.201   1.00 10.00 ? 13 LYS A CA   1 
ATOM 173  C C    . LYS A 1 12 ? -0.139  1.454   7.916   1.00 10.00 ? 13 LYS A C    1 
ATOM 174  O O    . LYS A 1 12 ? -0.445  2.021   6.868   1.00 10.00 ? 13 LYS A O    1 
ATOM 175  C CB   . LYS A 1 12 ? -1.189  2.036   10.134  1.00 10.00 ? 13 LYS A CB   1 
ATOM 176  C CG   . LYS A 1 12 ? -0.966  2.544   11.569  1.00 10.00 ? 13 LYS A CG   1 
ATOM 177  C CD   . LYS A 1 12 ? -2.146  2.188   12.484  1.00 10.00 ? 13 LYS A CD   1 
ATOM 178  C CE   . LYS A 1 12 ? -1.964  2.792   13.886  1.00 10.00 ? 13 LYS A CE   1 
ATOM 179  N NZ   . LYS A 1 12 ? -1.300  1.864   14.838  1.00 10.00 ? 13 LYS A NZ   1 
ATOM 180  H H    . LYS A 1 12 ? -0.151  3.964   7.949   1.00 10.00 ? 13 LYS A H    1 
ATOM 181  H HA   . LYS A 1 12 ? 0.929   1.926   9.698   1.00 10.00 ? 13 LYS A HA   1 
ATOM 182  H HB2  . LYS A 1 12 ? -2.069  2.519   9.707   1.00 10.00 ? 13 LYS A HB2  1 
ATOM 183  H HB3  . LYS A 1 12 ? -1.389  0.964   10.193  1.00 10.00 ? 13 LYS A HB3  1 
ATOM 184  H HG2  . LYS A 1 12 ? -0.052  2.106   11.971  1.00 10.00 ? 13 LYS A HG2  1 
ATOM 185  H HG3  . LYS A 1 12 ? -0.863  3.628   11.554  1.00 10.00 ? 13 LYS A HG3  1 
ATOM 186  H HD2  . LYS A 1 12 ? -3.057  2.601   12.050  1.00 10.00 ? 13 LYS A HD2  1 
ATOM 187  H HD3  . LYS A 1 12 ? -2.265  1.104   12.545  1.00 10.00 ? 13 LYS A HD3  1 
ATOM 188  H HE2  . LYS A 1 12 ? -1.386  3.715   13.801  1.00 10.00 ? 13 LYS A HE2  1 
ATOM 189  H HE3  . LYS A 1 12 ? -2.949  3.056   14.279  1.00 10.00 ? 13 LYS A HE3  1 
ATOM 190  H HZ1  . LYS A 1 12 ? -1.866  1.044   15.000  1.00 10.00 ? 13 LYS A HZ1  1 
ATOM 191  H HZ2  . LYS A 1 12 ? -0.395  1.568   14.505  1.00 10.00 ? 13 LYS A HZ2  1 
ATOM 192  H HZ3  . LYS A 1 12 ? -1.164  2.312   15.733  1.00 10.00 ? 13 LYS A HZ3  1 
ATOM 193  N N    . VAL A 1 13 ? 0.019   0.134   8.014   1.00 10.00 ? 14 VAL A N    1 
ATOM 194  C CA   . VAL A 1 13 ? -0.119  -0.832  6.925   1.00 10.00 ? 14 VAL A CA   1 
ATOM 195  C C    . VAL A 1 13 ? -0.922  -2.006  7.494   1.00 10.00 ? 14 VAL A C    1 
ATOM 196  O O    . VAL A 1 13 ? -0.824  -2.286  8.692   1.00 10.00 ? 14 VAL A O    1 
ATOM 197  C CB   . VAL A 1 13 ? 1.281   -1.263  6.422   1.00 10.00 ? 14 VAL A CB   1 
ATOM 198  C CG1  . VAL A 1 13 ? 1.192   -2.218  5.222   1.00 10.00 ? 14 VAL A CG1  1 
ATOM 199  C CG2  . VAL A 1 13 ? 2.130   -0.056  6.000   1.00 10.00 ? 14 VAL A CG2  1 
ATOM 200  H H    . VAL A 1 13 ? 0.191   -0.275  8.923   1.00 10.00 ? 14 VAL A H    1 
ATOM 201  H HA   . VAL A 1 13 ? -0.672  -0.380  6.101   1.00 10.00 ? 14 VAL A HA   1 
ATOM 202  H HB   . VAL A 1 13 ? 1.807   -1.774  7.229   1.00 10.00 ? 14 VAL A HB   1 
ATOM 203  H HG11 . VAL A 1 13 ? 0.762   -3.169  5.533   1.00 10.00 ? 14 VAL A HG11 1 
ATOM 204  H HG12 . VAL A 1 13 ? 0.584   -1.780  4.429   1.00 10.00 ? 14 VAL A HG12 1 
ATOM 205  H HG13 . VAL A 1 13 ? 2.191   -2.422  4.832   1.00 10.00 ? 14 VAL A HG13 1 
ATOM 206  H HG21 . VAL A 1 13 ? 1.573   0.538   5.275   1.00 10.00 ? 14 VAL A HG21 1 
ATOM 207  H HG22 . VAL A 1 13 ? 2.375   0.565   6.861   1.00 10.00 ? 14 VAL A HG22 1 
ATOM 208  H HG23 . VAL A 1 13 ? 3.066   -0.391  5.553   1.00 10.00 ? 14 VAL A HG23 1 
ATOM 209  N N    . HIS A 1 14 ? -1.722  -2.679  6.659   1.00 10.00 ? 15 HIS A N    1 
ATOM 210  C CA   . HIS A 1 14 ? -2.718  -3.655  7.112   1.00 10.00 ? 15 HIS A CA   1 
ATOM 211  C C    . HIS A 1 14 ? -2.569  -5.019  6.417   1.00 10.00 ? 15 HIS A C    1 
ATOM 212  O O    . HIS A 1 14 ? -3.363  -5.925  6.676   1.00 10.00 ? 15 HIS A O    1 
ATOM 213  C CB   . HIS A 1 14 ? -4.130  -3.079  6.895   1.00 10.00 ? 15 HIS A CB   1 
ATOM 214  C CG   . HIS A 1 14 ? -4.298  -1.636  7.317   1.00 10.00 ? 15 HIS A CG   1 
ATOM 215  N ND1  . HIS A 1 14 ? -3.877  -1.055  8.494   1.00 10.00 ? 15 HIS A ND1  1 
ATOM 216  C CD2  . HIS A 1 14 ? -4.848  -0.642  6.556   1.00 10.00 ? 15 HIS A CD2  1 
ATOM 217  C CE1  . HIS A 1 14 ? -4.158  0.257   8.433   1.00 10.00 ? 15 HIS A CE1  1 
ATOM 218  N NE2  . HIS A 1 14 ? -4.747  0.562   7.262   1.00 10.00 ? 15 HIS A NE2  1 
ATOM 219  H H    . HIS A 1 14 ? -1.817  -2.351  5.700   1.00 10.00 ? 15 HIS A H    1 
ATOM 220  H HA   . HIS A 1 14 ? -2.590  -3.826  8.181   1.00 10.00 ? 15 HIS A HA   1 
ATOM 221  H HB2  . HIS A 1 14 ? -4.375  -3.155  5.834   1.00 10.00 ? 15 HIS A HB2  1 
ATOM 222  H HB3  . HIS A 1 14 ? -4.849  -3.688  7.444   1.00 10.00 ? 15 HIS A HB3  1 
ATOM 223  H HD1  . HIS A 1 14 ? -3.417  -1.525  9.267   1.00 10.00 ? 15 HIS A HD1  1 
ATOM 224  H HD2  . HIS A 1 14 ? -5.267  -0.769  5.568   1.00 10.00 ? 15 HIS A HD2  1 
ATOM 225  H HE1  . HIS A 1 14 ? -3.942  0.971   9.217   1.00 10.00 ? 15 HIS A HE1  1 
ATOM 226  N N    . VAL A 1 15 ? -1.565  -5.179  5.550   1.00 10.00 ? 16 VAL A N    1 
ATOM 227  C CA   . VAL A 1 15 ? -1.303  -6.403  4.793   1.00 10.00 ? 16 VAL A CA   1 
ATOM 228  C C    . VAL A 1 15 ? -0.077  -7.134  5.342   1.00 10.00 ? 16 VAL A C    1 
ATOM 229  O O    . VAL A 1 15 ? 0.723   -6.576  6.099   1.00 10.00 ? 16 VAL A O    1 
ATOM 230  C CB   . VAL A 1 15 ? -1.132  -6.086  3.290   1.00 10.00 ? 16 VAL A CB   1 
ATOM 231  C CG1  . VAL A 1 15 ? -2.498  -5.915  2.625   1.00 10.00 ? 16 VAL A CG1  1 
ATOM 232  C CG2  . VAL A 1 15 ? -0.249  -4.856  3.017   1.00 10.00 ? 16 VAL A CG2  1 
ATOM 233  H H    . VAL A 1 15 ? -0.913  -4.422  5.421   1.00 10.00 ? 16 VAL A H    1 
ATOM 234  H HA   . VAL A 1 15 ? -2.153  -7.080  4.896   1.00 10.00 ? 16 VAL A HA   1 
ATOM 235  H HB   . VAL A 1 15 ? -0.656  -6.940  2.809   1.00 10.00 ? 16 VAL A HB   1 
ATOM 236  H HG11 . VAL A 1 15 ? -3.072  -6.838  2.718   1.00 10.00 ? 16 VAL A HG11 1 
ATOM 237  H HG12 . VAL A 1 15 ? -3.055  -5.106  3.098   1.00 10.00 ? 16 VAL A HG12 1 
ATOM 238  H HG13 . VAL A 1 15 ? -2.361  -5.710  1.564   1.00 10.00 ? 16 VAL A HG13 1 
ATOM 239  H HG21 . VAL A 1 15 ? -0.762  -3.935  3.295   1.00 10.00 ? 16 VAL A HG21 1 
ATOM 240  H HG22 . VAL A 1 15 ? 0.686   -4.933  3.571   1.00 10.00 ? 16 VAL A HG22 1 
ATOM 241  H HG23 . VAL A 1 15 ? -0.008  -4.816  1.957   1.00 10.00 ? 16 VAL A HG23 1 
ATOM 242  N N    . LYS A 1 16 ? 0.078   -8.387  4.912   1.00 10.00 ? 17 LYS A N    1 
ATOM 243  C CA   . LYS A 1 16 ? 1.233   -9.247  5.130   1.00 10.00 ? 17 LYS A CA   1 
ATOM 244  C C    . LYS A 1 16 ? 1.328   -10.168 3.915   1.00 10.00 ? 17 LYS A C    1 
ATOM 245  O O    . LYS A 1 16 ? 0.334   -10.338 3.203   1.00 10.00 ? 17 LYS A O    1 
ATOM 246  C CB   . LYS A 1 16 ? 1.068   -10.041 6.443   1.00 10.00 ? 17 LYS A CB   1 
ATOM 247  C CG   . LYS A 1 16 ? -0.184  -10.939 6.472   1.00 10.00 ? 17 LYS A CG   1 
ATOM 248  C CD   . LYS A 1 16 ? -0.306  -11.703 7.794   1.00 10.00 ? 17 LYS A CD   1 
ATOM 249  C CE   . LYS A 1 16 ? -1.524  -12.636 7.730   1.00 10.00 ? 17 LYS A CE   1 
ATOM 250  N NZ   . LYS A 1 16 ? -1.724  -13.389 8.993   1.00 10.00 ? 17 LYS A NZ   1 
ATOM 251  H H    . LYS A 1 16 ? -0.602  -8.768  4.263   1.00 10.00 ? 17 LYS A H    1 
ATOM 252  H HA   . LYS A 1 16 ? 2.135   -8.634  5.192   1.00 10.00 ? 17 LYS A HA   1 
ATOM 253  H HB2  . LYS A 1 16 ? 1.954   -10.662 6.591   1.00 10.00 ? 17 LYS A HB2  1 
ATOM 254  H HB3  . LYS A 1 16 ? 1.015   -9.335  7.275   1.00 10.00 ? 17 LYS A HB3  1 
ATOM 255  H HG2  . LYS A 1 16 ? -1.075  -10.324 6.346   1.00 10.00 ? 17 LYS A HG2  1 
ATOM 256  H HG3  . LYS A 1 16 ? -0.134  -11.659 5.656   1.00 10.00 ? 17 LYS A HG3  1 
ATOM 257  H HD2  . LYS A 1 16 ? 0.599   -12.290 7.960   1.00 10.00 ? 17 LYS A HD2  1 
ATOM 258  H HD3  . LYS A 1 16 ? -0.429  -10.989 8.612   1.00 10.00 ? 17 LYS A HD3  1 
ATOM 259  H HE2  . LYS A 1 16 ? -2.415  -12.041 7.516   1.00 10.00 ? 17 LYS A HE2  1 
ATOM 260  H HE3  . LYS A 1 16 ? -1.382  -13.339 6.905   1.00 10.00 ? 17 LYS A HE3  1 
ATOM 261  H HZ1  . LYS A 1 16 ? -0.919  -13.955 9.214   1.00 10.00 ? 17 LYS A HZ1  1 
ATOM 262  H HZ2  . LYS A 1 16 ? -1.897  -12.766 9.768   1.00 10.00 ? 17 LYS A HZ2  1 
ATOM 263  H HZ3  . LYS A 1 16 ? -2.519  -14.007 8.917   1.00 10.00 ? 17 LYS A HZ3  1 
ATOM 264  N N    . ALA A 1 17 ? 2.489   -10.780 3.678   1.00 10.00 ? 18 ALA A N    1 
ATOM 265  C CA   . ALA A 1 17 ? 2.617   -11.796 2.639   1.00 10.00 ? 18 ALA A CA   1 
ATOM 266  C C    . ALA A 1 17 ? 1.619   -12.927 2.928   1.00 10.00 ? 18 ALA A C    1 
ATOM 267  O O    . ALA A 1 17 ? 1.529   -13.403 4.062   1.00 10.00 ? 18 ALA A O    1 
ATOM 268  C CB   . ALA A 1 17 ? 4.057   -12.319 2.588   1.00 10.00 ? 18 ALA A CB   1 
ATOM 269  H H    . ALA A 1 17 ? 3.266   -10.636 4.306   1.00 10.00 ? 18 ALA A H    1 
ATOM 270  H HA   . ALA A 1 17 ? 2.378   -11.342 1.677   1.00 10.00 ? 18 ALA A HA   1 
ATOM 271  H HB1  . ALA A 1 17 ? 4.744   -11.499 2.374   1.00 10.00 ? 18 ALA A HB1  1 
ATOM 272  H HB2  . ALA A 1 17 ? 4.324   -12.779 3.541   1.00 10.00 ? 18 ALA A HB2  1 
ATOM 273  H HB3  . ALA A 1 17 ? 4.143   -13.067 1.799   1.00 10.00 ? 18 ALA A HB3  1 
ATOM 274  N N    . GLY A 1 18 ? 0.873   -13.346 1.906   1.00 10.00 ? 19 GLY A N    1 
ATOM 275  C CA   . GLY A 1 18 ? -0.125  -14.404 1.989   1.00 10.00 ? 19 GLY A CA   1 
ATOM 276  C C    . GLY A 1 18 ? -1.535  -13.888 2.297   1.00 10.00 ? 19 GLY A C    1 
ATOM 277  O O    . GLY A 1 18 ? -2.479  -14.678 2.252   1.00 10.00 ? 19 GLY A O    1 
ATOM 278  H H    . GLY A 1 18 ? 0.994   -12.907 0.999   1.00 10.00 ? 19 GLY A H    1 
ATOM 279  H HA2  . GLY A 1 18 ? -0.148  -14.924 1.030   1.00 10.00 ? 19 GLY A HA2  1 
ATOM 280  H HA3  . GLY A 1 18 ? 0.165   -15.120 2.758   1.00 10.00 ? 19 GLY A HA3  1 
ATOM 281  N N    . ASP A 1 19 ? -1.705  -12.596 2.608   1.00 10.00 ? 20 ASP A N    1 
ATOM 282  C CA   . ASP A 1 19 ? -3.031  -11.981 2.736   1.00 10.00 ? 20 ASP A CA   1 
ATOM 283  C C    . ASP A 1 19 ? -3.681  -11.835 1.349   1.00 10.00 ? 20 ASP A C    1 
ATOM 284  O O    . ASP A 1 19 ? -3.012  -12.036 0.334   1.00 10.00 ? 20 ASP A O    1 
ATOM 285  C CB   . ASP A 1 19 ? -2.910  -10.620 3.440   1.00 10.00 ? 20 ASP A CB   1 
ATOM 286  C CG   . ASP A 1 19 ? -4.264  -10.036 3.888   1.00 10.00 ? 20 ASP A CG   1 
ATOM 287  O OD1  . ASP A 1 19 ? -5.249  -10.796 4.039   1.00 10.00 ? 20 ASP A OD1  1 
ATOM 288  O OD2  . ASP A 1 19 ? -4.331  -8.811  4.122   1.00 10.00 ? 20 ASP A OD2  1 
ATOM 289  H H    . ASP A 1 19 ? -0.905  -11.975 2.621   1.00 10.00 ? 20 ASP A H    1 
ATOM 290  H HA   . ASP A 1 19 ? -3.657  -12.629 3.350   1.00 10.00 ? 20 ASP A HA   1 
ATOM 291  H HB2  . ASP A 1 19 ? -2.286  -10.742 4.327   1.00 10.00 ? 20 ASP A HB2  1 
ATOM 292  H HB3  . ASP A 1 19 ? -2.410  -9.917  2.769   1.00 10.00 ? 20 ASP A HB3  1 
ATOM 293  N N    . GLN A 1 20 ? -4.953  -11.442 1.274   1.00 10.00 ? 21 GLN A N    1 
ATOM 294  C CA   . GLN A 1 20 ? -5.662  -11.165 0.029   1.00 10.00 ? 21 GLN A CA   1 
ATOM 295  C C    . GLN A 1 20 ? -6.271  -9.768  0.127   1.00 10.00 ? 21 GLN A C    1 
ATOM 296  O O    . GLN A 1 20 ? -6.742  -9.367  1.193   1.00 10.00 ? 21 GLN A O    1 
ATOM 297  C CB   . GLN A 1 20 ? -6.745  -12.238 -0.207  1.00 10.00 ? 21 GLN A CB   1 
ATOM 298  C CG   . GLN A 1 20 ? -7.357  -12.206 -1.625  1.00 10.00 ? 21 GLN A CG   1 
ATOM 299  C CD   . GLN A 1 20 ? -8.864  -11.931 -1.629  1.00 10.00 ? 21 GLN A CD   1 
ATOM 300  O OE1  . GLN A 1 20 ? -9.655  -12.701 -1.090  1.00 10.00 ? 21 GLN A OE1  1 
ATOM 301  N NE2  . GLN A 1 20 ? -9.306  -10.844 -2.244  1.00 10.00 ? 21 GLN A NE2  1 
ATOM 302  H H    . GLN A 1 20 ? -5.443  -11.221 2.138   1.00 10.00 ? 21 GLN A H    1 
ATOM 303  H HA   . GLN A 1 20 ? -4.958  -11.187 -0.801  1.00 10.00 ? 21 GLN A HA   1 
ATOM 304  H HB2  . GLN A 1 20 ? -6.300  -13.222 -0.052  1.00 10.00 ? 21 GLN A HB2  1 
ATOM 305  H HB3  . GLN A 1 20 ? -7.529  -12.119 0.541   1.00 10.00 ? 21 GLN A HB3  1 
ATOM 306  H HG2  . GLN A 1 20 ? -6.848  -11.469 -2.243  1.00 10.00 ? 21 GLN A HG2  1 
ATOM 307  H HG3  . GLN A 1 20 ? -7.196  -13.174 -2.101  1.00 10.00 ? 21 GLN A HG3  1 
ATOM 308  H HE21 . GLN A 1 20 ? -8.660  -10.197 -2.693  1.00 10.00 ? 21 GLN A HE21 1 
ATOM 309  H HE22 . GLN A 1 20 ? -10.297 -10.655 -2.279  1.00 10.00 ? 21 GLN A HE22 1 
ATOM 310  N N    . ILE A 1 21 ? -6.289  -9.048  -0.995  1.00 10.00 ? 22 ILE A N    1 
ATOM 311  C CA   . ILE A 1 21 ? -6.888  -7.727  -1.127  1.00 10.00 ? 22 ILE A CA   1 
ATOM 312  C C    . ILE A 1 21 ? -7.824  -7.743  -2.336  1.00 10.00 ? 22 ILE A C    1 
ATOM 313  O O    . ILE A 1 21 ? -7.739  -8.632  -3.192  1.00 10.00 ? 22 ILE A O    1 
ATOM 314  C CB   . ILE A 1 21 ? -5.803  -6.622  -1.199  1.00 10.00 ? 22 ILE A CB   1 
ATOM 315  C CG1  . ILE A 1 21 ? -4.980  -6.658  -2.509  1.00 10.00 ? 22 ILE A CG1  1 
ATOM 316  C CG2  . ILE A 1 21 ? -4.894  -6.689  0.041   1.00 10.00 ? 22 ILE A CG2  1 
ATOM 317  C CD1  . ILE A 1 21 ? -3.888  -5.581  -2.586  1.00 10.00 ? 22 ILE A CD1  1 
ATOM 318  H H    . ILE A 1 21 ? -5.882  -9.440  -1.839  1.00 10.00 ? 22 ILE A H    1 
ATOM 319  H HA   . ILE A 1 21 ? -7.502  -7.531  -0.248  1.00 10.00 ? 22 ILE A HA   1 
ATOM 320  H HB   . ILE A 1 21 ? -6.321  -5.661  -1.167  1.00 10.00 ? 22 ILE A HB   1 
ATOM 321  H HG12 . ILE A 1 21 ? -4.505  -7.631  -2.624  1.00 10.00 ? 22 ILE A HG12 1 
ATOM 322  H HG13 . ILE A 1 21 ? -5.653  -6.506  -3.352  1.00 10.00 ? 22 ILE A HG13 1 
ATOM 323  H HG21 . ILE A 1 21 ? -5.498  -6.733  0.947   1.00 10.00 ? 22 ILE A HG21 1 
ATOM 324  H HG22 . ILE A 1 21 ? -4.251  -7.567  -0.001  1.00 10.00 ? 22 ILE A HG22 1 
ATOM 325  H HG23 . ILE A 1 21 ? -4.268  -5.801  0.093   1.00 10.00 ? 22 ILE A HG23 1 
ATOM 326  H HD11 . ILE A 1 21 ? -4.277  -4.620  -2.254  1.00 10.00 ? 22 ILE A HD11 1 
ATOM 327  H HD12 . ILE A 1 21 ? -3.042  -5.861  -1.957  1.00 10.00 ? 22 ILE A HD12 1 
ATOM 328  H HD13 . ILE A 1 21 ? -3.547  -5.485  -3.617  1.00 10.00 ? 22 ILE A HD13 1 
ATOM 329  N N    . GLU A 1 22 ? -8.708  -6.756  -2.416  1.00 10.00 ? 23 GLU A N    1 
ATOM 330  C CA   . GLU A 1 22 ? -9.691  -6.593  -3.475  1.00 10.00 ? 23 GLU A CA   1 
ATOM 331  C C    . GLU A 1 22 ? -9.646  -5.123  -3.883  1.00 10.00 ? 23 GLU A C    1 
ATOM 332  O O    . GLU A 1 22 ? -9.401  -4.268  -3.029  1.00 10.00 ? 23 GLU A O    1 
ATOM 333  C CB   . GLU A 1 22 ? -11.070 -7.031  -2.956  1.00 10.00 ? 23 GLU A CB   1 
ATOM 334  C CG   . GLU A 1 22 ? -12.170 -6.902  -4.020  1.00 10.00 ? 23 GLU A CG   1 
ATOM 335  C CD   . GLU A 1 22 ? -13.500 -7.523  -3.553  1.00 10.00 ? 23 GLU A CD   1 
ATOM 336  O OE1  . GLU A 1 22 ? -14.162 -6.960  -2.651  1.00 10.00 ? 23 GLU A OE1  1 
ATOM 337  O OE2  . GLU A 1 22 ? -13.912 -8.570  -4.102  1.00 10.00 ? 23 GLU A OE2  1 
ATOM 338  H H    . GLU A 1 22 ? -8.690  -6.011  -1.732  1.00 10.00 ? 23 GLU A H    1 
ATOM 339  H HA   . GLU A 1 22 ? -9.428  -7.221  -4.320  1.00 10.00 ? 23 GLU A HA   1 
ATOM 340  H HB2  . GLU A 1 22 ? -11.006 -8.075  -2.646  1.00 10.00 ? 23 GLU A HB2  1 
ATOM 341  H HB3  . GLU A 1 22 ? -11.338 -6.430  -2.086  1.00 10.00 ? 23 GLU A HB3  1 
ATOM 342  H HG2  . GLU A 1 22 ? -12.329 -5.848  -4.252  1.00 10.00 ? 23 GLU A HG2  1 
ATOM 343  H HG3  . GLU A 1 22 ? -11.836 -7.400  -4.932  1.00 10.00 ? 23 GLU A HG3  1 
ATOM 344  N N    . LYS A 1 23 ? -9.852  -4.818  -5.167  1.00 10.00 ? 24 LYS A N    1 
ATOM 345  C CA   . LYS A 1 23 ? -9.809  -3.449  -5.685  1.00 10.00 ? 24 LYS A CA   1 
ATOM 346  C C    . LYS A 1 23 ? -10.671 -2.527  -4.813  1.00 10.00 ? 24 LYS A C    1 
ATOM 347  O O    . LYS A 1 23 ? -11.852 -2.805  -4.593  1.00 10.00 ? 24 LYS A O    1 
ATOM 348  C CB   . LYS A 1 23 ? -10.268 -3.448  -7.153  1.00 10.00 ? 24 LYS A CB   1 
ATOM 349  C CG   . LYS A 1 23 ? -10.064 -2.080  -7.822  1.00 10.00 ? 24 LYS A CG   1 
ATOM 350  C CD   . LYS A 1 23 ? -10.555 -2.102  -9.278  1.00 10.00 ? 24 LYS A CD   1 
ATOM 351  C CE   . LYS A 1 23 ? -10.269 -0.776  -10.001 1.00 10.00 ? 24 LYS A CE   1 
ATOM 352  N NZ   . LYS A 1 23 ? -8.905  -0.719  -10.584 1.00 10.00 ? 24 LYS A NZ   1 
ATOM 353  H H    . LYS A 1 23 ? -10.020 -5.574  -5.825  1.00 10.00 ? 24 LYS A H    1 
ATOM 354  H HA   . LYS A 1 23 ? -8.772  -3.112  -5.642  1.00 10.00 ? 24 LYS A HA   1 
ATOM 355  H HB2  . LYS A 1 23 ? -9.695  -4.195  -7.704  1.00 10.00 ? 24 LYS A HB2  1 
ATOM 356  H HB3  . LYS A 1 23 ? -11.323 -3.721  -7.202  1.00 10.00 ? 24 LYS A HB3  1 
ATOM 357  H HG2  . LYS A 1 23 ? -10.622 -1.317  -7.278  1.00 10.00 ? 24 LYS A HG2  1 
ATOM 358  H HG3  . LYS A 1 23 ? -9.007  -1.825  -7.789  1.00 10.00 ? 24 LYS A HG3  1 
ATOM 359  H HD2  . LYS A 1 23 ? -10.097 -2.931  -9.821  1.00 10.00 ? 24 LYS A HD2  1 
ATOM 360  H HD3  . LYS A 1 23 ? -11.635 -2.260  -9.270  1.00 10.00 ? 24 LYS A HD3  1 
ATOM 361  H HE2  . LYS A 1 23 ? -10.998 -0.658  -10.805 1.00 10.00 ? 24 LYS A HE2  1 
ATOM 362  H HE3  . LYS A 1 23 ? -10.410 0.049   -9.300  1.00 10.00 ? 24 LYS A HE3  1 
ATOM 363  H HZ1  . LYS A 1 23 ? -8.186  -0.898  -9.889  1.00 10.00 ? 24 LYS A HZ1  1 
ATOM 364  H HZ2  . LYS A 1 23 ? -8.798  -1.403  -11.320 1.00 10.00 ? 24 LYS A HZ2  1 
ATOM 365  H HZ3  . LYS A 1 23 ? -8.727  0.189   -10.988 1.00 10.00 ? 24 LYS A HZ3  1 
ATOM 366  N N    . GLY A 1 24 ? -10.082 -1.436  -4.323  1.00 10.00 ? 25 GLY A N    1 
ATOM 367  C CA   . GLY A 1 24 ? -10.761 -0.435  -3.510  1.00 10.00 ? 25 GLY A CA   1 
ATOM 368  C C    . GLY A 1 24 ? -10.785 -0.756  -2.010  1.00 10.00 ? 25 GLY A C    1 
ATOM 369  O O    . GLY A 1 24 ? -11.202 0.103   -1.232  1.00 10.00 ? 25 GLY A O    1 
ATOM 370  H H    . GLY A 1 24 ? -9.108  -1.258  -4.557  1.00 10.00 ? 25 GLY A H    1 
ATOM 371  H HA2  . GLY A 1 24 ? -10.253 0.519   -3.651  1.00 10.00 ? 25 GLY A HA2  1 
ATOM 372  H HA3  . GLY A 1 24 ? -11.788 -0.327  -3.859  1.00 10.00 ? 25 GLY A HA3  1 
ATOM 373  N N    . GLN A 1 25 ? -10.339 -1.943  -1.577  1.00 10.00 ? 26 GLN A N    1 
ATOM 374  C CA   . GLN A 1 25 ? -10.141 -2.243  -0.160  1.00 10.00 ? 26 GLN A CA   1 
ATOM 375  C C    . GLN A 1 25 ? -9.022  -1.340  0.369   1.00 10.00 ? 26 GLN A C    1 
ATOM 376  O O    . GLN A 1 25 ? -8.057  -1.079  -0.348  1.00 10.00 ? 26 GLN A O    1 
ATOM 377  C CB   . GLN A 1 25 ? -9.758  -3.724  0.007   1.00 10.00 ? 26 GLN A CB   1 
ATOM 378  C CG   . GLN A 1 25 ? -9.825  -4.216  1.461   1.00 10.00 ? 26 GLN A CG   1 
ATOM 379  C CD   . GLN A 1 25 ? -8.921  -5.427  1.675   1.00 10.00 ? 26 GLN A CD   1 
ATOM 380  O OE1  . GLN A 1 25 ? -9.295  -6.561  1.390   1.00 10.00 ? 26 GLN A OE1  1 
ATOM 381  N NE2  . GLN A 1 25 ? -7.709  -5.209  2.160   1.00 10.00 ? 26 GLN A NE2  1 
ATOM 382  H H    . GLN A 1 25 ? -9.992  -2.625  -2.244  1.00 10.00 ? 26 GLN A H    1 
ATOM 383  H HA   . GLN A 1 25 ? -11.071 -2.045  0.376   1.00 10.00 ? 26 GLN A HA   1 
ATOM 384  H HB2  . GLN A 1 25 ? -10.432 -4.345  -0.583  1.00 10.00 ? 26 GLN A HB2  1 
ATOM 385  H HB3  . GLN A 1 25 ? -8.744  -3.864  -0.373  1.00 10.00 ? 26 GLN A HB3  1 
ATOM 386  H HG2  . GLN A 1 25 ? -9.515  -3.432  2.150   1.00 10.00 ? 26 GLN A HG2  1 
ATOM 387  H HG3  . GLN A 1 25 ? -10.855 -4.476  1.707   1.00 10.00 ? 26 GLN A HG3  1 
ATOM 388  H HE21 . GLN A 1 25 ? -7.417  -4.252  2.375   1.00 10.00 ? 26 GLN A HE21 1 
ATOM 389  H HE22 . GLN A 1 25 ? -7.089  -5.980  2.345   1.00 10.00 ? 26 GLN A HE22 1 
ATOM 390  N N    . GLU A 1 26 ? -9.116  -0.896  1.622   1.00 10.00 ? 27 GLU A N    1 
ATOM 391  C CA   . GLU A 1 26 ? -8.022  -0.233  2.325   1.00 10.00 ? 27 GLU A CA   1 
ATOM 392  C C    . GLU A 1 26 ? -6.840  -1.205  2.485   1.00 10.00 ? 27 GLU A C    1 
ATOM 393  O O    . GLU A 1 26 ? -7.037  -2.419  2.622   1.00 10.00 ? 27 GLU A O    1 
ATOM 394  C CB   . GLU A 1 26 ? -8.561  0.261   3.677   1.00 10.00 ? 27 GLU A CB   1 
ATOM 395  C CG   . GLU A 1 26 ? -7.618  1.221   4.416   1.00 10.00 ? 27 GLU A CG   1 
ATOM 396  C CD   . GLU A 1 26 ? -8.264  1.718   5.723   1.00 10.00 ? 27 GLU A CD   1 
ATOM 397  O OE1  . GLU A 1 26 ? -8.403  0.926   6.684   1.00 10.00 ? 27 GLU A OE1  1 
ATOM 398  O OE2  . GLU A 1 26 ? -8.671  2.900   5.793   1.00 10.00 ? 27 GLU A OE2  1 
ATOM 399  H H    . GLU A 1 26 ? -9.928  -1.145  2.168   1.00 10.00 ? 27 GLU A H    1 
ATOM 400  H HA   . GLU A 1 26 ? -7.700  0.626   1.739   1.00 10.00 ? 27 GLU A HA   1 
ATOM 401  H HB2  . GLU A 1 26 ? -9.500  0.789   3.503   1.00 10.00 ? 27 GLU A HB2  1 
ATOM 402  H HB3  . GLU A 1 26 ? -8.771  -0.601  4.312   1.00 10.00 ? 27 GLU A HB3  1 
ATOM 403  H HG2  . GLU A 1 26 ? -6.680  0.714   4.639   1.00 10.00 ? 27 GLU A HG2  1 
ATOM 404  H HG3  . GLU A 1 26 ? -7.393  2.067   3.762   1.00 10.00 ? 27 GLU A HG3  1 
ATOM 405  N N    . VAL A 1 27 ? -5.616  -0.672  2.485   1.00 10.00 ? 28 VAL A N    1 
ATOM 406  C CA   . VAL A 1 27 ? -4.379  -1.459  2.563   1.00 10.00 ? 28 VAL A CA   1 
ATOM 407  C C    . VAL A 1 27 ? -3.355  -0.806  3.493   1.00 10.00 ? 28 VAL A C    1 
ATOM 408  O O    . VAL A 1 27 ? -2.574  -1.505  4.142   1.00 10.00 ? 28 VAL A O    1 
ATOM 409  C CB   . VAL A 1 27 ? -3.746  -1.659  1.161   1.00 10.00 ? 28 VAL A CB   1 
ATOM 410  C CG1  . VAL A 1 27 ? -3.313  -3.111  0.992   1.00 10.00 ? 28 VAL A CG1  1 
ATOM 411  C CG2  . VAL A 1 27 ? -4.618  -1.295  -0.042  1.00 10.00 ? 28 VAL A CG2  1 
ATOM 412  H H    . VAL A 1 27 ? -5.530  0.321   2.292   1.00 10.00 ? 28 VAL A H    1 
ATOM 413  H HA   . VAL A 1 27 ? -4.622  -2.433  2.989   1.00 10.00 ? 28 VAL A HA   1 
ATOM 414  H HB   . VAL A 1 27 ? -2.856  -1.034  1.087   1.00 10.00 ? 28 VAL A HB   1 
ATOM 415  H HG11 . VAL A 1 27 ? -2.500  -3.316  1.685   1.00 10.00 ? 28 VAL A HG11 1 
ATOM 416  H HG12 . VAL A 1 27 ? -4.155  -3.774  1.192   1.00 10.00 ? 28 VAL A HG12 1 
ATOM 417  H HG13 . VAL A 1 27 ? -2.960  -3.286  -0.021  1.00 10.00 ? 28 VAL A HG13 1 
ATOM 418  H HG21 . VAL A 1 27 ? -5.539  -1.877  -0.033  1.00 10.00 ? 28 VAL A HG21 1 
ATOM 419  H HG22 . VAL A 1 27 ? -4.840  -0.232  -0.008  1.00 10.00 ? 28 VAL A HG22 1 
ATOM 420  H HG23 . VAL A 1 27 ? -4.074  -1.490  -0.966  1.00 10.00 ? 28 VAL A HG23 1 
ATOM 421  N N    . ALA A 1 28 ? -3.365  0.526   3.578   1.00 10.00 ? 29 ALA A N    1 
ATOM 422  C CA   . ALA A 1 28 ? -2.480  1.314   4.414   1.00 10.00 ? 29 ALA A CA   1 
ATOM 423  C C    . ALA A 1 28 ? -3.136  2.679   4.634   1.00 10.00 ? 29 ALA A C    1 
ATOM 424  O O    . ALA A 1 28 ? -4.199  2.966   4.075   1.00 10.00 ? 29 ALA A O    1 
ATOM 425  C CB   . ALA A 1 28 ? -1.112  1.446   3.720   1.00 10.00 ? 29 ALA A CB   1 
ATOM 426  H H    . ALA A 1 28 ? -4.066  1.060   3.080   1.00 10.00 ? 29 ALA A H    1 
ATOM 427  H HA   . ALA A 1 28 ? -2.357  0.828   5.382   1.00 10.00 ? 29 ALA A HA   1 
ATOM 428  H HB1  . ALA A 1 28 ? -0.654  0.462   3.612   1.00 10.00 ? 29 ALA A HB1  1 
ATOM 429  H HB2  . ALA A 1 28 ? -1.222  1.893   2.733   1.00 10.00 ? 29 ALA A HB2  1 
ATOM 430  H HB3  . ALA A 1 28 ? -0.447  2.070   4.315   1.00 10.00 ? 29 ALA A HB3  1 
ATOM 431  N N    . ILE A 1 29 ? -2.480  3.539   5.406   1.00 10.00 ? 30 ILE A N    1 
ATOM 432  C CA   . ILE A 1 29 ? -2.863  4.926   5.628   1.00 10.00 ? 30 ILE A CA   1 
ATOM 433  C C    . ILE A 1 29 ? -1.562  5.723   5.519   1.00 10.00 ? 30 ILE A C    1 
ATOM 434  O O    . ILE A 1 29 ? -0.492  5.233   5.885   1.00 10.00 ? 30 ILE A O    1 
ATOM 435  C CB   . ILE A 1 29 ? -3.573  5.075   6.999   1.00 10.00 ? 30 ILE A CB   1 
ATOM 436  C CG1  . ILE A 1 29 ? -4.918  4.306   7.023   1.00 10.00 ? 30 ILE A CG1  1 
ATOM 437  C CG2  . ILE A 1 29 ? -3.826  6.550   7.366   1.00 10.00 ? 30 ILE A CG2  1 
ATOM 438  C CD1  . ILE A 1 29 ? -5.583  4.215   8.402   1.00 10.00 ? 30 ILE A CD1  1 
ATOM 439  H H    . ILE A 1 29 ? -1.592  3.250   5.809   1.00 10.00 ? 30 ILE A H    1 
ATOM 440  H HA   . ILE A 1 29 ? -3.540  5.251   4.837   1.00 10.00 ? 30 ILE A HA   1 
ATOM 441  H HB   . ILE A 1 29 ? -2.915  4.641   7.752   1.00 10.00 ? 30 ILE A HB   1 
ATOM 442  H HG12 . ILE A 1 29 ? -5.615  4.770   6.326   1.00 10.00 ? 30 ILE A HG12 1 
ATOM 443  H HG13 . ILE A 1 29 ? -4.756  3.282   6.697   1.00 10.00 ? 30 ILE A HG13 1 
ATOM 444  H HG21 . ILE A 1 29 ? -2.895  7.115   7.387   1.00 10.00 ? 30 ILE A HG21 1 
ATOM 445  H HG22 . ILE A 1 29 ? -4.507  7.006   6.648   1.00 10.00 ? 30 ILE A HG22 1 
ATOM 446  H HG23 . ILE A 1 29 ? -4.259  6.628   8.363   1.00 10.00 ? 30 ILE A HG23 1 
ATOM 447  H HD11 . ILE A 1 29 ? -4.885  3.781   9.119   1.00 10.00 ? 30 ILE A HD11 1 
ATOM 448  H HD12 . ILE A 1 29 ? -5.904  5.198   8.745   1.00 10.00 ? 30 ILE A HD12 1 
ATOM 449  H HD13 . ILE A 1 29 ? -6.460  3.573   8.333   1.00 10.00 ? 30 ILE A HD13 1 
ATOM 450  N N    . LEU A 1 30 ? -1.661  6.949   5.017   1.00 10.00 ? 31 LEU A N    1 
ATOM 451  C CA   . LEU A 1 30 ? -0.568  7.836   4.663   1.00 10.00 ? 31 LEU A CA   1 
ATOM 452  C C    . LEU A 1 30 ? -0.786  9.118   5.455   1.00 10.00 ? 31 LEU A C    1 
ATOM 453  O O    . LEU A 1 30 ? -1.866  9.701   5.391   1.00 10.00 ? 31 LEU A O    1 
ATOM 454  C CB   . LEU A 1 30 ? -0.634  8.037   3.134   1.00 10.00 ? 31 LEU A CB   1 
ATOM 455  C CG   . LEU A 1 30 ? 0.344   9.023   2.467   1.00 10.00 ? 31 LEU A CG   1 
ATOM 456  C CD1  . LEU A 1 30 ? -0.083  10.490  2.574   1.00 10.00 ? 31 LEU A CD1  1 
ATOM 457  C CD2  . LEU A 1 30 ? 1.772   8.859   2.980   1.00 10.00 ? 31 LEU A CD2  1 
ATOM 458  H H    . LEU A 1 30 ? -2.589  7.292   4.781   1.00 10.00 ? 31 LEU A H    1 
ATOM 459  H HA   . LEU A 1 30 ? 0.387   7.386   4.932   1.00 10.00 ? 31 LEU A HA   1 
ATOM 460  H HB2  . LEU A 1 30 ? -0.452  7.061   2.685   1.00 10.00 ? 31 LEU A HB2  1 
ATOM 461  H HB3  . LEU A 1 30 ? -1.649  8.330   2.859   1.00 10.00 ? 31 LEU A HB3  1 
ATOM 462  H HG   . LEU A 1 30 ? 0.352   8.777   1.405   1.00 10.00 ? 31 LEU A HG   1 
ATOM 463  H HD11 . LEU A 1 30 ? -1.100  10.611  2.202   1.00 10.00 ? 31 LEU A HD11 1 
ATOM 464  H HD12 . LEU A 1 30 ? -0.046  10.834  3.603   1.00 10.00 ? 31 LEU A HD12 1 
ATOM 465  H HD13 . LEU A 1 30 ? 0.585   11.105  1.972   1.00 10.00 ? 31 LEU A HD13 1 
ATOM 466  H HD21 . LEU A 1 30 ? 1.880   9.320   3.959   1.00 10.00 ? 31 LEU A HD21 1 
ATOM 467  H HD22 . LEU A 1 30 ? 2.011   7.800   3.051   1.00 10.00 ? 31 LEU A HD22 1 
ATOM 468  H HD23 . LEU A 1 30 ? 2.457   9.334   2.278   1.00 10.00 ? 31 LEU A HD23 1 
ATOM 469  N N    . GLU A 1 31 ? 0.213   9.543   6.222   1.00 10.00 ? 32 GLU A N    1 
ATOM 470  C CA   . GLU A 1 31 ? 0.221   10.811  6.931   1.00 10.00 ? 32 GLU A CA   1 
ATOM 471  C C    . GLU A 1 31 ? 0.955   11.808  6.037   1.00 10.00 ? 32 GLU A C    1 
ATOM 472  O O    . GLU A 1 31 ? 2.102   11.566  5.650   1.00 10.00 ? 32 GLU A O    1 
ATOM 473  C CB   . GLU A 1 31 ? 0.933   10.648  8.283   1.00 10.00 ? 32 GLU A CB   1 
ATOM 474  C CG   . GLU A 1 31 ? 0.896   11.938  9.115   1.00 10.00 ? 32 GLU A CG   1 
ATOM 475  C CD   . GLU A 1 31 ? 1.774   11.830  10.374  1.00 10.00 ? 32 GLU A CD   1 
ATOM 476  O OE1  . GLU A 1 31 ? 1.331   11.252  11.392  1.00 10.00 ? 32 GLU A OE1  1 
ATOM 477  O OE2  . GLU A 1 31 ? 2.916   12.343  10.364  1.00 10.00 ? 32 GLU A OE2  1 
ATOM 478  H H    . GLU A 1 31 ? 1.102   9.056   6.189   1.00 10.00 ? 32 GLU A H    1 
ATOM 479  H HA   . GLU A 1 31 ? -0.802  11.141  7.109   1.00 10.00 ? 32 GLU A HA   1 
ATOM 480  H HB2  . GLU A 1 31 ? 0.441   9.859   8.850   1.00 10.00 ? 32 GLU A HB2  1 
ATOM 481  H HB3  . GLU A 1 31 ? 1.971   10.355  8.115   1.00 10.00 ? 32 GLU A HB3  1 
ATOM 482  H HG2  . GLU A 1 31 ? 1.246   12.775  8.508   1.00 10.00 ? 32 GLU A HG2  1 
ATOM 483  H HG3  . GLU A 1 31 ? -0.138  12.145  9.399   1.00 10.00 ? 32 GLU A HG3  1 
ATOM 484  N N    . SER A 1 32 ? 0.294   12.911  5.696   1.00 10.00 ? 33 SER A N    1 
ATOM 485  C CA   . SER A 1 32 ? 0.860   14.029  4.956   1.00 10.00 ? 33 SER A CA   1 
ATOM 486  C C    . SER A 1 32 ? -0.125  15.192  5.059   1.00 10.00 ? 33 SER A C    1 
ATOM 487  O O    . SER A 1 32 ? -1.275  14.993  5.452   1.00 10.00 ? 33 SER A O    1 
ATOM 488  C CB   . SER A 1 32 ? 1.078   13.629  3.489   1.00 10.00 ? 33 SER A CB   1 
ATOM 489  O OG   . SER A 1 32 ? 1.948   14.525  2.832   1.00 10.00 ? 33 SER A OG   1 
ATOM 490  H H    . SER A 1 32 ? -0.646  13.061  6.056   1.00 10.00 ? 33 SER A H    1 
ATOM 491  H HA   . SER A 1 32 ? 1.814   14.307  5.406   1.00 10.00 ? 33 SER A HA   1 
ATOM 492  H HB2  . SER A 1 32 ? 1.539   12.645  3.450   1.00 10.00 ? 33 SER A HB2  1 
ATOM 493  H HB3  . SER A 1 32 ? 0.122   13.587  2.966   1.00 10.00 ? 33 SER A HB3  1 
ATOM 494  H HG   . SER A 1 32 ? 2.339   14.018  2.092   1.00 10.00 ? 33 SER A HG   1 
ATOM 495  N N    . MET A 1 33 ? 0.297   16.402  4.680   1.00 10.00 ? 34 MET A N    1 
ATOM 496  C CA   . MET A 1 33 ? -0.559  17.592  4.636   1.00 10.00 ? 34 MET A CA   1 
ATOM 497  C C    . MET A 1 33 ? -1.229  17.877  5.997   1.00 10.00 ? 34 MET A C    1 
ATOM 498  O O    . MET A 1 33 ? -2.330  18.429  6.053   1.00 10.00 ? 34 MET A O    1 
ATOM 499  C CB   . MET A 1 33 ? -1.575  17.464  3.478   1.00 10.00 ? 34 MET A CB   1 
ATOM 500  C CG   . MET A 1 33 ? -0.926  17.108  2.129   1.00 10.00 ? 34 MET A CG   1 
ATOM 501  S SD   . MET A 1 33 ? -2.093  16.881  0.755   1.00 10.00 ? 34 MET A SD   1 
ATOM 502  C CE   . MET A 1 33 ? -2.748  15.234  1.151   1.00 10.00 ? 34 MET A CE   1 
ATOM 503  H H    . MET A 1 33 ? 1.240   16.487  4.323   1.00 10.00 ? 34 MET A H    1 
ATOM 504  H HA   . MET A 1 33 ? 0.088   18.442  4.416   1.00 10.00 ? 34 MET A HA   1 
ATOM 505  H HB2  . MET A 1 33 ? -2.311  16.700  3.730   1.00 10.00 ? 34 MET A HB2  1 
ATOM 506  H HB3  . MET A 1 33 ? -2.102  18.412  3.364   1.00 10.00 ? 34 MET A HB3  1 
ATOM 507  H HG2  . MET A 1 33 ? -0.233  17.905  1.863   1.00 10.00 ? 34 MET A HG2  1 
ATOM 508  H HG3  . MET A 1 33 ? -0.354  16.186  2.228   1.00 10.00 ? 34 MET A HG3  1 
ATOM 509  H HE1  . MET A 1 33 ? -1.936  14.505  1.155   1.00 10.00 ? 34 MET A HE1  1 
ATOM 510  H HE2  . MET A 1 33 ? -3.226  15.246  2.131   1.00 10.00 ? 34 MET A HE2  1 
ATOM 511  H HE3  . MET A 1 33 ? -3.483  14.944  0.400   1.00 10.00 ? 34 MET A HE3  1 
ATOM 512  N N    . LYS A 1 34 ? -0.570  17.485  7.101   1.00 10.00 ? 35 LYS A N    1 
ATOM 513  C CA   . LYS A 1 34 ? -1.105  17.494  8.470   1.00 10.00 ? 35 LYS A CA   1 
ATOM 514  C C    . LYS A 1 34 ? -2.487  16.823  8.563   1.00 10.00 ? 35 LYS A C    1 
ATOM 515  O O    . LYS A 1 34 ? -3.361  17.279  9.306   1.00 10.00 ? 35 LYS A O    1 
ATOM 516  C CB   . LYS A 1 34 ? -1.046  18.909  9.083   1.00 10.00 ? 35 LYS A CB   1 
ATOM 517  C CG   . LYS A 1 34 ? 0.374   19.500  9.064   1.00 10.00 ? 35 LYS A CG   1 
ATOM 518  C CD   . LYS A 1 34 ? 0.446   20.829  9.827   1.00 10.00 ? 35 LYS A CD   1 
ATOM 519  C CE   . LYS A 1 34 ? 1.868   21.402  9.736   1.00 10.00 ? 35 LYS A CE   1 
ATOM 520  N NZ   . LYS A 1 34 ? 2.017   22.668  10.494  1.00 10.00 ? 35 LYS A NZ   1 
ATOM 521  H H    . LYS A 1 34 ? 0.340   17.068  6.973   1.00 10.00 ? 35 LYS A H    1 
ATOM 522  H HA   . LYS A 1 34 ? -0.439  16.866  9.065   1.00 10.00 ? 35 LYS A HA   1 
ATOM 523  H HB2  . LYS A 1 34 ? -1.721  19.573  8.541   1.00 10.00 ? 35 LYS A HB2  1 
ATOM 524  H HB3  . LYS A 1 34 ? -1.381  18.852  10.119  1.00 10.00 ? 35 LYS A HB3  1 
ATOM 525  H HG2  . LYS A 1 34 ? 1.064   18.791  9.523   1.00 10.00 ? 35 LYS A HG2  1 
ATOM 526  H HG3  . LYS A 1 34 ? 0.681   19.672  8.031   1.00 10.00 ? 35 LYS A HG3  1 
ATOM 527  H HD2  . LYS A 1 34 ? -0.263  21.536  9.393   1.00 10.00 ? 35 LYS A HD2  1 
ATOM 528  H HD3  . LYS A 1 34 ? 0.185   20.656  10.873  1.00 10.00 ? 35 LYS A HD3  1 
ATOM 529  H HE2  . LYS A 1 34 ? 2.571   20.661  10.127  1.00 10.00 ? 35 LYS A HE2  1 
ATOM 530  H HE3  . LYS A 1 34 ? 2.109   21.576  8.685   1.00 10.00 ? 35 LYS A HE3  1 
ATOM 531  H HZ1  . LYS A 1 34 ? 1.389   23.379  10.150  1.00 10.00 ? 35 LYS A HZ1  1 
ATOM 532  H HZ2  . LYS A 1 34 ? 1.834   22.531  11.477  1.00 10.00 ? 35 LYS A HZ2  1 
ATOM 533  H HZ3  . LYS A 1 34 ? 2.957   23.025  10.407  1.00 10.00 ? 35 LYS A HZ3  1 
ATOM 534  N N    . MET A 1 35 ? -2.682  15.733  7.820   1.00 10.00 ? 36 MET A N    1 
ATOM 535  C CA   . MET A 1 35 ? -3.852  14.865  7.842   1.00 10.00 ? 36 MET A CA   1 
ATOM 536  C C    . MET A 1 35 ? -3.372  13.411  7.753   1.00 10.00 ? 36 MET A C    1 
ATOM 537  O O    . MET A 1 35 ? -2.186  13.140  7.544   1.00 10.00 ? 36 MET A O    1 
ATOM 538  C CB   . MET A 1 35 ? -4.781  15.183  6.654   1.00 10.00 ? 36 MET A CB   1 
ATOM 539  C CG   . MET A 1 35 ? -5.435  16.566  6.717   1.00 10.00 ? 36 MET A CG   1 
ATOM 540  S SD   . MET A 1 35 ? -6.791  16.756  5.525   1.00 10.00 ? 36 MET A SD   1 
ATOM 541  C CE   . MET A 1 35 ? -7.275  18.469  5.867   1.00 10.00 ? 36 MET A CE   1 
ATOM 542  H H    . MET A 1 35 ? -1.934  15.409  7.216   1.00 10.00 ? 36 MET A H    1 
ATOM 543  H HA   . MET A 1 35 ? -4.400  14.998  8.777   1.00 10.00 ? 36 MET A HA   1 
ATOM 544  H HB2  . MET A 1 35 ? -4.223  15.097  5.721   1.00 10.00 ? 36 MET A HB2  1 
ATOM 545  H HB3  . MET A 1 35 ? -5.585  14.446  6.633   1.00 10.00 ? 36 MET A HB3  1 
ATOM 546  H HG2  . MET A 1 35 ? -5.833  16.722  7.720   1.00 10.00 ? 36 MET A HG2  1 
ATOM 547  H HG3  . MET A 1 35 ? -4.680  17.326  6.520   1.00 10.00 ? 36 MET A HG3  1 
ATOM 548  H HE1  . MET A 1 35 ? -7.446  18.601  6.935   1.00 10.00 ? 36 MET A HE1  1 
ATOM 549  H HE2  . MET A 1 35 ? -6.485  19.144  5.539   1.00 10.00 ? 36 MET A HE2  1 
ATOM 550  H HE3  . MET A 1 35 ? -8.194  18.703  5.326   1.00 10.00 ? 36 MET A HE3  1 
ATOM 551  N N    . GLU A 1 36 ? -4.311  12.468  7.843   1.00 10.00 ? 37 GLU A N    1 
ATOM 552  C CA   . GLU A 1 36 ? -4.100  11.074  7.489   1.00 10.00 ? 37 GLU A CA   1 
ATOM 553  C C    . GLU A 1 36 ? -5.113  10.753  6.388   1.00 10.00 ? 37 GLU A C    1 
ATOM 554  O O    . GLU A 1 36 ? -6.259  11.210  6.446   1.00 10.00 ? 37 GLU A O    1 
ATOM 555  C CB   . GLU A 1 36 ? -4.275  10.146  8.700   1.00 10.00 ? 37 GLU A CB   1 
ATOM 556  C CG   . GLU A 1 36 ? -3.287  10.395  9.853   1.00 10.00 ? 37 GLU A CG   1 
ATOM 557  C CD   . GLU A 1 36 ? -3.711  11.548  10.785  1.00 10.00 ? 37 GLU A CD   1 
ATOM 558  O OE1  . GLU A 1 36 ? -4.773  11.446  11.443  1.00 10.00 ? 37 GLU A OE1  1 
ATOM 559  O OE2  . GLU A 1 36 ? -2.967  12.546  10.920  1.00 10.00 ? 37 GLU A OE2  1 
ATOM 560  H H    . GLU A 1 36 ? -5.278  12.744  7.954   1.00 10.00 ? 37 GLU A H    1 
ATOM 561  H HA   . GLU A 1 36 ? -3.092  10.942  7.097   1.00 10.00 ? 37 GLU A HA   1 
ATOM 562  H HB2  . GLU A 1 36 ? -5.299  10.209  9.070   1.00 10.00 ? 37 GLU A HB2  1 
ATOM 563  H HB3  . GLU A 1 36 ? -4.119  9.128   8.350   1.00 10.00 ? 37 GLU A HB3  1 
ATOM 564  H HG2  . GLU A 1 36 ? -3.229  9.480   10.446  1.00 10.00 ? 37 GLU A HG2  1 
ATOM 565  H HG3  . GLU A 1 36 ? -2.292  10.574  9.439   1.00 10.00 ? 37 GLU A HG3  1 
ATOM 566  N N    . ILE A 1 37 ? -4.688  9.994   5.379   1.00 10.00 ? 38 ILE A N    1 
ATOM 567  C CA   . ILE A 1 37 ? -5.427  9.735   4.150   1.00 10.00 ? 38 ILE A CA   1 
ATOM 568  C C    . ILE A 1 37 ? -5.313  8.224   3.898   1.00 10.00 ? 38 ILE A C    1 
ATOM 569  O O    . ILE A 1 37 ? -4.206  7.690   4.005   1.00 10.00 ? 38 ILE A O    1 
ATOM 570  C CB   . ILE A 1 37 ? -4.837  10.570  2.977   1.00 10.00 ? 38 ILE A CB   1 
ATOM 571  C CG1  . ILE A 1 37 ? -4.717  12.091  3.267   1.00 10.00 ? 38 ILE A CG1  1 
ATOM 572  C CG2  . ILE A 1 37 ? -5.709  10.398  1.721   1.00 10.00 ? 38 ILE A CG2  1 
ATOM 573  C CD1  . ILE A 1 37 ? -3.359  12.526  3.838   1.00 10.00 ? 38 ILE A CD1  1 
ATOM 574  H H    . ILE A 1 37 ? -3.729  9.657   5.391   1.00 10.00 ? 38 ILE A H    1 
ATOM 575  H HA   . ILE A 1 37 ? -6.469  10.020  4.297   1.00 10.00 ? 38 ILE A HA   1 
ATOM 576  H HB   . ILE A 1 37 ? -3.843  10.186  2.740   1.00 10.00 ? 38 ILE A HB   1 
ATOM 577  H HG12 . ILE A 1 37 ? -4.850  12.651  2.340   1.00 10.00 ? 38 ILE A HG12 1 
ATOM 578  H HG13 . ILE A 1 37 ? -5.513  12.401  3.944   1.00 10.00 ? 38 ILE A HG13 1 
ATOM 579  H HG21 . ILE A 1 37 ? -5.765  9.349   1.433   1.00 10.00 ? 38 ILE A HG21 1 
ATOM 580  H HG22 . ILE A 1 37 ? -6.715  10.779  1.904   1.00 10.00 ? 38 ILE A HG22 1 
ATOM 581  H HG23 . ILE A 1 37 ? -5.273  10.946  0.884   1.00 10.00 ? 38 ILE A HG23 1 
ATOM 582  H HD11 . ILE A 1 37 ? -3.157  12.048  4.793   1.00 10.00 ? 38 ILE A HD11 1 
ATOM 583  H HD12 . ILE A 1 37 ? -2.565  12.272  3.134   1.00 10.00 ? 38 ILE A HD12 1 
ATOM 584  H HD13 . ILE A 1 37 ? -3.360  13.605  3.984   1.00 10.00 ? 38 ILE A HD13 1 
ATOM 585  N N    . PRO A 1 38 ? -6.407  7.505   3.596   1.00 10.00 ? 39 PRO A N    1 
ATOM 586  C CA   . PRO A 1 38 ? -6.338  6.076   3.324   1.00 10.00 ? 39 PRO A CA   1 
ATOM 587  C C    . PRO A 1 38 ? -5.598  5.806   2.009   1.00 10.00 ? 39 PRO A C    1 
ATOM 588  O O    . PRO A 1 38 ? -5.566  6.643   1.103   1.00 10.00 ? 39 PRO A O    1 
ATOM 589  C CB   . PRO A 1 38 ? -7.791  5.596   3.272   1.00 10.00 ? 39 PRO A CB   1 
ATOM 590  C CG   . PRO A 1 38 ? -8.561  6.839   2.831   1.00 10.00 ? 39 PRO A CG   1 
ATOM 591  C CD   . PRO A 1 38 ? -7.779  7.980   3.480   1.00 10.00 ? 39 PRO A CD   1 
ATOM 592  H HA   . PRO A 1 38 ? -5.819  5.566   4.137   1.00 10.00 ? 39 PRO A HA   1 
ATOM 593  H HB2  . PRO A 1 38 ? -7.932  4.763   2.581   1.00 10.00 ? 39 PRO A HB2  1 
ATOM 594  H HB3  . PRO A 1 38 ? -8.111  5.313   4.276   1.00 10.00 ? 39 PRO A HB3  1 
ATOM 595  H HG2  . PRO A 1 38 ? -8.514  6.933   1.745   1.00 10.00 ? 39 PRO A HG2  1 
ATOM 596  H HG3  . PRO A 1 38 ? -9.599  6.816   3.168   1.00 10.00 ? 39 PRO A HG3  1 
ATOM 597  H HD2  . PRO A 1 38 ? -7.845  8.875   2.862   1.00 10.00 ? 39 PRO A HD2  1 
ATOM 598  H HD3  . PRO A 1 38 ? -8.177  8.180   4.476   1.00 10.00 ? 39 PRO A HD3  1 
ATOM 599  N N    . ILE A 1 39 ? -5.066  4.593   1.887   1.00 10.00 ? 40 ILE A N    1 
ATOM 600  C CA   . ILE A 1 39 ? -4.465  4.051   0.680   1.00 10.00 ? 40 ILE A CA   1 
ATOM 601  C C    . ILE A 1 39 ? -5.270  2.788   0.391   1.00 10.00 ? 40 ILE A C    1 
ATOM 602  O O    . ILE A 1 39 ? -5.516  1.983   1.298   1.00 10.00 ? 40 ILE A O    1 
ATOM 603  C CB   . ILE A 1 39 ? -2.961  3.771   0.915   1.00 10.00 ? 40 ILE A CB   1 
ATOM 604  C CG1  . ILE A 1 39 ? -2.150  5.044   1.257   1.00 10.00 ? 40 ILE A CG1  1 
ATOM 605  C CG2  . ILE A 1 39 ? -2.319  3.023   -0.266  1.00 10.00 ? 40 ILE A CG2  1 
ATOM 606  C CD1  . ILE A 1 39 ? -2.030  6.069   0.118   1.00 10.00 ? 40 ILE A CD1  1 
ATOM 607  H H    . ILE A 1 39 ? -5.127  3.946   2.668   1.00 10.00 ? 40 ILE A H    1 
ATOM 608  H HA   . ILE A 1 39 ? -4.581  4.752   -0.147  1.00 10.00 ? 40 ILE A HA   1 
ATOM 609  H HB   . ILE A 1 39 ? -2.887  3.111   1.777   1.00 10.00 ? 40 ILE A HB   1 
ATOM 610  H HG12 . ILE A 1 39 ? -2.596  5.538   2.121   1.00 10.00 ? 40 ILE A HG12 1 
ATOM 611  H HG13 . ILE A 1 39 ? -1.145  4.744   1.554   1.00 10.00 ? 40 ILE A HG13 1 
ATOM 612  H HG21 . ILE A 1 39 ? -2.751  2.026   -0.363  1.00 10.00 ? 40 ILE A HG21 1 
ATOM 613  H HG22 . ILE A 1 39 ? -2.471  3.565   -1.201  1.00 10.00 ? 40 ILE A HG22 1 
ATOM 614  H HG23 . ILE A 1 39 ? -1.251  2.909   -0.088  1.00 10.00 ? 40 ILE A HG23 1 
ATOM 615  H HD11 . ILE A 1 39 ? -1.510  5.635   -0.736  1.00 10.00 ? 40 ILE A HD11 1 
ATOM 616  H HD12 . ILE A 1 39 ? -3.016  6.413   -0.190  1.00 10.00 ? 40 ILE A HD12 1 
ATOM 617  H HD13 . ILE A 1 39 ? -1.455  6.925   0.466   1.00 10.00 ? 40 ILE A HD13 1 
ATOM 618  N N    . VAL A 1 40 ? -5.688  2.623   -0.863  1.00 10.00 ? 41 VAL A N    1 
ATOM 619  C CA   . VAL A 1 40 ? -6.603  1.571   -1.281  1.00 10.00 ? 41 VAL A CA   1 
ATOM 620  C C    . VAL A 1 40 ? -5.979  0.776   -2.429  1.00 10.00 ? 41 VAL A C    1 
ATOM 621  O O    . VAL A 1 40 ? -5.134  1.289   -3.170  1.00 10.00 ? 41 VAL A O    1 
ATOM 622  C CB   . VAL A 1 40 ? -7.996  2.142   -1.626  1.00 10.00 ? 41 VAL A CB   1 
ATOM 623  C CG1  . VAL A 1 40 ? -8.659  2.790   -0.401  1.00 10.00 ? 41 VAL A CG1  1 
ATOM 624  C CG2  . VAL A 1 40 ? -7.968  3.165   -2.774  1.00 10.00 ? 41 VAL A CG2  1 
ATOM 625  H H    . VAL A 1 40 ? -5.391  3.269   -1.579  1.00 10.00 ? 41 VAL A H    1 
ATOM 626  H HA   . VAL A 1 40 ? -6.736  0.886   -0.447  1.00 10.00 ? 41 VAL A HA   1 
ATOM 627  H HB   . VAL A 1 40 ? -8.625  1.310   -1.938  1.00 10.00 ? 41 VAL A HB   1 
ATOM 628  H HG11 . VAL A 1 40 ? -8.724  2.067   0.411   1.00 10.00 ? 41 VAL A HG11 1 
ATOM 629  H HG12 . VAL A 1 40 ? -8.092  3.659   -0.066  1.00 10.00 ? 41 VAL A HG12 1 
ATOM 630  H HG13 . VAL A 1 40 ? -9.672  3.105   -0.655  1.00 10.00 ? 41 VAL A HG13 1 
ATOM 631  H HG21 . VAL A 1 40 ? -7.380  4.040   -2.498  1.00 10.00 ? 41 VAL A HG21 1 
ATOM 632  H HG22 . VAL A 1 40 ? -7.543  2.711   -3.670  1.00 10.00 ? 41 VAL A HG22 1 
ATOM 633  H HG23 . VAL A 1 40 ? -8.986  3.481   -3.004  1.00 10.00 ? 41 VAL A HG23 1 
ATOM 634  N N    . ALA A 1 41 ? -6.369  -0.492  -2.546  1.00 10.00 ? 42 ALA A N    1 
ATOM 635  C CA   . ALA A 1 41 ? -5.799  -1.430  -3.490  1.00 10.00 ? 42 ALA A CA   1 
ATOM 636  C C    . ALA A 1 41 ? -6.187  -1.013  -4.906  1.00 10.00 ? 42 ALA A C    1 
ATOM 637  O O    . ALA A 1 41 ? -7.376  -0.914  -5.216  1.00 10.00 ? 42 ALA A O    1 
ATOM 638  C CB   . ALA A 1 41 ? -6.315  -2.832  -3.170  1.00 10.00 ? 42 ALA A CB   1 
ATOM 639  H H    . ALA A 1 41 ? -7.051  -0.850  -1.884  1.00 10.00 ? 42 ALA A H    1 
ATOM 640  H HA   . ALA A 1 41 ? -4.713  -1.421  -3.384  1.00 10.00 ? 42 ALA A HA   1 
ATOM 641  H HB1  . ALA A 1 41 ? -6.099  -3.089  -2.134  1.00 10.00 ? 42 ALA A HB1  1 
ATOM 642  H HB2  . ALA A 1 41 ? -7.389  -2.871  -3.330  1.00 10.00 ? 42 ALA A HB2  1 
ATOM 643  H HB3  . ALA A 1 41 ? -5.831  -3.556  -3.824  1.00 10.00 ? 42 ALA A HB3  1 
ATOM 644  N N    . ASP A 1 42 ? -5.193  -0.812  -5.772  1.00 10.00 ? 43 ASP A N    1 
ATOM 645  C CA   . ASP A 1 42 ? -5.410  -0.492  -7.186  1.00 10.00 ? 43 ASP A CA   1 
ATOM 646  C C    . ASP A 1 42 ? -6.077  -1.647  -7.940  1.00 10.00 ? 43 ASP A C    1 
ATOM 647  O O    . ASP A 1 42 ? -6.729  -1.433  -8.961  1.00 10.00 ? 43 ASP A O    1 
ATOM 648  C CB   . ASP A 1 42 ? -4.066  -0.161  -7.844  1.00 10.00 ? 43 ASP A CB   1 
ATOM 649  C CG   . ASP A 1 42 ? -4.228  0.173   -9.338  1.00 10.00 ? 43 ASP A CG   1 
ATOM 650  O OD1  . ASP A 1 42 ? -4.800  1.239   -9.663  1.00 10.00 ? 43 ASP A OD1  1 
ATOM 651  O OD2  . ASP A 1 42 ? -3.738  -0.600  -10.190 1.00 10.00 ? 43 ASP A OD2  1 
ATOM 652  H H    . ASP A 1 42 ? -4.240  -0.865  -5.443  1.00 10.00 ? 43 ASP A H    1 
ATOM 653  H HA   . ASP A 1 42 ? -6.056  0.385   -7.254  1.00 10.00 ? 43 ASP A HA   1 
ATOM 654  H HB2  . ASP A 1 42 ? -3.614  0.690   -7.330  1.00 10.00 ? 43 ASP A HB2  1 
ATOM 655  H HB3  . ASP A 1 42 ? -3.395  -1.015  -7.732  1.00 10.00 ? 43 ASP A HB3  1 
ATOM 656  N N    . ARG A 1 43 ? -5.929  -2.875  -7.432  1.00 10.00 ? 44 ARG A N    1 
ATOM 657  C CA   . ARG A 1 43 ? -6.378  -4.118  -8.048  1.00 10.00 ? 44 ARG A CA   1 
ATOM 658  C C    . ARG A 1 43 ? -6.512  -5.172  -6.946  1.00 10.00 ? 44 ARG A C    1 
ATOM 659  O O    . ARG A 1 43 ? -5.899  -5.031  -5.886  1.00 10.00 ? 44 ARG A O    1 
ATOM 660  C CB   . ARG A 1 43 ? -5.355  -4.561  -9.117  1.00 10.00 ? 44 ARG A CB   1 
ATOM 661  C CG   . ARG A 1 43 ? -3.923  -4.701  -8.564  1.00 10.00 ? 44 ARG A CG   1 
ATOM 662  C CD   . ARG A 1 43 ? -2.947  -5.325  -9.564  1.00 10.00 ? 44 ARG A CD   1 
ATOM 663  N NE   . ARG A 1 43 ? -2.523  -4.397  -10.630 1.00 10.00 ? 44 ARG A NE   1 
ATOM 664  C CZ   . ARG A 1 43 ? -2.611  -4.619  -11.948 1.00 10.00 ? 44 ARG A CZ   1 
ATOM 665  N NH1  . ARG A 1 43 ? -3.427  -5.552  -12.428 1.00 10.00 ? 44 ARG A NH1  1 
ATOM 666  N NH2  . ARG A 1 43 ? -1.860  -3.906  -12.785 1.00 10.00 ? 44 ARG A NH2  1 
ATOM 667  H H    . ARG A 1 43 ? -5.452  -2.979  -6.546  1.00 10.00 ? 44 ARG A H    1 
ATOM 668  H HA   . ARG A 1 43 ? -7.349  -3.958  -8.521  1.00 10.00 ? 44 ARG A HA   1 
ATOM 669  H HB2  . ARG A 1 43 ? -5.675  -5.520  -9.527  1.00 10.00 ? 44 ARG A HB2  1 
ATOM 670  H HB3  . ARG A 1 43 ? -5.349  -3.834  -9.928  1.00 10.00 ? 44 ARG A HB3  1 
ATOM 671  H HG2  . ARG A 1 43 ? -3.542  -3.727  -8.255  1.00 10.00 ? 44 ARG A HG2  1 
ATOM 672  H HG3  . ARG A 1 43 ? -3.944  -5.348  -7.687  1.00 10.00 ? 44 ARG A HG3  1 
ATOM 673  H HD2  . ARG A 1 43 ? -2.048  -5.601  -9.019  1.00 10.00 ? 44 ARG A HD2  1 
ATOM 674  H HD3  . ARG A 1 43 ? -3.376  -6.242  -9.970  1.00 10.00 ? 44 ARG A HD3  1 
ATOM 675  H HE   . ARG A 1 43 ? -2.012  -3.582  -10.313 1.00 10.00 ? 44 ARG A HE   1 
ATOM 676  H HH11 . ARG A 1 43 ? -4.035  -6.066  -11.806 1.00 10.00 ? 44 ARG A HH11 1 
ATOM 677  H HH12 . ARG A 1 43 ? -3.520  -5.731  -13.417 1.00 10.00 ? 44 ARG A HH12 1 
ATOM 678  H HH21 . ARG A 1 43 ? -1.208  -3.213  -12.444 1.00 10.00 ? 44 ARG A HH21 1 
ATOM 679  H HH22 . ARG A 1 43 ? -1.873  -4.066  -13.781 1.00 10.00 ? 44 ARG A HH22 1 
ATOM 680  N N    . SER A 1 44 ? -7.280  -6.227  -7.194  1.00 10.00 ? 45 SER A N    1 
ATOM 681  C CA   . SER A 1 44 ? -7.355  -7.384  -6.307  1.00 10.00 ? 45 SER A CA   1 
ATOM 682  C C    . SER A 1 44 ? -6.086  -8.245  -6.428  1.00 10.00 ? 45 SER A C    1 
ATOM 683  O O    . SER A 1 44 ? -5.371  -8.153  -7.430  1.00 10.00 ? 45 SER A O    1 
ATOM 684  C CB   . SER A 1 44 ? -8.604  -8.188  -6.688  1.00 10.00 ? 45 SER A CB   1 
ATOM 685  O OG   . SER A 1 44 ? -9.732  -7.324  -6.766  1.00 10.00 ? 45 SER A OG   1 
ATOM 686  H H    . SER A 1 44 ? -7.785  -6.293  -8.063  1.00 10.00 ? 45 SER A H    1 
ATOM 687  H HA   . SER A 1 44 ? -7.446  -7.038  -5.279  1.00 10.00 ? 45 SER A HA   1 
ATOM 688  H HB2  . SER A 1 44 ? -8.448  -8.661  -7.658  1.00 10.00 ? 45 SER A HB2  1 
ATOM 689  H HB3  . SER A 1 44 ? -8.782  -8.964  -5.941  1.00 10.00 ? 45 SER A HB3  1 
ATOM 690  H HG   . SER A 1 44 ? -10.470 -7.832  -7.142  1.00 10.00 ? 45 SER A HG   1 
ATOM 691  N N    . GLY A 1 45 ? -5.828  -9.119  -5.449  1.00 10.00 ? 46 GLY A N    1 
ATOM 692  C CA   . GLY A 1 45 ? -4.813  -10.166 -5.553  1.00 10.00 ? 46 GLY A CA   1 
ATOM 693  C C    . GLY A 1 45 ? -4.425  -10.742 -4.193  1.00 10.00 ? 46 GLY A C    1 
ATOM 694  O O    . GLY A 1 45 ? -4.775  -10.182 -3.154  1.00 10.00 ? 46 GLY A O    1 
ATOM 695  H H    . GLY A 1 45 ? -6.400  -9.120  -4.609  1.00 10.00 ? 46 GLY A H    1 
ATOM 696  H HA2  . GLY A 1 45 ? -5.200  -10.968 -6.184  1.00 10.00 ? 46 GLY A HA2  1 
ATOM 697  H HA3  . GLY A 1 45 ? -3.915  -9.765  -6.023  1.00 10.00 ? 46 GLY A HA3  1 
ATOM 698  N N    . ILE A 1 46 ? -3.687  -11.855 -4.195  1.00 10.00 ? 47 ILE A N    1 
ATOM 699  C CA   . ILE A 1 46 ? -2.953  -12.329 -3.020  1.00 10.00 ? 47 ILE A CA   1 
ATOM 700  C C    . ILE A 1 46 ? -1.718  -11.434 -2.896  1.00 10.00 ? 47 ILE A C    1 
ATOM 701  O O    . ILE A 1 46 ? -1.095  -11.123 -3.910  1.00 10.00 ? 47 ILE A O    1 
ATOM 702  C CB   . ILE A 1 46 ? -2.547  -13.814 -3.199  1.00 10.00 ? 47 ILE A CB   1 
ATOM 703  C CG1  . ILE A 1 46 ? -3.755  -14.760 -3.390  1.00 10.00 ? 47 ILE A CG1  1 
ATOM 704  C CG2  . ILE A 1 46 ? -1.649  -14.327 -2.058  1.00 10.00 ? 47 ILE A CG2  1 
ATOM 705  C CD1  . ILE A 1 46 ? -4.656  -14.908 -2.159  1.00 10.00 ? 47 ILE A CD1  1 
ATOM 706  H H    . ILE A 1 46 ? -3.426  -12.257 -5.083  1.00 10.00 ? 47 ILE A H    1 
ATOM 707  H HA   . ILE A 1 46 ? -3.571  -12.220 -2.132  1.00 10.00 ? 47 ILE A HA   1 
ATOM 708  H HB   . ILE A 1 46 ? -1.961  -13.871 -4.111  1.00 10.00 ? 47 ILE A HB   1 
ATOM 709  H HG12 . ILE A 1 46 ? -4.364  -14.409 -4.224  1.00 10.00 ? 47 ILE A HG12 1 
ATOM 710  H HG13 . ILE A 1 46 ? -3.383  -15.749 -3.661  1.00 10.00 ? 47 ILE A HG13 1 
ATOM 711  H HG21 . ILE A 1 46 ? -0.687  -13.816 -2.076  1.00 10.00 ? 47 ILE A HG21 1 
ATOM 712  H HG22 . ILE A 1 46 ? -2.121  -14.155 -1.090  1.00 10.00 ? 47 ILE A HG22 1 
ATOM 713  H HG23 . ILE A 1 46 ? -1.462  -15.393 -2.182  1.00 10.00 ? 47 ILE A HG23 1 
ATOM 714  H HD11 . ILE A 1 46 ? -4.120  -15.407 -1.352  1.00 10.00 ? 47 ILE A HD11 1 
ATOM 715  H HD12 . ILE A 1 46 ? -4.984  -13.929 -1.823  1.00 10.00 ? 47 ILE A HD12 1 
ATOM 716  H HD13 . ILE A 1 46 ? -5.529  -15.507 -2.420  1.00 10.00 ? 47 ILE A HD13 1 
ATOM 717  N N    . VAL A 1 47 ? -1.341  -11.041 -1.685  1.00 10.00 ? 48 VAL A N    1 
ATOM 718  C CA   . VAL A 1 47 ? -0.136  -10.271 -1.414  1.00 10.00 ? 48 VAL A CA   1 
ATOM 719  C C    . VAL A 1 47 ? 1.056   -11.227 -1.461  1.00 10.00 ? 48 VAL A C    1 
ATOM 720  O O    . VAL A 1 47 ? 1.143   -12.158 -0.659  1.00 10.00 ? 48 VAL A O    1 
ATOM 721  C CB   . VAL A 1 47 ? -0.283  -9.542  -0.065  1.00 10.00 ? 48 VAL A CB   1 
ATOM 722  C CG1  . VAL A 1 47 ? 0.950   -8.685  0.251   1.00 10.00 ? 48 VAL A CG1  1 
ATOM 723  C CG2  . VAL A 1 47 ? -1.518  -8.623  -0.065  1.00 10.00 ? 48 VAL A CG2  1 
ATOM 724  H H    . VAL A 1 47 ? -1.872  -11.365 -0.883  1.00 10.00 ? 48 VAL A H    1 
ATOM 725  H HA   . VAL A 1 47 ? -0.009  -9.526  -2.191  1.00 10.00 ? 48 VAL A HA   1 
ATOM 726  H HB   . VAL A 1 47 ? -0.411  -10.284 0.723   1.00 10.00 ? 48 VAL A HB   1 
ATOM 727  H HG11 . VAL A 1 47 ? 1.836   -9.312  0.339   1.00 10.00 ? 48 VAL A HG11 1 
ATOM 728  H HG12 . VAL A 1 47 ? 1.113   -7.946  -0.536  1.00 10.00 ? 48 VAL A HG12 1 
ATOM 729  H HG13 . VAL A 1 47 ? 0.802   -8.174  1.201   1.00 10.00 ? 48 VAL A HG13 1 
ATOM 730  H HG21 . VAL A 1 47 ? -1.445  -7.888  -0.869  1.00 10.00 ? 48 VAL A HG21 1 
ATOM 731  H HG22 . VAL A 1 47 ? -2.430  -9.206  -0.196  1.00 10.00 ? 48 VAL A HG22 1 
ATOM 732  H HG23 . VAL A 1 47 ? -1.591  -8.105  0.889   1.00 10.00 ? 48 VAL A HG23 1 
ATOM 733  N N    . LYS A 1 48 ? 1.978   -11.004 -2.399  1.00 10.00 ? 49 LYS A N    1 
ATOM 734  C CA   . LYS A 1 48 ? 3.199   -11.792 -2.534  1.00 10.00 ? 49 LYS A CA   1 
ATOM 735  C C    . LYS A 1 48 ? 4.247   -11.289 -1.549  1.00 10.00 ? 49 LYS A C    1 
ATOM 736  O O    . LYS A 1 48 ? 4.915   -12.102 -0.914  1.00 10.00 ? 49 LYS A O    1 
ATOM 737  C CB   . LYS A 1 48 ? 3.679   -11.712 -3.992  1.00 10.00 ? 49 LYS A CB   1 
ATOM 738  C CG   . LYS A 1 48 ? 4.999   -12.430 -4.298  1.00 10.00 ? 49 LYS A CG   1 
ATOM 739  C CD   . LYS A 1 48 ? 5.171   -12.573 -5.821  1.00 10.00 ? 49 LYS A CD   1 
ATOM 740  C CE   . LYS A 1 48 ? 6.526   -13.203 -6.175  1.00 10.00 ? 49 LYS A CE   1 
ATOM 741  N NZ   . LYS A 1 48 ? 7.550   -12.194 -6.539  1.00 10.00 ? 49 LYS A NZ   1 
ATOM 742  H H    . LYS A 1 48 ? 1.893   -10.168 -2.968  1.00 10.00 ? 49 LYS A H    1 
ATOM 743  H HA   . LYS A 1 48 ? 2.976   -12.834 -2.301  1.00 10.00 ? 49 LYS A HA   1 
ATOM 744  H HB2  . LYS A 1 48 ? 2.908   -12.179 -4.597  1.00 10.00 ? 49 LYS A HB2  1 
ATOM 745  H HB3  . LYS A 1 48 ? 3.782   -10.668 -4.289  1.00 10.00 ? 49 LYS A HB3  1 
ATOM 746  H HG2  . LYS A 1 48 ? 5.831   -11.861 -3.882  1.00 10.00 ? 49 LYS A HG2  1 
ATOM 747  H HG3  . LYS A 1 48 ? 4.983   -13.425 -3.850  1.00 10.00 ? 49 LYS A HG3  1 
ATOM 748  H HD2  . LYS A 1 48 ? 4.380   -13.226 -6.197  1.00 10.00 ? 49 LYS A HD2  1 
ATOM 749  H HD3  . LYS A 1 48 ? 5.061   -11.602 -6.308  1.00 10.00 ? 49 LYS A HD3  1 
ATOM 750  H HE2  . LYS A 1 48 ? 6.870   -13.795 -5.325  1.00 10.00 ? 49 LYS A HE2  1 
ATOM 751  H HE3  . LYS A 1 48 ? 6.389   -13.881 -7.019  1.00 10.00 ? 49 LYS A HE3  1 
ATOM 752  H HZ1  . LYS A 1 48 ? 7.437   -11.904 -7.498  1.00 10.00 ? 49 LYS A HZ1  1 
ATOM 753  H HZ2  . LYS A 1 48 ? 7.475   -11.346 -5.974  1.00 10.00 ? 49 LYS A HZ2  1 
ATOM 754  H HZ3  . LYS A 1 48 ? 8.481   -12.571 -6.443  1.00 10.00 ? 49 LYS A HZ3  1 
ATOM 755  N N    . GLU A 1 49 ? 4.374   -9.970  -1.391  1.00 10.00 ? 50 GLU A N    1 
ATOM 756  C CA   . GLU A 1 49 ? 5.331   -9.344  -0.488  1.00 10.00 ? 50 GLU A CA   1 
ATOM 757  C C    . GLU A 1 49 ? 4.853   -7.916  -0.208  1.00 10.00 ? 50 GLU A C    1 
ATOM 758  O O    . GLU A 1 49 ? 4.099   -7.351  -1.003  1.00 10.00 ? 50 GLU A O    1 
ATOM 759  C CB   . GLU A 1 49 ? 6.729   -9.368  -1.144  1.00 10.00 ? 50 GLU A CB   1 
ATOM 760  C CG   . GLU A 1 49 ? 7.854   -8.953  -0.186  1.00 10.00 ? 50 GLU A CG   1 
ATOM 761  C CD   . GLU A 1 49 ? 9.239   -9.303  -0.753  1.00 10.00 ? 50 GLU A CD   1 
ATOM 762  O OE1  . GLU A 1 49 ? 9.724   -8.577  -1.648  1.00 10.00 ? 50 GLU A OE1  1 
ATOM 763  O OE2  . GLU A 1 49 ? 9.858   -10.291 -0.294  1.00 10.00 ? 50 GLU A OE2  1 
ATOM 764  H H    . GLU A 1 49 ? 3.773   -9.332  -1.903  1.00 10.00 ? 50 GLU A H    1 
ATOM 765  H HA   . GLU A 1 49 ? 5.360   -9.908  0.447   1.00 10.00 ? 50 GLU A HA   1 
ATOM 766  H HB2  . GLU A 1 49 ? 6.938   -10.384 -1.482  1.00 10.00 ? 50 GLU A HB2  1 
ATOM 767  H HB3  . GLU A 1 49 ? 6.736   -8.715  -2.018  1.00 10.00 ? 50 GLU A HB3  1 
ATOM 768  H HG2  . GLU A 1 49 ? 7.801   -7.876  -0.014  1.00 10.00 ? 50 GLU A HG2  1 
ATOM 769  H HG3  . GLU A 1 49 ? 7.712   -9.458  0.773   1.00 10.00 ? 50 GLU A HG3  1 
ATOM 770  N N    . VAL A 1 50 ? 5.314   -7.315  0.889   1.00 10.00 ? 51 VAL A N    1 
ATOM 771  C CA   . VAL A 1 50 ? 5.037   -5.928  1.250   1.00 10.00 ? 51 VAL A CA   1 
ATOM 772  C C    . VAL A 1 50 ? 6.400   -5.229  1.297   1.00 10.00 ? 51 VAL A C    1 
ATOM 773  O O    . VAL A 1 50 ? 7.360   -5.767  1.854   1.00 10.00 ? 51 VAL A O    1 
ATOM 774  C CB   . VAL A 1 50 ? 4.264   -5.864  2.588   1.00 10.00 ? 51 VAL A CB   1 
ATOM 775  C CG1  . VAL A 1 50 ? 3.812   -4.430  2.905   1.00 10.00 ? 51 VAL A CG1  1 
ATOM 776  C CG2  . VAL A 1 50 ? 3.008   -6.753  2.579   1.00 10.00 ? 51 VAL A CG2  1 
ATOM 777  H H    . VAL A 1 50 ? 5.977   -7.799  1.479   1.00 10.00 ? 51 VAL A H    1 
ATOM 778  H HA   . VAL A 1 50 ? 4.421   -5.466  0.479   1.00 10.00 ? 51 VAL A HA   1 
ATOM 779  H HB   . VAL A 1 50 ? 4.916   -6.208  3.392   1.00 10.00 ? 51 VAL A HB   1 
ATOM 780  H HG11 . VAL A 1 50 ? 4.674   -3.771  2.981   1.00 10.00 ? 51 VAL A HG11 1 
ATOM 781  H HG12 . VAL A 1 50 ? 3.145   -4.057  2.126   1.00 10.00 ? 51 VAL A HG12 1 
ATOM 782  H HG13 . VAL A 1 50 ? 3.290   -4.412  3.863   1.00 10.00 ? 51 VAL A HG13 1 
ATOM 783  H HG21 . VAL A 1 50 ? 2.350   -6.456  1.762   1.00 10.00 ? 51 VAL A HG21 1 
ATOM 784  H HG22 . VAL A 1 50 ? 3.282   -7.802  2.461   1.00 10.00 ? 51 VAL A HG22 1 
ATOM 785  H HG23 . VAL A 1 50 ? 2.477   -6.652  3.526   1.00 10.00 ? 51 VAL A HG23 1 
ATOM 786  N N    . LYS A 1 51 ? 6.499   -4.050  0.678   1.00 10.00 ? 52 LYS A N    1 
ATOM 787  C CA   . LYS A 1 51 ? 7.763   -3.342  0.456   1.00 10.00 ? 52 LYS A CA   1 
ATOM 788  C C    . LYS A 1 51 ? 7.978   -2.216  1.473   1.00 10.00 ? 52 LYS A C    1 
ATOM 789  O O    . LYS A 1 51 ? 9.010   -1.546  1.421   1.00 10.00 ? 52 LYS A O    1 
ATOM 790  C CB   . LYS A 1 51 ? 7.790   -2.773  -0.977  1.00 10.00 ? 52 LYS A CB   1 
ATOM 791  C CG   . LYS A 1 51 ? 7.671   -3.811  -2.108  1.00 10.00 ? 52 LYS A CG   1 
ATOM 792  C CD   . LYS A 1 51 ? 8.782   -4.871  -2.094  1.00 10.00 ? 52 LYS A CD   1 
ATOM 793  C CE   . LYS A 1 51 ? 8.796   -5.620  -3.436  1.00 10.00 ? 52 LYS A CE   1 
ATOM 794  N NZ   . LYS A 1 51 ? 9.918   -6.584  -3.532  1.00 10.00 ? 52 LYS A NZ   1 
ATOM 795  H H    . LYS A 1 51 ? 5.657   -3.619  0.302   1.00 10.00 ? 52 LYS A H    1 
ATOM 796  H HA   . LYS A 1 51 ? 8.592   -4.041  0.575   1.00 10.00 ? 52 LYS A HA   1 
ATOM 797  H HB2  . LYS A 1 51 ? 6.980   -2.051  -1.087  1.00 10.00 ? 52 LYS A HB2  1 
ATOM 798  H HB3  . LYS A 1 51 ? 8.725   -2.231  -1.122  1.00 10.00 ? 52 LYS A HB3  1 
ATOM 799  H HG2  . LYS A 1 51 ? 6.699   -4.302  -2.064  1.00 10.00 ? 52 LYS A HG2  1 
ATOM 800  H HG3  . LYS A 1 51 ? 7.734   -3.269  -3.051  1.00 10.00 ? 52 LYS A HG3  1 
ATOM 801  H HD2  . LYS A 1 51 ? 9.745   -4.380  -1.946  1.00 10.00 ? 52 LYS A HD2  1 
ATOM 802  H HD3  . LYS A 1 51 ? 8.608   -5.576  -1.279  1.00 10.00 ? 52 LYS A HD3  1 
ATOM 803  H HE2  . LYS A 1 51 ? 7.848   -6.149  -3.559  1.00 10.00 ? 52 LYS A HE2  1 
ATOM 804  H HE3  . LYS A 1 51 ? 8.884   -4.888  -4.242  1.00 10.00 ? 52 LYS A HE3  1 
ATOM 805  H HZ1  . LYS A 1 51 ? 10.810  -6.125  -3.418  1.00 10.00 ? 52 LYS A HZ1  1 
ATOM 806  H HZ2  . LYS A 1 51 ? 9.840   -7.308  -2.814  1.00 10.00 ? 52 LYS A HZ2  1 
ATOM 807  H HZ3  . LYS A 1 51 ? 9.919   -7.045  -4.430  1.00 10.00 ? 52 LYS A HZ3  1 
ATOM 808  N N    . LYS A 1 52 ? 7.025   -1.978  2.380   1.00 10.00 ? 53 LYS A N    1 
ATOM 809  C CA   . LYS A 1 52 ? 7.020   -0.855  3.317   1.00 10.00 ? 53 LYS A CA   1 
ATOM 810  C C    . LYS A 1 52 ? 6.565   -1.333  4.692   1.00 10.00 ? 53 LYS A C    1 
ATOM 811  O O    . LYS A 1 52 ? 6.134   -2.478  4.846   1.00 10.00 ? 53 LYS A O    1 
ATOM 812  C CB   . LYS A 1 52 ? 6.090   0.256   2.787   1.00 10.00 ? 53 LYS A CB   1 
ATOM 813  C CG   . LYS A 1 52 ? 6.572   0.937   1.498   1.00 10.00 ? 53 LYS A CG   1 
ATOM 814  C CD   . LYS A 1 52 ? 7.841   1.762   1.742   1.00 10.00 ? 53 LYS A CD   1 
ATOM 815  C CE   . LYS A 1 52 ? 8.292   2.476   0.469   1.00 10.00 ? 53 LYS A CE   1 
ATOM 816  N NZ   . LYS A 1 52 ? 9.352   3.468   0.754   1.00 10.00 ? 53 LYS A NZ   1 
ATOM 817  H H    . LYS A 1 52 ? 6.237   -2.607  2.431   1.00 10.00 ? 53 LYS A H    1 
ATOM 818  H HA   . LYS A 1 52 ? 8.034   -0.469  3.430   1.00 10.00 ? 53 LYS A HA   1 
ATOM 819  H HB2  . LYS A 1 52 ? 5.099   -0.166  2.611   1.00 10.00 ? 53 LYS A HB2  1 
ATOM 820  H HB3  . LYS A 1 52 ? 5.994   1.029   3.549   1.00 10.00 ? 53 LYS A HB3  1 
ATOM 821  H HG2  . LYS A 1 52 ? 6.757   0.187   0.730   1.00 10.00 ? 53 LYS A HG2  1 
ATOM 822  H HG3  . LYS A 1 52 ? 5.784   1.604   1.145   1.00 10.00 ? 53 LYS A HG3  1 
ATOM 823  H HD2  . LYS A 1 52 ? 7.628   2.504   2.514   1.00 10.00 ? 53 LYS A HD2  1 
ATOM 824  H HD3  . LYS A 1 52 ? 8.651   1.116   2.078   1.00 10.00 ? 53 LYS A HD3  1 
ATOM 825  H HE2  . LYS A 1 52 ? 8.650   1.741   -0.257  1.00 10.00 ? 53 LYS A HE2  1 
ATOM 826  H HE3  . LYS A 1 52 ? 7.436   2.984   0.025   1.00 10.00 ? 53 LYS A HE3  1 
ATOM 827  H HZ1  . LYS A 1 52 ? 9.093   4.081   1.524   1.00 10.00 ? 53 LYS A HZ1  1 
ATOM 828  H HZ2  . LYS A 1 52 ? 10.231  3.025   0.975   1.00 10.00 ? 53 LYS A HZ2  1 
ATOM 829  H HZ3  . LYS A 1 52 ? 9.463   4.070   -0.065  1.00 10.00 ? 53 LYS A HZ3  1 
ATOM 830  N N    . LYS A 1 53 ? 6.650   -0.448  5.685   1.00 10.00 ? 54 LYS A N    1 
ATOM 831  C CA   . LYS A 1 53 ? 6.274   -0.707  7.069   1.00 10.00 ? 54 LYS A CA   1 
ATOM 832  C C    . LYS A 1 53 ? 5.698   0.570   7.670   1.00 10.00 ? 54 LYS A C    1 
ATOM 833  O O    . LYS A 1 53 ? 5.829   1.650   7.086   1.00 10.00 ? 54 LYS A O    1 
ATOM 834  C CB   . LYS A 1 53 ? 7.491   -1.234  7.859   1.00 10.00 ? 54 LYS A CB   1 
ATOM 835  C CG   . LYS A 1 53 ? 8.640   -0.217  7.996   1.00 10.00 ? 54 LYS A CG   1 
ATOM 836  C CD   . LYS A 1 53 ? 9.871   -0.854  8.655   1.00 10.00 ? 54 LYS A CD   1 
ATOM 837  C CE   . LYS A 1 53 ? 11.004  0.165   8.860   1.00 10.00 ? 54 LYS A CE   1 
ATOM 838  N NZ   . LYS A 1 53 ? 10.792  1.034   10.046  1.00 10.00 ? 54 LYS A NZ   1 
ATOM 839  H H    . LYS A 1 53 ? 6.928   0.504   5.481   1.00 10.00 ? 54 LYS A H    1 
ATOM 840  H HA   . LYS A 1 53 ? 5.496   -1.475  7.082   1.00 10.00 ? 54 LYS A HA   1 
ATOM 841  H HB2  . LYS A 1 53 ? 7.164   -1.527  8.858   1.00 10.00 ? 54 LYS A HB2  1 
ATOM 842  H HB3  . LYS A 1 53 ? 7.866   -2.129  7.359   1.00 10.00 ? 54 LYS A HB3  1 
ATOM 843  H HG2  . LYS A 1 53 ? 8.928   0.142   7.008   1.00 10.00 ? 54 LYS A HG2  1 
ATOM 844  H HG3  . LYS A 1 53 ? 8.303   0.630   8.595   1.00 10.00 ? 54 LYS A HG3  1 
ATOM 845  H HD2  . LYS A 1 53 ? 9.598   -1.306  9.610   1.00 10.00 ? 54 LYS A HD2  1 
ATOM 846  H HD3  . LYS A 1 53 ? 10.239  -1.645  7.999   1.00 10.00 ? 54 LYS A HD3  1 
ATOM 847  H HE2  . LYS A 1 53 ? 11.940  -0.384  8.986   1.00 10.00 ? 54 LYS A HE2  1 
ATOM 848  H HE3  . LYS A 1 53 ? 11.098  0.777   7.960   1.00 10.00 ? 54 LYS A HE3  1 
ATOM 849  H HZ1  . LYS A 1 53 ? 9.927   1.549   9.986   1.00 10.00 ? 54 LYS A HZ1  1 
ATOM 850  H HZ2  . LYS A 1 53 ? 10.781  0.489   10.896  1.00 10.00 ? 54 LYS A HZ2  1 
ATOM 851  H HZ3  . LYS A 1 53 ? 11.544  1.703   10.133  1.00 10.00 ? 54 LYS A HZ3  1 
ATOM 852  N N    . GLU A 1 54 ? 5.076   0.438   8.838   1.00 10.00 ? 55 GLU A N    1 
ATOM 853  C CA   . GLU A 1 54 ? 4.486   1.543   9.583   1.00 10.00 ? 55 GLU A CA   1 
ATOM 854  C C    . GLU A 1 54 ? 5.547   2.628   9.813   1.00 10.00 ? 55 GLU A C    1 
ATOM 855  O O    . GLU A 1 54 ? 6.641   2.344   10.312  1.00 10.00 ? 55 GLU A O    1 
ATOM 856  C CB   . GLU A 1 54 ? 3.940   1.021   10.924  1.00 10.00 ? 55 GLU A CB   1 
ATOM 857  C CG   . GLU A 1 54 ? 2.794   -0.003  10.783  1.00 10.00 ? 55 GLU A CG   1 
ATOM 858  C CD   . GLU A 1 54 ? 2.944   -1.173  11.771  1.00 10.00 ? 55 GLU A CD   1 
ATOM 859  O OE1  . GLU A 1 54 ? 3.622   -2.171  11.437  1.00 10.00 ? 55 GLU A OE1  1 
ATOM 860  O OE2  . GLU A 1 54 ? 2.376   -1.114  12.886  1.00 10.00 ? 55 GLU A OE2  1 
ATOM 861  H H    . GLU A 1 54 ? 5.042   -0.474  9.269   1.00 10.00 ? 55 GLU A H    1 
ATOM 862  H HA   . GLU A 1 54 ? 3.661   1.960   9.001   1.00 10.00 ? 55 GLU A HA   1 
ATOM 863  H HB2  . GLU A 1 54 ? 4.765   0.566   11.474  1.00 10.00 ? 55 GLU A HB2  1 
ATOM 864  H HB3  . GLU A 1 54 ? 3.576   1.864   11.512  1.00 10.00 ? 55 GLU A HB3  1 
ATOM 865  H HG2  . GLU A 1 54 ? 1.847   0.501   10.967  1.00 10.00 ? 55 GLU A HG2  1 
ATOM 866  H HG3  . GLU A 1 54 ? 2.754   -0.396  9.764   1.00 10.00 ? 55 GLU A HG3  1 
ATOM 867  N N    . GLY A 1 55 ? 5.219   3.869   9.455   1.00 10.00 ? 56 GLY A N    1 
ATOM 868  C CA   . GLY A 1 55 ? 6.028   5.050   9.710   1.00 10.00 ? 56 GLY A CA   1 
ATOM 869  C C    . GLY A 1 55 ? 7.161   5.263   8.702   1.00 10.00 ? 56 GLY A C    1 
ATOM 870  O O    . GLY A 1 55 ? 7.906   6.233   8.857   1.00 10.00 ? 56 GLY A O    1 
ATOM 871  H H    . GLY A 1 55 ? 4.332   4.014   8.983   1.00 10.00 ? 56 GLY A H    1 
ATOM 872  H HA2  . GLY A 1 55 ? 5.374   5.923   9.685   1.00 10.00 ? 56 GLY A HA2  1 
ATOM 873  H HA3  . GLY A 1 55 ? 6.458   4.974   10.710  1.00 10.00 ? 56 GLY A HA3  1 
ATOM 874  N N    . ASP A 1 56 ? 7.332   4.397   7.695   1.00 10.00 ? 57 ASP A N    1 
ATOM 875  C CA   . ASP A 1 56 ? 8.401   4.570   6.707   1.00 10.00 ? 57 ASP A CA   1 
ATOM 876  C C    . ASP A 1 56 ? 8.092   5.745   5.771   1.00 10.00 ? 57 ASP A C    1 
ATOM 877  O O    . ASP A 1 56 ? 6.926   6.089   5.559   1.00 10.00 ? 57 ASP A O    1 
ATOM 878  C CB   . ASP A 1 56 ? 8.631   3.284   5.902   1.00 10.00 ? 57 ASP A CB   1 
ATOM 879  C CG   . ASP A 1 56 ? 9.898   3.364   5.026   1.00 10.00 ? 57 ASP A CG   1 
ATOM 880  O OD1  . ASP A 1 56 ? 10.863  4.071   5.401   1.00 10.00 ? 57 ASP A OD1  1 
ATOM 881  O OD2  . ASP A 1 56 ? 9.945   2.684   3.979   1.00 10.00 ? 57 ASP A OD2  1 
ATOM 882  H H    . ASP A 1 56 ? 6.691   3.620   7.581   1.00 10.00 ? 57 ASP A H    1 
ATOM 883  H HA   . ASP A 1 56 ? 9.322   4.792   7.248   1.00 10.00 ? 57 ASP A HA   1 
ATOM 884  H HB2  . ASP A 1 56 ? 8.745   2.453   6.599   1.00 10.00 ? 57 ASP A HB2  1 
ATOM 885  H HB3  . ASP A 1 56 ? 7.755   3.090   5.278   1.00 10.00 ? 57 ASP A HB3  1 
ATOM 886  N N    . PHE A 1 57 ? 9.128   6.360   5.199   1.00 10.00 ? 58 PHE A N    1 
ATOM 887  C CA   . PHE A 1 57 ? 8.983   7.387   4.176   1.00 10.00 ? 58 PHE A CA   1 
ATOM 888  C C    . PHE A 1 57 ? 8.405   6.757   2.907   1.00 10.00 ? 58 PHE A C    1 
ATOM 889  O O    . PHE A 1 57 ? 8.770   5.633   2.543   1.00 10.00 ? 58 PHE A O    1 
ATOM 890  C CB   . PHE A 1 57 ? 10.346  8.033   3.896   1.00 10.00 ? 58 PHE A CB   1 
ATOM 891  C CG   . PHE A 1 57 ? 10.320  9.104   2.819   1.00 10.00 ? 58 PHE A CG   1 
ATOM 892  C CD1  . PHE A 1 57 ? 9.963   10.427  3.146   1.00 10.00 ? 58 PHE A CD1  1 
ATOM 893  C CD2  . PHE A 1 57 ? 10.646  8.782   1.486   1.00 10.00 ? 58 PHE A CD2  1 
ATOM 894  C CE1  . PHE A 1 57 ? 9.945   11.421  2.152   1.00 10.00 ? 58 PHE A CE1  1 
ATOM 895  C CE2  . PHE A 1 57 ? 10.629  9.777   0.492   1.00 10.00 ? 58 PHE A CE2  1 
ATOM 896  C CZ   . PHE A 1 57 ? 10.286  11.099  0.826   1.00 10.00 ? 58 PHE A CZ   1 
ATOM 897  H H    . PHE A 1 57 ? 10.049  5.953   5.327   1.00 10.00 ? 58 PHE A H    1 
ATOM 898  H HA   . PHE A 1 57 ? 8.296   8.152   4.540   1.00 10.00 ? 58 PHE A HA   1 
ATOM 899  H HB2  . PHE A 1 57 ? 10.719  8.477   4.819   1.00 10.00 ? 58 PHE A HB2  1 
ATOM 900  H HB3  . PHE A 1 57 ? 11.052  7.255   3.599   1.00 10.00 ? 58 PHE A HB3  1 
ATOM 901  H HD1  . PHE A 1 57 ? 9.709   10.687  4.163   1.00 10.00 ? 58 PHE A HD1  1 
ATOM 902  H HD2  . PHE A 1 57 ? 10.915  7.768   1.223   1.00 10.00 ? 58 PHE A HD2  1 
ATOM 903  H HE1  . PHE A 1 57 ? 9.679   12.439  2.409   1.00 10.00 ? 58 PHE A HE1  1 
ATOM 904  H HE2  . PHE A 1 57 ? 10.891  9.526   -0.527  1.00 10.00 ? 58 PHE A HE2  1 
ATOM 905  H HZ   . PHE A 1 57 ? 10.292  11.870  0.066   1.00 10.00 ? 58 PHE A HZ   1 
ATOM 906  N N    . VAL A 1 58 ? 7.542   7.496   2.212   1.00 10.00 ? 59 VAL A N    1 
ATOM 907  C CA   . VAL A 1 58 ? 6.914   7.071   0.968   1.00 10.00 ? 59 VAL A CA   1 
ATOM 908  C C    . VAL A 1 58 ? 6.737   8.280   0.049   1.00 10.00 ? 59 VAL A C    1 
ATOM 909  O O    . VAL A 1 58 ? 6.817   9.433   0.490   1.00 10.00 ? 59 VAL A O    1 
ATOM 910  C CB   . VAL A 1 58 ? 5.575   6.356   1.246   1.00 10.00 ? 59 VAL A CB   1 
ATOM 911  C CG1  . VAL A 1 58 ? 5.786   4.934   1.778   1.00 10.00 ? 59 VAL A CG1  1 
ATOM 912  C CG2  . VAL A 1 58 ? 4.666   7.115   2.220   1.00 10.00 ? 59 VAL A CG2  1 
ATOM 913  H H    . VAL A 1 58 ? 7.313   8.436   2.520   1.00 10.00 ? 59 VAL A H    1 
ATOM 914  H HA   . VAL A 1 58 ? 7.579   6.374   0.457   1.00 10.00 ? 59 VAL A HA   1 
ATOM 915  H HB   . VAL A 1 58 ? 5.052   6.269   0.296   1.00 10.00 ? 59 VAL A HB   1 
ATOM 916  H HG11 . VAL A 1 58 ? 6.413   4.385   1.083   1.00 10.00 ? 59 VAL A HG11 1 
ATOM 917  H HG12 . VAL A 1 58 ? 6.258   4.952   2.760   1.00 10.00 ? 59 VAL A HG12 1 
ATOM 918  H HG13 . VAL A 1 58 ? 4.832   4.419   1.859   1.00 10.00 ? 59 VAL A HG13 1 
ATOM 919  H HG21 . VAL A 1 58 ? 5.120   7.170   3.209   1.00 10.00 ? 59 VAL A HG21 1 
ATOM 920  H HG22 . VAL A 1 58 ? 4.487   8.123   1.847   1.00 10.00 ? 59 VAL A HG22 1 
ATOM 921  H HG23 . VAL A 1 58 ? 3.717   6.588   2.301   1.00 10.00 ? 59 VAL A HG23 1 
ATOM 922  N N    . ASN A 1 59 ? 6.510   8.027   -1.242  1.00 10.00 ? 60 ASN A N    1 
ATOM 923  C CA   . ASN A 1 59 ? 6.432   9.069   -2.254  1.00 10.00 ? 60 ASN A CA   1 
ATOM 924  C C    . ASN A 1 59 ? 5.480   8.680   -3.378  1.00 10.00 ? 60 ASN A C    1 
ATOM 925  O O    . ASN A 1 59 ? 5.023   7.538   -3.443  1.00 10.00 ? 60 ASN A O    1 
ATOM 926  C CB   . ASN A 1 59 ? 7.836   9.386   -2.796  1.00 10.00 ? 60 ASN A CB   1 
ATOM 927  C CG   . ASN A 1 59 ? 7.971   10.887  -2.993  1.00 10.00 ? 60 ASN A CG   1 
ATOM 928  O OD1  . ASN A 1 59 ? 7.810   11.402  -4.093  1.00 10.00 ? 60 ASN A OD1  1 
ATOM 929  N ND2  . ASN A 1 59 ? 8.203   11.613  -1.911  1.00 10.00 ? 60 ASN A ND2  1 
ATOM 930  H H    . ASN A 1 59 ? 6.380   7.077   -1.562  1.00 10.00 ? 60 ASN A H    1 
ATOM 931  H HA   . ASN A 1 59 ? 6.026   9.960   -1.789  1.00 10.00 ? 60 ASN A HA   1 
ATOM 932  H HB2  . ASN A 1 59 ? 8.604   9.055   -2.095  1.00 10.00 ? 60 ASN A HB2  1 
ATOM 933  H HB3  . ASN A 1 59 ? 8.005   8.867   -3.741  1.00 10.00 ? 60 ASN A HB3  1 
ATOM 934  H HD21 . ASN A 1 59 ? 8.287   11.165  -1.006  1.00 10.00 ? 60 ASN A HD21 1 
ATOM 935  H HD22 . ASN A 1 59 ? 8.316   12.614  -1.988  1.00 10.00 ? 60 ASN A HD22 1 
ATOM 936  N N    . GLU A 1 60 ? 5.186   9.620   -4.275  1.00 10.00 ? 61 GLU A N    1 
ATOM 937  C CA   . GLU A 1 60 ? 4.361   9.362   -5.445  1.00 10.00 ? 61 GLU A CA   1 
ATOM 938  C C    . GLU A 1 60 ? 5.066   8.326   -6.330  1.00 10.00 ? 61 GLU A C    1 
ATOM 939  O O    . GLU A 1 60 ? 6.196   8.542   -6.774  1.00 10.00 ? 61 GLU A O    1 
ATOM 940  C CB   . GLU A 1 60 ? 4.097   10.690  -6.173  1.00 10.00 ? 61 GLU A CB   1 
ATOM 941  C CG   . GLU A 1 60 ? 3.216   10.511  -7.420  1.00 10.00 ? 61 GLU A CG   1 
ATOM 942  C CD   . GLU A 1 60 ? 2.813   11.839  -8.098  1.00 10.00 ? 61 GLU A CD   1 
ATOM 943  O OE1  . GLU A 1 60 ? 3.430   12.900  -7.855  1.00 10.00 ? 61 GLU A OE1  1 
ATOM 944  O OE2  . GLU A 1 60 ? 1.872   11.824  -8.926  1.00 10.00 ? 61 GLU A OE2  1 
ATOM 945  H H    . GLU A 1 60 ? 5.659   10.513  -4.231  1.00 10.00 ? 61 GLU A H    1 
ATOM 946  H HA   . GLU A 1 60 ? 3.407   8.953   -5.109  1.00 10.00 ? 61 GLU A HA   1 
ATOM 947  H HB2  . GLU A 1 60 ? 3.591   11.365  -5.479  1.00 10.00 ? 61 GLU A HB2  1 
ATOM 948  H HB3  . GLU A 1 60 ? 5.049   11.138  -6.461  1.00 10.00 ? 61 GLU A HB3  1 
ATOM 949  H HG2  . GLU A 1 60 ? 3.755   9.899   -8.146  1.00 10.00 ? 61 GLU A HG2  1 
ATOM 950  H HG3  . GLU A 1 60 ? 2.316   9.967   -7.130  1.00 10.00 ? 61 GLU A HG3  1 
ATOM 951  N N    . GLY A 1 61 ? 4.402   7.191   -6.566  1.00 10.00 ? 62 GLY A N    1 
ATOM 952  C CA   . GLY A 1 61 ? 4.911   6.088   -7.367  1.00 10.00 ? 62 GLY A CA   1 
ATOM 953  C C    . GLY A 1 61 ? 5.826   5.150   -6.574  1.00 10.00 ? 62 GLY A C    1 
ATOM 954  O O    . GLY A 1 61 ? 6.338   4.187   -7.149  1.00 10.00 ? 62 GLY A O    1 
ATOM 955  H H    . GLY A 1 61 ? 3.520   7.028   -6.088  1.00 10.00 ? 62 GLY A H    1 
ATOM 956  H HA2  . GLY A 1 61 ? 4.062   5.514   -7.740  1.00 10.00 ? 62 GLY A HA2  1 
ATOM 957  H HA3  . GLY A 1 61 ? 5.462   6.484   -8.221  1.00 10.00 ? 62 GLY A HA3  1 
ATOM 958  N N    . ASP A 1 62 ? 6.056   5.406   -5.282  1.00 10.00 ? 63 ASP A N    1 
ATOM 959  C CA   . ASP A 1 62 ? 6.898   4.560   -4.441  1.00 10.00 ? 63 ASP A CA   1 
ATOM 960  C C    . ASP A 1 62 ? 6.096   3.325   -4.028  1.00 10.00 ? 63 ASP A C    1 
ATOM 961  O O    . ASP A 1 62 ? 4.951   3.451   -3.586  1.00 10.00 ? 63 ASP A O    1 
ATOM 962  C CB   . ASP A 1 62 ? 7.372   5.343   -3.215  1.00 10.00 ? 63 ASP A CB   1 
ATOM 963  C CG   . ASP A 1 62 ? 8.467   4.623   -2.418  1.00 10.00 ? 63 ASP A CG   1 
ATOM 964  O OD1  . ASP A 1 62 ? 9.008   3.588   -2.863  1.00 10.00 ? 63 ASP A OD1  1 
ATOM 965  O OD2  . ASP A 1 62 ? 8.804   5.132   -1.327  1.00 10.00 ? 63 ASP A OD2  1 
ATOM 966  H H    . ASP A 1 62 ? 5.561   6.166   -4.828  1.00 10.00 ? 63 ASP A H    1 
ATOM 967  H HA   . ASP A 1 62 ? 7.776   4.258   -5.015  1.00 10.00 ? 63 ASP A HA   1 
ATOM 968  H HB2  . ASP A 1 62 ? 7.767   6.306   -3.543  1.00 10.00 ? 63 ASP A HB2  1 
ATOM 969  H HB3  . ASP A 1 62 ? 6.520   5.526   -2.557  1.00 10.00 ? 63 ASP A HB3  1 
ATOM 970  N N    . VAL A 1 63 ? 6.659   2.135   -4.225  1.00 10.00 ? 64 VAL A N    1 
ATOM 971  C CA   . VAL A 1 63 ? 5.940   0.873   -4.096  1.00 10.00 ? 64 VAL A CA   1 
ATOM 972  C C    . VAL A 1 63 ? 5.497   0.655   -2.642  1.00 10.00 ? 64 VAL A C    1 
ATOM 973  O O    . VAL A 1 63 ? 6.224   0.979   -1.701  1.00 10.00 ? 64 VAL A O    1 
ATOM 974  C CB   . VAL A 1 63 ? 6.805   -0.282  -4.644  1.00 10.00 ? 64 VAL A CB   1 
ATOM 975  C CG1  . VAL A 1 63 ? 6.031   -1.606  -4.621  1.00 10.00 ? 64 VAL A CG1  1 
ATOM 976  C CG2  . VAL A 1 63 ? 7.238   -0.020  -6.099  1.00 10.00 ? 64 VAL A CG2  1 
ATOM 977  H H    . VAL A 1 63 ? 7.625   2.094   -4.514  1.00 10.00 ? 64 VAL A H    1 
ATOM 978  H HA   . VAL A 1 63 ? 5.046   0.943   -4.715  1.00 10.00 ? 64 VAL A HA   1 
ATOM 979  H HB   . VAL A 1 63 ? 7.700   -0.390  -4.030  1.00 10.00 ? 64 VAL A HB   1 
ATOM 980  H HG11 . VAL A 1 63 ? 5.854   -1.922  -3.594  1.00 10.00 ? 64 VAL A HG11 1 
ATOM 981  H HG12 . VAL A 1 63 ? 5.072   -1.477  -5.122  1.00 10.00 ? 64 VAL A HG12 1 
ATOM 982  H HG13 . VAL A 1 63 ? 6.601   -2.389  -5.120  1.00 10.00 ? 64 VAL A HG13 1 
ATOM 983  H HG21 . VAL A 1 63 ? 6.362   0.145   -6.727  1.00 10.00 ? 64 VAL A HG21 1 
ATOM 984  H HG22 . VAL A 1 63 ? 7.890   0.852   -6.158  1.00 10.00 ? 64 VAL A HG22 1 
ATOM 985  H HG23 . VAL A 1 63 ? 7.794   -0.877  -6.482  1.00 10.00 ? 64 VAL A HG23 1 
ATOM 986  N N    . LEU A 1 64 ? 4.313   0.059   -2.479  1.00 10.00 ? 65 LEU A N    1 
ATOM 987  C CA   . LEU A 1 64 ? 3.741   -0.392  -1.215  1.00 10.00 ? 65 LEU A CA   1 
ATOM 988  C C    . LEU A 1 64 ? 3.884   -1.910  -1.107  1.00 10.00 ? 65 LEU A C    1 
ATOM 989  O O    . LEU A 1 64 ? 4.321   -2.401  -0.066  1.00 10.00 ? 65 LEU A O    1 
ATOM 990  C CB   . LEU A 1 64 ? 2.251   0.011   -1.171  1.00 10.00 ? 65 LEU A CB   1 
ATOM 991  C CG   . LEU A 1 64 ? 1.418   -0.645  -0.049  1.00 10.00 ? 65 LEU A CG   1 
ATOM 992  C CD1  . LEU A 1 64 ? 1.835   -0.185  1.350   1.00 10.00 ? 65 LEU A CD1  1 
ATOM 993  C CD2  . LEU A 1 64 ? -0.066  -0.337  -0.265  1.00 10.00 ? 65 LEU A CD2  1 
ATOM 994  H H    . LEU A 1 64 ? 3.791   -0.181  -3.316  1.00 10.00 ? 65 LEU A H    1 
ATOM 995  H HA   . LEU A 1 64 ? 4.265   0.074   -0.379  1.00 10.00 ? 65 LEU A HA   1 
ATOM 996  H HB2  . LEU A 1 64 ? 2.187   1.096   -1.083  1.00 10.00 ? 65 LEU A HB2  1 
ATOM 997  H HB3  . LEU A 1 64 ? 1.791   -0.267  -2.117  1.00 10.00 ? 65 LEU A HB3  1 
ATOM 998  H HG   . LEU A 1 64 ? 1.527   -1.726  -0.095  1.00 10.00 ? 65 LEU A HG   1 
ATOM 999  H HD11 . LEU A 1 64 ? 2.886   -0.413  1.523   1.00 10.00 ? 65 LEU A HD11 1 
ATOM 1000 H HD12 . LEU A 1 64 ? 1.672   0.886   1.455   1.00 10.00 ? 65 LEU A HD12 1 
ATOM 1001 H HD13 . LEU A 1 64 ? 1.243   -0.710  2.100   1.00 10.00 ? 65 LEU A HD13 1 
ATOM 1002 H HD21 . LEU A 1 64 ? -0.236  0.739   -0.246  1.00 10.00 ? 65 LEU A HD21 1 
ATOM 1003 H HD22 . LEU A 1 64 ? -0.391  -0.733  -1.228  1.00 10.00 ? 65 LEU A HD22 1 
ATOM 1004 H HD23 . LEU A 1 64 ? -0.654  -0.812  0.518   1.00 10.00 ? 65 LEU A HD23 1 
ATOM 1005 N N    . LEU A 1 65 ? 3.507   -2.664  -2.146  1.00 10.00 ? 66 LEU A N    1 
ATOM 1006 C CA   . LEU A 1 65 ? 3.413   -4.124  -2.094  1.00 10.00 ? 66 LEU A CA   1 
ATOM 1007 C C    . LEU A 1 65 ? 3.439   -4.727  -3.495  1.00 10.00 ? 66 LEU A C    1 
ATOM 1008 O O    . LEU A 1 65 ? 3.297   -4.017  -4.493  1.00 10.00 ? 66 LEU A O    1 
ATOM 1009 C CB   . LEU A 1 65 ? 2.150   -4.556  -1.308  1.00 10.00 ? 66 LEU A CB   1 
ATOM 1010 C CG   . LEU A 1 65 ? 0.789   -4.134  -1.900  1.00 10.00 ? 66 LEU A CG   1 
ATOM 1011 C CD1  . LEU A 1 65 ? 0.333   -4.990  -3.089  1.00 10.00 ? 66 LEU A CD1  1 
ATOM 1012 C CD2  . LEU A 1 65 ? -0.296  -4.240  -0.828  1.00 10.00 ? 66 LEU A CD2  1 
ATOM 1013 H H    . LEU A 1 65 ? 3.216   -2.223  -3.014  1.00 10.00 ? 66 LEU A H    1 
ATOM 1014 H HA   . LEU A 1 65 ? 4.284   -4.505  -1.563  1.00 10.00 ? 66 LEU A HA   1 
ATOM 1015 H HB2  . LEU A 1 65 ? 2.155   -5.638  -1.187  1.00 10.00 ? 66 LEU A HB2  1 
ATOM 1016 H HB3  . LEU A 1 65 ? 2.234   -4.138  -0.303  1.00 10.00 ? 66 LEU A HB3  1 
ATOM 1017 H HG   . LEU A 1 65 ? 0.842   -3.091  -2.206  1.00 10.00 ? 66 LEU A HG   1 
ATOM 1018 H HD11 . LEU A 1 65 ? 0.902   -4.751  -3.983  1.00 10.00 ? 66 LEU A HD11 1 
ATOM 1019 H HD12 . LEU A 1 65 ? 0.457   -6.045  -2.850  1.00 10.00 ? 66 LEU A HD12 1 
ATOM 1020 H HD13 . LEU A 1 65 ? -0.715  -4.793  -3.316  1.00 10.00 ? 66 LEU A HD13 1 
ATOM 1021 H HD21 . LEU A 1 65 ? -0.375  -5.267  -0.466  1.00 10.00 ? 66 LEU A HD21 1 
ATOM 1022 H HD22 . LEU A 1 65 ? -0.064  -3.574  0.002   1.00 10.00 ? 66 LEU A HD22 1 
ATOM 1023 H HD23 . LEU A 1 65 ? -1.250  -3.935  -1.252  1.00 10.00 ? 66 LEU A HD23 1 
ATOM 1024 N N    . GLU A 1 66 ? 3.559   -6.052  -3.551  1.00 10.00 ? 67 GLU A N    1 
ATOM 1025 C CA   . GLU A 1 66 ? 3.625   -6.874  -4.752  1.00 10.00 ? 67 GLU A CA   1 
ATOM 1026 C C    . GLU A 1 66 ? 2.639   -8.037  -4.561  1.00 10.00 ? 67 GLU A C    1 
ATOM 1027 O O    . GLU A 1 66 ? 2.303   -8.378  -3.421  1.00 10.00 ? 67 GLU A O    1 
ATOM 1028 C CB   . GLU A 1 66 ? 5.081   -7.342  -4.907  1.00 10.00 ? 67 GLU A CB   1 
ATOM 1029 C CG   . GLU A 1 66 ? 5.367   -8.086  -6.217  1.00 10.00 ? 67 GLU A CG   1 
ATOM 1030 C CD   . GLU A 1 66 ? 6.851   -8.478  -6.302  1.00 10.00 ? 67 GLU A CD   1 
ATOM 1031 O OE1  . GLU A 1 66 ? 7.213   -9.571  -5.811  1.00 10.00 ? 67 GLU A OE1  1 
ATOM 1032 O OE2  . GLU A 1 66 ? 7.658   -7.705  -6.867  1.00 10.00 ? 67 GLU A OE2  1 
ATOM 1033 H H    . GLU A 1 66 ? 3.578   -6.572  -2.675  1.00 10.00 ? 67 GLU A H    1 
ATOM 1034 H HA   . GLU A 1 66 ? 3.334   -6.284  -5.621  1.00 10.00 ? 67 GLU A HA   1 
ATOM 1035 H HB2  . GLU A 1 66 ? 5.730   -6.466  -4.869  1.00 10.00 ? 67 GLU A HB2  1 
ATOM 1036 H HB3  . GLU A 1 66 ? 5.339   -7.989  -4.067  1.00 10.00 ? 67 GLU A HB3  1 
ATOM 1037 H HG2  . GLU A 1 66 ? 4.756   -8.989  -6.266  1.00 10.00 ? 67 GLU A HG2  1 
ATOM 1038 H HG3  . GLU A 1 66 ? 5.098   -7.445  -7.059  1.00 10.00 ? 67 GLU A HG3  1 
ATOM 1039 N N    . LEU A 1 67 ? 2.154   -8.661  -5.642  1.00 10.00 ? 68 LEU A N    1 
ATOM 1040 C CA   . LEU A 1 67 ? 1.020   -9.586  -5.588  1.00 10.00 ? 68 LEU A CA   1 
ATOM 1041 C C    . LEU A 1 67 ? 1.367   -10.906 -6.277  1.00 10.00 ? 68 LEU A C    1 
ATOM 1042 O O    . LEU A 1 67 ? 2.267   -10.973 -7.109  1.00 10.00 ? 68 LEU A O    1 
ATOM 1043 C CB   . LEU A 1 67 ? -0.218  -8.959  -6.266  1.00 10.00 ? 68 LEU A CB   1 
ATOM 1044 C CG   . LEU A 1 67 ? -0.753  -7.656  -5.640  1.00 10.00 ? 68 LEU A CG   1 
ATOM 1045 C CD1  . LEU A 1 67 ? -1.880  -7.102  -6.508  1.00 10.00 ? 68 LEU A CD1  1 
ATOM 1046 C CD2  . LEU A 1 67 ? -1.285  -7.851  -4.222  1.00 10.00 ? 68 LEU A CD2  1 
ATOM 1047 H H    . LEU A 1 67 ? 2.544   -8.483  -6.563  1.00 10.00 ? 68 LEU A H    1 
ATOM 1048 H HA   . LEU A 1 67 ? 0.773   -9.799  -4.552  1.00 10.00 ? 68 LEU A HA   1 
ATOM 1049 H HB2  . LEU A 1 67 ? 0.036   -8.762  -7.306  1.00 10.00 ? 68 LEU A HB2  1 
ATOM 1050 H HB3  . LEU A 1 67 ? -1.028  -9.690  -6.260  1.00 10.00 ? 68 LEU A HB3  1 
ATOM 1051 H HG   . LEU A 1 67 ? 0.044   -6.914  -5.616  1.00 10.00 ? 68 LEU A HG   1 
ATOM 1052 H HD11 . LEU A 1 67 ? -1.525  -7.002  -7.531  1.00 10.00 ? 68 LEU A HD11 1 
ATOM 1053 H HD12 . LEU A 1 67 ? -2.739  -7.773  -6.496  1.00 10.00 ? 68 LEU A HD12 1 
ATOM 1054 H HD13 . LEU A 1 67 ? -2.185  -6.122  -6.137  1.00 10.00 ? 68 LEU A HD13 1 
ATOM 1055 H HD21 . LEU A 1 67 ? -2.028  -8.647  -4.193  1.00 10.00 ? 68 LEU A HD21 1 
ATOM 1056 H HD22 . LEU A 1 67 ? -0.456  -8.087  -3.566  1.00 10.00 ? 68 LEU A HD22 1 
ATOM 1057 H HD23 . LEU A 1 67 ? -1.739  -6.929  -3.868  1.00 10.00 ? 68 LEU A HD23 1 
ATOM 1058 N N    . SER A 1 68 ? 0.598   -11.955 -6.002  1.00 10.00 ? 69 SER A N    1 
ATOM 1059 C CA   . SER A 1 68 ? 0.620   -13.204 -6.766  1.00 10.00 ? 69 SER A CA   1 
ATOM 1060 C C    . SER A 1 68 ? -0.372  -13.107 -7.946  1.00 10.00 ? 69 SER A C    1 
ATOM 1061 O O    . SER A 1 68 ? -0.957  -14.109 -8.368  1.00 10.00 ? 69 SER A O    1 
ATOM 1062 C CB   . SER A 1 68 ? 0.349   -14.400 -5.840  1.00 10.00 ? 69 SER A CB   1 
ATOM 1063 O OG   . SER A 1 68 ? 1.003   -14.245 -4.586  1.00 10.00 ? 69 SER A OG   1 
ATOM 1064 H H    . SER A 1 68 ? -0.078  -11.884 -5.248  1.00 10.00 ? 69 SER A H    1 
ATOM 1065 H HA   . SER A 1 68 ? 1.617   -13.338 -7.187  1.00 10.00 ? 69 SER A HA   1 
ATOM 1066 H HB2  . SER A 1 68 ? -0.722  -14.502 -5.682  1.00 10.00 ? 69 SER A HB2  1 
ATOM 1067 H HB3  . SER A 1 68 ? 0.708   -15.309 -6.326  1.00 10.00 ? 69 SER A HB3  1 
ATOM 1068 H HG   . SER A 1 68 ? 0.901   -15.072 -4.089  1.00 10.00 ? 69 SER A HG   1 
ATOM 1069 N N    . ASN A 1 69 ? -0.619  -11.882 -8.424  1.00 10.00 ? 70 ASN A N    1 
ATOM 1070 C CA   . ASN A 1 69 ? -1.488  -11.546 -9.553  1.00 10.00 ? 70 ASN A CA   1 
ATOM 1071 C C    . ASN A 1 69 ? -1.010  -10.257 -10.249 1.00 10.00 ? 70 ASN A C    1 
ATOM 1072 O O    . ASN A 1 69 ? -1.743  -9.682  -11.049 1.00 10.00 ? 70 ASN A O    1 
ATOM 1073 C CB   . ASN A 1 69 ? -2.947  -11.422 -9.058  1.00 10.00 ? 70 ASN A CB   1 
ATOM 1074 C CG   . ASN A 1 69 ? -3.958  -11.171 -10.181 1.00 10.00 ? 70 ASN A CG   1 
ATOM 1075 O OD1  . ASN A 1 69 ? -4.700  -10.193 -10.161 1.00 10.00 ? 70 ASN A OD1  1 
ATOM 1076 N ND2  . ASN A 1 69 ? -4.034  -12.047 -11.173 1.00 10.00 ? 70 ASN A ND2  1 
ATOM 1077 H H    . ASN A 1 69 ? -0.112  -11.116 -8.007  1.00 10.00 ? 70 ASN A H    1 
ATOM 1078 H HA   . ASN A 1 69 ? -1.427  -12.358 -10.279 1.00 10.00 ? 70 ASN A HA   1 
ATOM 1079 H HB2  . ASN A 1 69 ? -3.231  -12.346 -8.549  1.00 10.00 ? 70 ASN A HB2  1 
ATOM 1080 H HB3  . ASN A 1 69 ? -3.010  -10.605 -8.336  1.00 10.00 ? 70 ASN A HB3  1 
ATOM 1081 H HD21 . ASN A 1 69 ? -3.451  -12.870 -11.190 1.00 10.00 ? 70 ASN A HD21 1 
ATOM 1082 H HD22 . ASN A 1 69 ? -4.677  -11.884 -11.935 1.00 10.00 ? 70 ASN A HD22 1 
ATOM 1083 N N    . SER A 1 70 ? 0.203   -9.757  -9.964  1.00 10.00 ? 71 SER A N    1 
ATOM 1084 C CA   . SER A 1 70 ? 0.718   -8.506  -10.531 1.00 10.00 ? 71 SER A CA   1 
ATOM 1085 C C    . SER A 1 70 ? 1.209   -8.647  -11.989 1.00 10.00 ? 71 SER A C    1 
ATOM 1086 O O    . SER A 1 70 ? 2.235   -8.081  -12.372 1.00 10.00 ? 71 SER A O    1 
ATOM 1087 C CB   . SER A 1 70 ? 1.720   -7.855  -9.562  1.00 10.00 ? 71 SER A CB   1 
ATOM 1088 O OG   . SER A 1 70 ? 2.511   -8.782  -8.853  1.00 10.00 ? 71 SER A OG   1 
ATOM 1089 H H    . SER A 1 70 ? 0.837   -10.246 -9.344  1.00 10.00 ? 71 SER A H    1 
ATOM 1090 H HA   . SER A 1 70 ? -0.126  -7.815  -10.585 1.00 10.00 ? 71 SER A HA   1 
ATOM 1091 H HB2  . SER A 1 70 ? 2.363   -7.151  -10.088 1.00 10.00 ? 71 SER A HB2  1 
ATOM 1092 H HB3  . SER A 1 70 ? 1.147   -7.302  -8.821  1.00 10.00 ? 71 SER A HB3  1 
ATOM 1093 H HG   . SER A 1 70 ? 3.240   -9.074  -9.424  1.00 10.00 ? 71 SER A HG   1 
ATOM 1094 N N    . THR A 1 71 ? 0.456   -9.365  -12.823 1.00 10.00 ? 72 THR A N    1 
ATOM 1095 C CA   . THR A 1 71 ? 0.432   -9.116  -14.253 1.00 10.00 ? 72 THR A CA   1 
ATOM 1096 C C    . THR A 1 71 ? 1.600   -9.761  -15.031 1.00 10.00 ? 72 THR A C    1 
ATOM 1097 O O    . THR A 1 71 ? 2.120   -9.102  -15.934 1.00 10.00 ? 72 THR A O    1 
ATOM 1098 C CB   . THR A 1 71 ? -1.007  -9.363  -14.741 1.00 10.00 ? 72 THR A CB   1 
ATOM 1099 O OG1  . THR A 1 71 ? -1.470  -10.650 -14.379 1.00 10.00 ? 72 THR A OG1  1 
ATOM 1100 C CG2  . THR A 1 71 ? -1.218  -9.080  -16.229 1.00 10.00 ? 72 THR A CG2  1 
ATOM 1101 H H    . THR A 1 71 ? -0.370  -9.829  -12.461 1.00 10.00 ? 72 THR A H    1 
ATOM 1102 H HA   . THR A 1 71 ? 0.582   -8.041  -14.369 1.00 10.00 ? 72 THR A HA   1 
ATOM 1103 H HB   . THR A 1 71 ? -1.636  -8.654  -14.201 1.00 10.00 ? 72 THR A HB   1 
ATOM 1104 H HG1  . THR A 1 71 ? -2.436  -10.657 -14.460 1.00 10.00 ? 72 THR A HG1  1 
ATOM 1105 H HG21 . THR A 1 71 ? -0.947  -8.044  -16.439 1.00 10.00 ? 72 THR A HG21 1 
ATOM 1106 H HG22 . THR A 1 71 ? -0.601  -9.738  -16.838 1.00 10.00 ? 72 THR A HG22 1 
ATOM 1107 H HG23 . THR A 1 71 ? -2.267  -9.223  -16.487 1.00 10.00 ? 72 THR A HG23 1 
ATOM 1108 N N    . GLN A 1 72 ? 2.225   -10.882 -14.631 1.00 10.00 ? 73 GLN A N    1 
ATOM 1109 C CA   . GLN A 1 72 ? 1.668   -12.237 -14.515 1.00 10.00 ? 73 GLN A CA   1 
ATOM 1110 C C    . GLN A 1 72 ? 0.651   -12.561 -15.625 1.00 10.00 ? 73 GLN A C    1 
ATOM 1111 O O    . GLN A 1 72 ? 0.812   -12.041 -16.750 1.00 10.00 ? 73 GLN A O    1 
ATOM 1112 C CB   . GLN A 1 72 ? 1.205   -12.597 -13.086 1.00 10.00 ? 73 GLN A CB   1 
ATOM 1113 C CG   . GLN A 1 72 ? 2.223   -12.231 -11.987 1.00 10.00 ? 73 GLN A CG   1 
ATOM 1114 C CD   . GLN A 1 72 ? 2.437   -13.353 -10.968 1.00 10.00 ? 73 GLN A CD   1 
ATOM 1115 O OE1  . GLN A 1 72 ? 1.541   -13.712 -10.213 1.00 10.00 ? 73 GLN A OE1  1 
ATOM 1116 N NE2  . GLN A 1 72 ? 3.628   -13.931 -10.922 1.00 10.00 ? 73 GLN A NE2  1 
ATOM 1117 O OXT  . GLN A 1 72 ? -0.223  -13.432 -15.432 1.00 10.00 ? 73 GLN A OXT  1 
ATOM 1118 H H    . GLN A 1 72 ? 3.186   -10.920 -14.929 1.00 10.00 ? 73 GLN A H    1 
ATOM 1119 H HA   . GLN A 1 72 ? 2.511   -12.901 -14.711 1.00 10.00 ? 73 GLN A HA   1 
ATOM 1120 H HB2  . GLN A 1 72 ? 0.248   -12.125 -12.871 1.00 10.00 ? 73 GLN A HB2  1 
ATOM 1121 H HB3  . GLN A 1 72 ? 1.046   -13.677 -13.061 1.00 10.00 ? 73 GLN A HB3  1 
ATOM 1122 H HG2  . GLN A 1 72 ? 3.185   -11.982 -12.435 1.00 10.00 ? 73 GLN A HG2  1 
ATOM 1123 H HG3  . GLN A 1 72 ? 1.873   -11.349 -11.457 1.00 10.00 ? 73 GLN A HG3  1 
ATOM 1124 H HE21 . GLN A 1 72 ? 4.359   -13.631 -11.551 1.00 10.00 ? 73 GLN A HE21 1 
ATOM 1125 H HE22 . GLN A 1 72 ? 3.807   -14.675 -10.265 1.00 10.00 ? 73 GLN A HE22 1 
# 
